data_7OHF
# 
_entry.id   7OHF 
# 
_audit_conform.dict_name       mmcif_pdbx.dic 
_audit_conform.dict_version    5.395 
_audit_conform.dict_location   http://mmcif.pdb.org/dictionaries/ascii/mmcif_pdbx.dic 
# 
loop_
_database_2.database_id 
_database_2.database_code 
_database_2.pdbx_database_accession 
_database_2.pdbx_DOI 
PDB   7OHF         pdb_00007ohf 10.2210/pdb7ohf/pdb 
WWPDB D_1292115744 ?            ?                   
EMDB  EMD-12901    ?            ?                   
# 
loop_
_pdbx_audit_revision_history.ordinal 
_pdbx_audit_revision_history.data_content_type 
_pdbx_audit_revision_history.major_revision 
_pdbx_audit_revision_history.minor_revision 
_pdbx_audit_revision_history.revision_date 
1 'Structure model' 1 0 2021-08-11 
2 'Structure model' 1 1 2022-02-16 
3 'Structure model' 1 2 2024-07-10 
# 
_pdbx_audit_revision_details.ordinal             1 
_pdbx_audit_revision_details.revision_ordinal    1 
_pdbx_audit_revision_details.data_content_type   'Structure model' 
_pdbx_audit_revision_details.provider            repository 
_pdbx_audit_revision_details.type                'Initial release' 
_pdbx_audit_revision_details.description         ? 
_pdbx_audit_revision_details.details             ? 
# 
loop_
_pdbx_audit_revision_group.ordinal 
_pdbx_audit_revision_group.revision_ordinal 
_pdbx_audit_revision_group.data_content_type 
_pdbx_audit_revision_group.group 
1 2 'Structure model' 'Database references'    
2 2 'Structure model' 'Derived calculations'   
3 3 'Structure model' 'Data collection'        
4 3 'Structure model' 'Database references'    
5 3 'Structure model' 'Refinement description' 
# 
loop_
_pdbx_audit_revision_category.ordinal 
_pdbx_audit_revision_category.revision_ordinal 
_pdbx_audit_revision_category.data_content_type 
_pdbx_audit_revision_category.category 
1 2 'Structure model' citation                      
2 2 'Structure model' citation_author               
3 2 'Structure model' pdbx_struct_oper_list         
4 3 'Structure model' chem_comp_atom                
5 3 'Structure model' chem_comp_bond                
6 3 'Structure model' citation                      
7 3 'Structure model' em_3d_fitting_list            
8 3 'Structure model' em_admin                      
9 3 'Structure model' pdbx_initial_refinement_model 
# 
loop_
_pdbx_audit_revision_item.ordinal 
_pdbx_audit_revision_item.revision_ordinal 
_pdbx_audit_revision_item.data_content_type 
_pdbx_audit_revision_item.item 
1 2 'Structure model' '_pdbx_struct_oper_list.name'                     
2 2 'Structure model' '_pdbx_struct_oper_list.symmetry_operation'       
3 3 'Structure model' '_citation.journal_id_ISSN'                       
4 3 'Structure model' '_em_3d_fitting_list.accession_code'              
5 3 'Structure model' '_em_3d_fitting_list.initial_refinement_model_id' 
6 3 'Structure model' '_em_3d_fitting_list.source_name'                 
7 3 'Structure model' '_em_3d_fitting_list.type'                        
8 3 'Structure model' '_em_admin.last_update'                           
# 
_pdbx_database_status.status_code                     REL 
_pdbx_database_status.status_code_sf                  ? 
_pdbx_database_status.status_code_mr                  ? 
_pdbx_database_status.entry_id                        7OHF 
_pdbx_database_status.recvd_initial_deposition_date   2021-05-10 
_pdbx_database_status.SG_entry                        N 
_pdbx_database_status.deposit_site                    PDBE 
_pdbx_database_status.process_site                    PDBE 
_pdbx_database_status.status_code_cs                  ? 
_pdbx_database_status.status_code_nmr_data            ? 
_pdbx_database_status.methods_development_category    ? 
_pdbx_database_status.pdb_format_compatible           Y 
# 
_pdbx_database_related.db_name        EMDB 
_pdbx_database_related.details        
'Cryo-EM structure of Pyrococcus furiosus apoferritin from picoliter sample volumes in nanofluidic channels' 
_pdbx_database_related.db_id          EMD-12901 
_pdbx_database_related.content_type   'associated EM volume' 
# 
loop_
_audit_author.name 
_audit_author.pdbx_ordinal 
_audit_author.identifier_ORCID 
'Huber, S.T.'  1 0000-0003-3721-5104 
'Sarajlic, E.' 2 0000-0002-6184-3234 
'Huijink, R.'  3 0000-0001-7355-941X 
'Evers, W.H.'  4 0000-0002-3413-5128 
'Jakobi, A.J.' 5 0000-0002-7761-2027 
# 
loop_
_citation.abstract 
_citation.abstract_id_CAS 
_citation.book_id_ISBN 
_citation.book_publisher 
_citation.book_publisher_city 
_citation.book_title 
_citation.coordinate_linkage 
_citation.country 
_citation.database_id_Medline 
_citation.details 
_citation.id 
_citation.journal_abbrev 
_citation.journal_id_ASTM 
_citation.journal_id_CSD 
_citation.journal_id_ISSN 
_citation.journal_full 
_citation.journal_issue 
_citation.journal_volume 
_citation.language 
_citation.page_first 
_citation.page_last 
_citation.title 
_citation.year 
_citation.database_id_CSD 
_citation.pdbx_database_id_DOI 
_citation.pdbx_database_id_PubMed 
_citation.pdbx_database_id_patent 
_citation.unpublished_flag 
? ? ? ? ? ? ? US ? ? primary Elife   ? ? 2050-084X ? ? 11 ? ? ? 
'Nanofluidic chips for cryo-EM structure determination from picoliter sample volumes.' 2022 ? 10.7554/eLife.72629       35060902 ? 
? 
? ? ? ? ? ? ? US ? ? 1       Biorxiv ? ? 2692-8205 ? ? ?  ? ? ? 
'Nanofluidic chips for cryo-EM structure determination from picoliter sample volumes'  2021 ? 10.1101/2021.05.25.444805 ?        ? 
? 
# 
loop_
_citation_author.citation_id 
_citation_author.name 
_citation_author.ordinal 
_citation_author.identifier_ORCID 
primary 'Huber, S.T.'  1  0000-0003-3721-5104 
primary 'Sarajlic, E.' 2  ?                   
primary 'Huijink, R.'  3  ?                   
primary 'Weis, F.'     4  ?                   
primary 'Evers, W.H.'  5  0000-0002-3413-5128 
primary 'Jakobi, A.J.' 6  0000-0002-7761-2027 
1       'Huber, S.T.'  7  ?                   
1       'Sarajlic, E.' 8  ?                   
1       'Huijink, R.'  9  ?                   
1       'Weis, F.'     10 ?                   
1       'Evers, W.H.'  11 ?                   
1       'Jakobi, A.J.' 12 ?                   
# 
_entity.id                         1 
_entity.type                       polymer 
_entity.src_method                 man 
_entity.pdbx_description           Ferritin 
_entity.formula_weight             20535.395 
_entity.pdbx_number_of_molecules   1 
_entity.pdbx_ec                    ? 
_entity.pdbx_mutation              ? 
_entity.pdbx_fragment              ? 
_entity.details                    ? 
# 
_entity_poly.entity_id                      1 
_entity_poly.type                           'polypeptide(L)' 
_entity_poly.nstd_linkage                   no 
_entity_poly.nstd_monomer                   no 
_entity_poly.pdbx_seq_one_letter_code       
;MAMLSERMLKALNDQLNRELYSAYLYFAMAAYFEDLGLEGFANWMKAQAEEEIGHALRFYNYIYDRNGRVELDEIPKPPK
EWESPLKAFEAAYEHEKFISKSIYELAALAEEEKDYSTRAFLEWFINEQVEEEASVKKILDKLKFAKDSPQILFMLDKEL
SARAPKLPGLLMQGGE
;
_entity_poly.pdbx_seq_one_letter_code_can   
;MAMLSERMLKALNDQLNRELYSAYLYFAMAAYFEDLGLEGFANWMKAQAEEEIGHALRFYNYIYDRNGRVELDEIPKPPK
EWESPLKAFEAAYEHEKFISKSIYELAALAEEEKDYSTRAFLEWFINEQVEEEASVKKILDKLKFAKDSPQILFMLDKEL
SARAPKLPGLLMQGGE
;
_entity_poly.pdbx_strand_id                 A 
_entity_poly.pdbx_target_identifier         ? 
# 
loop_
_entity_poly_seq.entity_id 
_entity_poly_seq.num 
_entity_poly_seq.mon_id 
_entity_poly_seq.hetero 
1 1   MET n 
1 2   ALA n 
1 3   MET n 
1 4   LEU n 
1 5   SER n 
1 6   GLU n 
1 7   ARG n 
1 8   MET n 
1 9   LEU n 
1 10  LYS n 
1 11  ALA n 
1 12  LEU n 
1 13  ASN n 
1 14  ASP n 
1 15  GLN n 
1 16  LEU n 
1 17  ASN n 
1 18  ARG n 
1 19  GLU n 
1 20  LEU n 
1 21  TYR n 
1 22  SER n 
1 23  ALA n 
1 24  TYR n 
1 25  LEU n 
1 26  TYR n 
1 27  PHE n 
1 28  ALA n 
1 29  MET n 
1 30  ALA n 
1 31  ALA n 
1 32  TYR n 
1 33  PHE n 
1 34  GLU n 
1 35  ASP n 
1 36  LEU n 
1 37  GLY n 
1 38  LEU n 
1 39  GLU n 
1 40  GLY n 
1 41  PHE n 
1 42  ALA n 
1 43  ASN n 
1 44  TRP n 
1 45  MET n 
1 46  LYS n 
1 47  ALA n 
1 48  GLN n 
1 49  ALA n 
1 50  GLU n 
1 51  GLU n 
1 52  GLU n 
1 53  ILE n 
1 54  GLY n 
1 55  HIS n 
1 56  ALA n 
1 57  LEU n 
1 58  ARG n 
1 59  PHE n 
1 60  TYR n 
1 61  ASN n 
1 62  TYR n 
1 63  ILE n 
1 64  TYR n 
1 65  ASP n 
1 66  ARG n 
1 67  ASN n 
1 68  GLY n 
1 69  ARG n 
1 70  VAL n 
1 71  GLU n 
1 72  LEU n 
1 73  ASP n 
1 74  GLU n 
1 75  ILE n 
1 76  PRO n 
1 77  LYS n 
1 78  PRO n 
1 79  PRO n 
1 80  LYS n 
1 81  GLU n 
1 82  TRP n 
1 83  GLU n 
1 84  SER n 
1 85  PRO n 
1 86  LEU n 
1 87  LYS n 
1 88  ALA n 
1 89  PHE n 
1 90  GLU n 
1 91  ALA n 
1 92  ALA n 
1 93  TYR n 
1 94  GLU n 
1 95  HIS n 
1 96  GLU n 
1 97  LYS n 
1 98  PHE n 
1 99  ILE n 
1 100 SER n 
1 101 LYS n 
1 102 SER n 
1 103 ILE n 
1 104 TYR n 
1 105 GLU n 
1 106 LEU n 
1 107 ALA n 
1 108 ALA n 
1 109 LEU n 
1 110 ALA n 
1 111 GLU n 
1 112 GLU n 
1 113 GLU n 
1 114 LYS n 
1 115 ASP n 
1 116 TYR n 
1 117 SER n 
1 118 THR n 
1 119 ARG n 
1 120 ALA n 
1 121 PHE n 
1 122 LEU n 
1 123 GLU n 
1 124 TRP n 
1 125 PHE n 
1 126 ILE n 
1 127 ASN n 
1 128 GLU n 
1 129 GLN n 
1 130 VAL n 
1 131 GLU n 
1 132 GLU n 
1 133 GLU n 
1 134 ALA n 
1 135 SER n 
1 136 VAL n 
1 137 LYS n 
1 138 LYS n 
1 139 ILE n 
1 140 LEU n 
1 141 ASP n 
1 142 LYS n 
1 143 LEU n 
1 144 LYS n 
1 145 PHE n 
1 146 ALA n 
1 147 LYS n 
1 148 ASP n 
1 149 SER n 
1 150 PRO n 
1 151 GLN n 
1 152 ILE n 
1 153 LEU n 
1 154 PHE n 
1 155 MET n 
1 156 LEU n 
1 157 ASP n 
1 158 LYS n 
1 159 GLU n 
1 160 LEU n 
1 161 SER n 
1 162 ALA n 
1 163 ARG n 
1 164 ALA n 
1 165 PRO n 
1 166 LYS n 
1 167 LEU n 
1 168 PRO n 
1 169 GLY n 
1 170 LEU n 
1 171 LEU n 
1 172 MET n 
1 173 GLN n 
1 174 GLY n 
1 175 GLY n 
1 176 GLU n 
# 
_entity_src_gen.entity_id                          1 
_entity_src_gen.pdbx_src_id                        1 
_entity_src_gen.pdbx_alt_source_flag               sample 
_entity_src_gen.pdbx_seq_type                      'Biological sequence' 
_entity_src_gen.pdbx_beg_seq_num                   1 
_entity_src_gen.pdbx_end_seq_num                   176 
_entity_src_gen.gene_src_common_name               ? 
_entity_src_gen.gene_src_genus                     ? 
_entity_src_gen.pdbx_gene_src_gene                 PFC_02870 
_entity_src_gen.gene_src_species                   ? 
_entity_src_gen.gene_src_strain                    ? 
_entity_src_gen.gene_src_tissue                    ? 
_entity_src_gen.gene_src_tissue_fraction           ? 
_entity_src_gen.gene_src_details                   ? 
_entity_src_gen.pdbx_gene_src_fragment             ? 
_entity_src_gen.pdbx_gene_src_scientific_name      'Pyrococcus furiosus COM1' 
_entity_src_gen.pdbx_gene_src_ncbi_taxonomy_id     1185654 
_entity_src_gen.pdbx_gene_src_variant              ? 
_entity_src_gen.pdbx_gene_src_cell_line            ? 
_entity_src_gen.pdbx_gene_src_atcc                 ? 
_entity_src_gen.pdbx_gene_src_organ                ? 
_entity_src_gen.pdbx_gene_src_organelle            ? 
_entity_src_gen.pdbx_gene_src_cell                 ? 
_entity_src_gen.pdbx_gene_src_cellular_location    ? 
_entity_src_gen.host_org_common_name               ? 
_entity_src_gen.pdbx_host_org_scientific_name      'Escherichia coli BL21(DE3)' 
_entity_src_gen.pdbx_host_org_ncbi_taxonomy_id     469008 
_entity_src_gen.host_org_genus                     ? 
_entity_src_gen.pdbx_host_org_gene                 ? 
_entity_src_gen.pdbx_host_org_organ                ? 
_entity_src_gen.host_org_species                   ? 
_entity_src_gen.pdbx_host_org_tissue               ? 
_entity_src_gen.pdbx_host_org_tissue_fraction      ? 
_entity_src_gen.pdbx_host_org_strain               ? 
_entity_src_gen.pdbx_host_org_variant              ? 
_entity_src_gen.pdbx_host_org_cell_line            ? 
_entity_src_gen.pdbx_host_org_atcc                 ? 
_entity_src_gen.pdbx_host_org_culture_collection   ? 
_entity_src_gen.pdbx_host_org_cell                 ? 
_entity_src_gen.pdbx_host_org_organelle            ? 
_entity_src_gen.pdbx_host_org_cellular_location    ? 
_entity_src_gen.pdbx_host_org_vector_type          ? 
_entity_src_gen.pdbx_host_org_vector               ? 
_entity_src_gen.host_org_details                   ? 
_entity_src_gen.expression_system_id               ? 
_entity_src_gen.plasmid_name                       ? 
_entity_src_gen.plasmid_details                    ? 
_entity_src_gen.pdbx_description                   ? 
# 
loop_
_chem_comp.id 
_chem_comp.type 
_chem_comp.mon_nstd_flag 
_chem_comp.name 
_chem_comp.pdbx_synonyms 
_chem_comp.formula 
_chem_comp.formula_weight 
ALA 'L-peptide linking' y ALANINE         ? 'C3 H7 N O2'     89.093  
ARG 'L-peptide linking' y ARGININE        ? 'C6 H15 N4 O2 1' 175.209 
ASN 'L-peptide linking' y ASPARAGINE      ? 'C4 H8 N2 O3'    132.118 
ASP 'L-peptide linking' y 'ASPARTIC ACID' ? 'C4 H7 N O4'     133.103 
GLN 'L-peptide linking' y GLUTAMINE       ? 'C5 H10 N2 O3'   146.144 
GLU 'L-peptide linking' y 'GLUTAMIC ACID' ? 'C5 H9 N O4'     147.129 
GLY 'peptide linking'   y GLYCINE         ? 'C2 H5 N O2'     75.067  
HIS 'L-peptide linking' y HISTIDINE       ? 'C6 H10 N3 O2 1' 156.162 
ILE 'L-peptide linking' y ISOLEUCINE      ? 'C6 H13 N O2'    131.173 
LEU 'L-peptide linking' y LEUCINE         ? 'C6 H13 N O2'    131.173 
LYS 'L-peptide linking' y LYSINE          ? 'C6 H15 N2 O2 1' 147.195 
MET 'L-peptide linking' y METHIONINE      ? 'C5 H11 N O2 S'  149.211 
PHE 'L-peptide linking' y PHENYLALANINE   ? 'C9 H11 N O2'    165.189 
PRO 'L-peptide linking' y PROLINE         ? 'C5 H9 N O2'     115.130 
SER 'L-peptide linking' y SERINE          ? 'C3 H7 N O3'     105.093 
THR 'L-peptide linking' y THREONINE       ? 'C4 H9 N O3'     119.119 
TRP 'L-peptide linking' y TRYPTOPHAN      ? 'C11 H12 N2 O2'  204.225 
TYR 'L-peptide linking' y TYROSINE        ? 'C9 H11 N O3'    181.189 
VAL 'L-peptide linking' y VALINE          ? 'C5 H11 N O2'    117.146 
# 
loop_
_pdbx_poly_seq_scheme.asym_id 
_pdbx_poly_seq_scheme.entity_id 
_pdbx_poly_seq_scheme.seq_id 
_pdbx_poly_seq_scheme.mon_id 
_pdbx_poly_seq_scheme.ndb_seq_num 
_pdbx_poly_seq_scheme.pdb_seq_num 
_pdbx_poly_seq_scheme.auth_seq_num 
_pdbx_poly_seq_scheme.pdb_mon_id 
_pdbx_poly_seq_scheme.auth_mon_id 
_pdbx_poly_seq_scheme.pdb_strand_id 
_pdbx_poly_seq_scheme.pdb_ins_code 
_pdbx_poly_seq_scheme.hetero 
A 1 1   MET 1   -1  ?   ?   ?   A . n 
A 1 2   ALA 2   0   ?   ?   ?   A . n 
A 1 3   MET 3   1   1   MET MET A . n 
A 1 4   LEU 4   2   2   LEU LEU A . n 
A 1 5   SER 5   3   3   SER SER A . n 
A 1 6   GLU 6   4   4   GLU GLU A . n 
A 1 7   ARG 7   5   5   ARG ARG A . n 
A 1 8   MET 8   6   6   MET MET A . n 
A 1 9   LEU 9   7   7   LEU LEU A . n 
A 1 10  LYS 10  8   8   LYS LYS A . n 
A 1 11  ALA 11  9   9   ALA ALA A . n 
A 1 12  LEU 12  10  10  LEU LEU A . n 
A 1 13  ASN 13  11  11  ASN ASN A . n 
A 1 14  ASP 14  12  12  ASP ASP A . n 
A 1 15  GLN 15  13  13  GLN GLN A . n 
A 1 16  LEU 16  14  14  LEU LEU A . n 
A 1 17  ASN 17  15  15  ASN ASN A . n 
A 1 18  ARG 18  16  16  ARG ARG A . n 
A 1 19  GLU 19  17  17  GLU GLU A . n 
A 1 20  LEU 20  18  18  LEU LEU A . n 
A 1 21  TYR 21  19  19  TYR TYR A . n 
A 1 22  SER 22  20  20  SER SER A . n 
A 1 23  ALA 23  21  21  ALA ALA A . n 
A 1 24  TYR 24  22  22  TYR TYR A . n 
A 1 25  LEU 25  23  23  LEU LEU A . n 
A 1 26  TYR 26  24  24  TYR TYR A . n 
A 1 27  PHE 27  25  25  PHE PHE A . n 
A 1 28  ALA 28  26  26  ALA ALA A . n 
A 1 29  MET 29  27  27  MET MET A . n 
A 1 30  ALA 30  28  28  ALA ALA A . n 
A 1 31  ALA 31  29  29  ALA ALA A . n 
A 1 32  TYR 32  30  30  TYR TYR A . n 
A 1 33  PHE 33  31  31  PHE PHE A . n 
A 1 34  GLU 34  32  32  GLU GLU A . n 
A 1 35  ASP 35  33  33  ASP ASP A . n 
A 1 36  LEU 36  34  34  LEU LEU A . n 
A 1 37  GLY 37  35  35  GLY GLY A . n 
A 1 38  LEU 38  36  36  LEU LEU A . n 
A 1 39  GLU 39  37  37  GLU GLU A . n 
A 1 40  GLY 40  38  38  GLY GLY A . n 
A 1 41  PHE 41  39  39  PHE PHE A . n 
A 1 42  ALA 42  40  40  ALA ALA A . n 
A 1 43  ASN 43  41  41  ASN ASN A . n 
A 1 44  TRP 44  42  42  TRP TRP A . n 
A 1 45  MET 45  43  43  MET MET A . n 
A 1 46  LYS 46  44  44  LYS LYS A . n 
A 1 47  ALA 47  45  45  ALA ALA A . n 
A 1 48  GLN 48  46  46  GLN GLN A . n 
A 1 49  ALA 49  47  47  ALA ALA A . n 
A 1 50  GLU 50  48  48  GLU GLU A . n 
A 1 51  GLU 51  49  49  GLU GLU A . n 
A 1 52  GLU 52  50  50  GLU GLU A . n 
A 1 53  ILE 53  51  51  ILE ILE A . n 
A 1 54  GLY 54  52  52  GLY GLY A . n 
A 1 55  HIS 55  53  53  HIS HIS A . n 
A 1 56  ALA 56  54  54  ALA ALA A . n 
A 1 57  LEU 57  55  55  LEU LEU A . n 
A 1 58  ARG 58  56  56  ARG ARG A . n 
A 1 59  PHE 59  57  57  PHE PHE A . n 
A 1 60  TYR 60  58  58  TYR TYR A . n 
A 1 61  ASN 61  59  59  ASN ASN A . n 
A 1 62  TYR 62  60  60  TYR TYR A . n 
A 1 63  ILE 63  61  61  ILE ILE A . n 
A 1 64  TYR 64  62  62  TYR TYR A . n 
A 1 65  ASP 65  63  63  ASP ASP A . n 
A 1 66  ARG 66  64  64  ARG ARG A . n 
A 1 67  ASN 67  65  65  ASN ASN A . n 
A 1 68  GLY 68  66  66  GLY GLY A . n 
A 1 69  ARG 69  67  67  ARG ARG A . n 
A 1 70  VAL 70  68  68  VAL VAL A . n 
A 1 71  GLU 71  69  69  GLU GLU A . n 
A 1 72  LEU 72  70  70  LEU LEU A . n 
A 1 73  ASP 73  71  71  ASP ASP A . n 
A 1 74  GLU 74  72  72  GLU GLU A . n 
A 1 75  ILE 75  73  73  ILE ILE A . n 
A 1 76  PRO 76  74  74  PRO PRO A . n 
A 1 77  LYS 77  75  75  LYS LYS A . n 
A 1 78  PRO 78  76  76  PRO PRO A . n 
A 1 79  PRO 79  77  77  PRO PRO A . n 
A 1 80  LYS 80  78  78  LYS LYS A . n 
A 1 81  GLU 81  79  79  GLU GLU A . n 
A 1 82  TRP 82  80  80  TRP TRP A . n 
A 1 83  GLU 83  81  81  GLU GLU A . n 
A 1 84  SER 84  82  82  SER SER A . n 
A 1 85  PRO 85  83  83  PRO PRO A . n 
A 1 86  LEU 86  84  84  LEU LEU A . n 
A 1 87  LYS 87  85  85  LYS LYS A . n 
A 1 88  ALA 88  86  86  ALA ALA A . n 
A 1 89  PHE 89  87  87  PHE PHE A . n 
A 1 90  GLU 90  88  88  GLU GLU A . n 
A 1 91  ALA 91  89  89  ALA ALA A . n 
A 1 92  ALA 92  90  90  ALA ALA A . n 
A 1 93  TYR 93  91  91  TYR TYR A . n 
A 1 94  GLU 94  92  92  GLU GLU A . n 
A 1 95  HIS 95  93  93  HIS HIS A . n 
A 1 96  GLU 96  94  94  GLU GLU A . n 
A 1 97  LYS 97  95  95  LYS LYS A . n 
A 1 98  PHE 98  96  96  PHE PHE A . n 
A 1 99  ILE 99  97  97  ILE ILE A . n 
A 1 100 SER 100 98  98  SER SER A . n 
A 1 101 LYS 101 99  99  LYS LYS A . n 
A 1 102 SER 102 100 100 SER SER A . n 
A 1 103 ILE 103 101 101 ILE ILE A . n 
A 1 104 TYR 104 102 102 TYR TYR A . n 
A 1 105 GLU 105 103 103 GLU GLU A . n 
A 1 106 LEU 106 104 104 LEU LEU A . n 
A 1 107 ALA 107 105 105 ALA ALA A . n 
A 1 108 ALA 108 106 106 ALA ALA A . n 
A 1 109 LEU 109 107 107 LEU LEU A . n 
A 1 110 ALA 110 108 108 ALA ALA A . n 
A 1 111 GLU 111 109 109 GLU GLU A . n 
A 1 112 GLU 112 110 110 GLU GLU A . n 
A 1 113 GLU 113 111 111 GLU GLU A . n 
A 1 114 LYS 114 112 112 LYS LYS A . n 
A 1 115 ASP 115 113 113 ASP ASP A . n 
A 1 116 TYR 116 114 114 TYR TYR A . n 
A 1 117 SER 117 115 115 SER SER A . n 
A 1 118 THR 118 116 116 THR THR A . n 
A 1 119 ARG 119 117 117 ARG ARG A . n 
A 1 120 ALA 120 118 118 ALA ALA A . n 
A 1 121 PHE 121 119 119 PHE PHE A . n 
A 1 122 LEU 122 120 120 LEU LEU A . n 
A 1 123 GLU 123 121 121 GLU GLU A . n 
A 1 124 TRP 124 122 122 TRP TRP A . n 
A 1 125 PHE 125 123 123 PHE PHE A . n 
A 1 126 ILE 126 124 124 ILE ILE A . n 
A 1 127 ASN 127 125 125 ASN ASN A . n 
A 1 128 GLU 128 126 126 GLU GLU A . n 
A 1 129 GLN 129 127 127 GLN GLN A . n 
A 1 130 VAL 130 128 128 VAL VAL A . n 
A 1 131 GLU 131 129 129 GLU GLU A . n 
A 1 132 GLU 132 130 130 GLU GLU A . n 
A 1 133 GLU 133 131 131 GLU GLU A . n 
A 1 134 ALA 134 132 132 ALA ALA A . n 
A 1 135 SER 135 133 133 SER SER A . n 
A 1 136 VAL 136 134 134 VAL VAL A . n 
A 1 137 LYS 137 135 135 LYS LYS A . n 
A 1 138 LYS 138 136 136 LYS LYS A . n 
A 1 139 ILE 139 137 137 ILE ILE A . n 
A 1 140 LEU 140 138 138 LEU LEU A . n 
A 1 141 ASP 141 139 139 ASP ASP A . n 
A 1 142 LYS 142 140 140 LYS LYS A . n 
A 1 143 LEU 143 141 141 LEU LEU A . n 
A 1 144 LYS 144 142 142 LYS LYS A . n 
A 1 145 PHE 145 143 143 PHE PHE A . n 
A 1 146 ALA 146 144 144 ALA ALA A . n 
A 1 147 LYS 147 145 145 LYS LYS A . n 
A 1 148 ASP 148 146 146 ASP ASP A . n 
A 1 149 SER 149 147 147 SER SER A . n 
A 1 150 PRO 150 148 148 PRO PRO A . n 
A 1 151 GLN 151 149 149 GLN GLN A . n 
A 1 152 ILE 152 150 150 ILE ILE A . n 
A 1 153 LEU 153 151 151 LEU LEU A . n 
A 1 154 PHE 154 152 152 PHE PHE A . n 
A 1 155 MET 155 153 153 MET MET A . n 
A 1 156 LEU 156 154 154 LEU LEU A . n 
A 1 157 ASP 157 155 155 ASP ASP A . n 
A 1 158 LYS 158 156 156 LYS LYS A . n 
A 1 159 GLU 159 157 157 GLU GLU A . n 
A 1 160 LEU 160 158 158 LEU LEU A . n 
A 1 161 SER 161 159 159 SER SER A . n 
A 1 162 ALA 162 160 160 ALA ALA A . n 
A 1 163 ARG 163 161 161 ARG ARG A . n 
A 1 164 ALA 164 162 162 ALA ALA A . n 
A 1 165 PRO 165 163 163 PRO PRO A . n 
A 1 166 LYS 166 164 164 LYS LYS A . n 
A 1 167 LEU 167 165 165 LEU LEU A . n 
A 1 168 PRO 168 166 166 PRO PRO A . n 
A 1 169 GLY 169 167 167 GLY GLY A . n 
A 1 170 LEU 170 168 168 LEU LEU A . n 
A 1 171 LEU 171 169 169 LEU LEU A . n 
A 1 172 MET 172 170 ?   ?   ?   A . n 
A 1 173 GLN 173 171 ?   ?   ?   A . n 
A 1 174 GLY 174 172 ?   ?   ?   A . n 
A 1 175 GLY 175 173 ?   ?   ?   A . n 
A 1 176 GLU 176 174 ?   ?   ?   A . n 
# 
_software.citation_id            ? 
_software.classification         refinement 
_software.compiler_name          ? 
_software.compiler_version       ? 
_software.contact_author         ? 
_software.contact_author_email   ? 
_software.date                   ? 
_software.description            ? 
_software.dependencies           ? 
_software.hardware               ? 
_software.language               ? 
_software.location               ? 
_software.mods                   ? 
_software.name                   PHENIX 
_software.os                     ? 
_software.os_version             ? 
_software.type                   ? 
_software.version                1.13_2998: 
_software.pdbx_ordinal           1 
# 
_cell.angle_alpha                  90.00 
_cell.angle_alpha_esd              ? 
_cell.angle_beta                   90.00 
_cell.angle_beta_esd               ? 
_cell.angle_gamma                  90.00 
_cell.angle_gamma_esd              ? 
_cell.entry_id                     7OHF 
_cell.details                      ? 
_cell.formula_units_Z              ? 
_cell.length_a                     1.00 
_cell.length_a_esd                 ? 
_cell.length_b                     1.00 
_cell.length_b_esd                 ? 
_cell.length_c                     1.00 
_cell.length_c_esd                 ? 
_cell.volume                       ? 
_cell.volume_esd                   ? 
_cell.Z_PDB                        ? 
_cell.reciprocal_angle_alpha       ? 
_cell.reciprocal_angle_beta        ? 
_cell.reciprocal_angle_gamma       ? 
_cell.reciprocal_angle_alpha_esd   ? 
_cell.reciprocal_angle_beta_esd    ? 
_cell.reciprocal_angle_gamma_esd   ? 
_cell.reciprocal_length_a          ? 
_cell.reciprocal_length_b          ? 
_cell.reciprocal_length_c          ? 
_cell.reciprocal_length_a_esd      ? 
_cell.reciprocal_length_b_esd      ? 
_cell.reciprocal_length_c_esd      ? 
_cell.pdbx_unique_axis             ? 
# 
_symmetry.entry_id                         7OHF 
_symmetry.cell_setting                     ? 
_symmetry.Int_Tables_number                1 
_symmetry.space_group_name_Hall            ? 
_symmetry.space_group_name_H-M             'P 1' 
_symmetry.pdbx_full_space_group_name_H-M   ? 
# 
_exptl.absorpt_coefficient_mu     ? 
_exptl.absorpt_correction_T_max   ? 
_exptl.absorpt_correction_T_min   ? 
_exptl.absorpt_correction_type    ? 
_exptl.absorpt_process_details    ? 
_exptl.entry_id                   7OHF 
_exptl.crystals_number            ? 
_exptl.details                    ? 
_exptl.method                     'ELECTRON MICROSCOPY' 
_exptl.method_details             ? 
# 
_struct.entry_id                     7OHF 
_struct.title                        'Cryo-EM structure of pyrococcus furiosus apoferritin in nanofluidic channels' 
_struct.pdbx_model_details           ? 
_struct.pdbx_formula_weight          ? 
_struct.pdbx_formula_weight_method   ? 
_struct.pdbx_model_type_details      ? 
_struct.pdbx_CASP_flag               N 
# 
_struct_keywords.entry_id        7OHF 
_struct_keywords.text            'Iron Storage, METAL TRANSPORT' 
_struct_keywords.pdbx_keywords   'METAL TRANSPORT' 
# 
_struct_asym.id                            A 
_struct_asym.pdbx_blank_PDB_chainid_flag   N 
_struct_asym.pdbx_modified                 N 
_struct_asym.entity_id                     1 
_struct_asym.details                       ? 
# 
_struct_ref.id                         1 
_struct_ref.db_name                    UNP 
_struct_ref.db_code                    I6V0I9_9EURY 
_struct_ref.pdbx_db_accession          I6V0I9 
_struct_ref.pdbx_db_isoform            ? 
_struct_ref.entity_id                  1 
_struct_ref.pdbx_seq_one_letter_code   
;MLSERMLKALNDQLNRELYSAYLYFAMAAYFEDLGLEGFANWMKAQAEEEIGHALRFYNYIYDRNGRVELDEIPKPPKEW
ESPLKAFEAAYEHEKFISKSIYELAALAEEEKDYSTRAFLEWFINEQVEEEASVKKILDKLKFAKDSPQILFMLDKELSA
RAPKLPGLLMQGGE
;
_struct_ref.pdbx_align_begin           1 
# 
_struct_ref_seq.align_id                      1 
_struct_ref_seq.ref_id                        1 
_struct_ref_seq.pdbx_PDB_id_code              7OHF 
_struct_ref_seq.pdbx_strand_id                A 
_struct_ref_seq.seq_align_beg                 3 
_struct_ref_seq.pdbx_seq_align_beg_ins_code   ? 
_struct_ref_seq.seq_align_end                 176 
_struct_ref_seq.pdbx_seq_align_end_ins_code   ? 
_struct_ref_seq.pdbx_db_accession             I6V0I9 
_struct_ref_seq.db_align_beg                  1 
_struct_ref_seq.pdbx_db_align_beg_ins_code    ? 
_struct_ref_seq.db_align_end                  174 
_struct_ref_seq.pdbx_db_align_end_ins_code    ? 
_struct_ref_seq.pdbx_auth_seq_align_beg       1 
_struct_ref_seq.pdbx_auth_seq_align_end       174 
# 
loop_
_struct_ref_seq_dif.align_id 
_struct_ref_seq_dif.pdbx_pdb_id_code 
_struct_ref_seq_dif.mon_id 
_struct_ref_seq_dif.pdbx_pdb_strand_id 
_struct_ref_seq_dif.seq_num 
_struct_ref_seq_dif.pdbx_pdb_ins_code 
_struct_ref_seq_dif.pdbx_seq_db_name 
_struct_ref_seq_dif.pdbx_seq_db_accession_code 
_struct_ref_seq_dif.db_mon_id 
_struct_ref_seq_dif.pdbx_seq_db_seq_num 
_struct_ref_seq_dif.details 
_struct_ref_seq_dif.pdbx_auth_seq_num 
_struct_ref_seq_dif.pdbx_ordinal 
1 7OHF MET A 1 ? UNP I6V0I9 ? ? 'expression tag' -1 1 
1 7OHF ALA A 2 ? UNP I6V0I9 ? ? 'expression tag' 0  2 
# 
_pdbx_struct_assembly.id                   1 
_pdbx_struct_assembly.details              author_defined_assembly 
_pdbx_struct_assembly.method_details       ? 
_pdbx_struct_assembly.oligomeric_details   24-meric 
_pdbx_struct_assembly.oligomeric_count     24 
# 
_pdbx_struct_assembly_gen.assembly_id       1 
_pdbx_struct_assembly_gen.oper_expression   1,10,11,12,13,14,15,16,17,18,19,2,20,21,22,23,24,3,4,5,6,7,8,9 
_pdbx_struct_assembly_gen.asym_id_list      A 
# 
_pdbx_struct_assembly_auth_evidence.id                     1 
_pdbx_struct_assembly_auth_evidence.assembly_id            1 
_pdbx_struct_assembly_auth_evidence.experimental_support   none 
_pdbx_struct_assembly_auth_evidence.details                ? 
# 
loop_
_pdbx_struct_oper_list.id 
_pdbx_struct_oper_list.type 
_pdbx_struct_oper_list.name 
_pdbx_struct_oper_list.symmetry_operation 
_pdbx_struct_oper_list.matrix[1][1] 
_pdbx_struct_oper_list.matrix[1][2] 
_pdbx_struct_oper_list.matrix[1][3] 
_pdbx_struct_oper_list.vector[1] 
_pdbx_struct_oper_list.matrix[2][1] 
_pdbx_struct_oper_list.matrix[2][2] 
_pdbx_struct_oper_list.matrix[2][3] 
_pdbx_struct_oper_list.vector[2] 
_pdbx_struct_oper_list.matrix[3][1] 
_pdbx_struct_oper_list.matrix[3][2] 
_pdbx_struct_oper_list.matrix[3][3] 
_pdbx_struct_oper_list.vector[3] 
1  'identity operation'       1_555 x,y,z 1           0           0           0         0           1           0           0         0           0           1           0         
2  'point symmetry operation' ?     ?     0.92758384  0.30527957  0.21538943  -6.35626  0.20376853  0.06984004  -0.97652484 29.05123  -0.31315589 0.94969824  0.00257612  30.65003  
3  'point symmetry operation' ?     ?     0.85516768  0.50904810  -0.09776645 3.21821   0.50904810  -0.86031992 -0.02682659 -0.14555  -0.09776645 -0.02682659 -0.99484775 60.30939  
4  'point symmetry operation' ?     ?     0.92758384  0.20376853  -0.31315589 9.57447   0.30527957  0.06984004  0.94969824  -29.19678 0.21538943  -0.97652484 0.00257612  29.65936  
5  'point symmetry operation' ?     ?     0.07148603  0.04624114  0.99636916  -65.50578 -0.53732052 0.84337792  -0.00058999 -21.27578 -0.84034303 -0.53532742 0.08513605  -6.93857  
6  'point symmetry operation' ?     ?     -0.23628709 0.97130275  -0.02719152 -34.07806 -0.32637120 -0.10569174 -0.93931416 6.62265   -0.91523235 -0.21307328 0.34197883  -14.53963 
7  'point symmetry operation' ?     ?     -0.01273997 -0.03012154 -0.99946505 -5.19204  -0.03012154 -0.99908098 0.03049392  -23.16333 -0.99946505 0.03049392  0.01182096  -4.43055  
8  'point symmetry operation' ?     ?     0.29503315  -0.95518315 0.02409563  -36.61977 -0.24107086 -0.05001133 0.96921809  -51.06176 -0.92457573 -0.29176022 -0.24502182 3.17050   
9  'point symmetry operation' ?     ?     -0.85702794 -0.49107938 0.15602613  -78.08572 -0.49107938 0.68675583  -0.53591741 -4.01760  0.15602613  -0.53591741 -0.82972789 58.90754  
10 'point symmetry operation' ?     ?     -0.94389229 -0.14775238 0.29535839  -82.12249 -0.14775238 -0.61091327 -0.77778803 2.62904   0.29535839  -0.77778803 0.55480556  16.91556  
11 'point symmetry operation' ?     ?     -0.99813974 -0.01796872 -0.05825968 -71.36251 -0.01796872 -0.82643591 0.56274400  -38.01881 -0.05825968 0.56274400  0.82457565  9.44729   
12 'point symmetry operation' ?     ?     -0.91127539 -0.36129572 -0.19759194 -67.32575 -0.36129572 0.47123319  0.80461462  -44.66545 -0.19759194 0.80461462  -0.55995781 51.43928  
13 'point symmetry operation' ?     ?     0.07148603  -0.53732052 -0.84034303 -12.57994 0.04624114  0.84337792  -0.53532742 17.25818  0.99636916  -0.00058999 0.08513605  65.84611  
14 'point symmetry operation' ?     ?     0.21997864  -0.81377556 0.53793934  -54.40068 0.38238735  -0.43538149 -0.81499870 25.05762  0.89743485  0.38498350  0.21540285  62.10521  
15 'point symmetry operation' ?     ?     -0.13023209 0.52120092  0.84343892  -62.95225 0.52120092  -0.68767485 0.50542349  -15.00104 0.84343892  0.50542349  -0.18209306 74.18723  
16 'point symmetry operation' ?     ?     -0.27872470 0.79765596  -0.53484345 -21.13151 0.18505471  0.59108456  0.78509477  -22.80048 0.94237323  0.11985000  -0.31235986 77.92813  
17 'point symmetry operation' ?     ?     0.00093013  -0.96412195 0.26545808  -55.22938 0.94615324  0.08678204  0.31187006  14.92704  -0.32371776 0.25087395  0.91228782  -6.36737  
18 'point symmetry operation' ?     ?     -0.27872470 0.18505471  0.94237323  -75.10792 0.79765596  0.59108456  0.11985000  20.99299  -0.53484345 0.78509477  -0.31235986 30.94011  
19 'point symmetry operation' ?     ?     -0.51594192 0.82280547  -0.23831721 -39.07644 0.82280547  0.39861077  -0.40509334 36.76802  -0.23831721 -0.40509334 -0.88266885 47.57384  
20 'point symmetry operation' ?     ?     -0.23628709 -0.32637120 -0.91523235 -19.19790 0.97130275  -0.10569174 -0.21307328 30.70207  -0.02719152 -0.93931416 0.34197883  10.26636  
21 'point symmetry operation' ?     ?     0.00093013  0.94615324  -0.32371776 -16.13313 -0.96412195 0.08678204  0.25087395  -52.94585 0.26545808  0.31187006  0.91228782  15.81466  
22 'point symmetry operation' ?     ?     0.29503315  -0.24107086 -0.92457573 1.42591   -0.95518315 -0.05001133 -0.29176022 -36.60722 0.02409563  0.96921809  -0.24502182 51.14920  
23 'point symmetry operation' ?     ?     0.51408166  -0.80483675 0.29657689  -35.79107 -0.80483675 -0.57217486 -0.15765066 -40.93118 0.29657689  -0.15765066 -0.94190680 71.64309  
24 'point symmetry operation' ?     ?     0.21997864  0.38238735  0.89743485  -53.35011 -0.81377556 -0.43538149 0.38498350  -57.26981 0.53793934  -0.81499870 0.21540285  36.30855       
# 
loop_
_struct_conf.conf_type_id 
_struct_conf.id 
_struct_conf.pdbx_PDB_helix_id 
_struct_conf.beg_label_comp_id 
_struct_conf.beg_label_asym_id 
_struct_conf.beg_label_seq_id 
_struct_conf.pdbx_beg_PDB_ins_code 
_struct_conf.end_label_comp_id 
_struct_conf.end_label_asym_id 
_struct_conf.end_label_seq_id 
_struct_conf.pdbx_end_PDB_ins_code 
_struct_conf.beg_auth_comp_id 
_struct_conf.beg_auth_asym_id 
_struct_conf.beg_auth_seq_id 
_struct_conf.end_auth_comp_id 
_struct_conf.end_auth_asym_id 
_struct_conf.end_auth_seq_id 
_struct_conf.pdbx_PDB_helix_class 
_struct_conf.details 
_struct_conf.pdbx_PDB_helix_length 
HELX_P HELX_P1 AA1 SER A 5   ? TYR A 24  ? SER A 3   TYR A 22  1 ? 20 
HELX_P HELX_P2 AA2 LEU A 25  ? GLU A 34  ? LEU A 23  GLU A 32  1 ? 10 
HELX_P HELX_P3 AA3 GLY A 40  ? TYR A 64  ? GLY A 38  TYR A 62  1 ? 25 
HELX_P HELX_P4 AA4 LEU A 86  ? GLU A 111 ? LEU A 84  GLU A 109 1 ? 26 
HELX_P HELX_P5 AA5 ASP A 115 ? ALA A 120 ? ASP A 113 ALA A 118 1 ? 6  
HELX_P HELX_P6 AA6 PHE A 121 ? LYS A 144 ? PHE A 119 LYS A 142 1 ? 24 
HELX_P HELX_P7 AA7 SER A 149 ? LEU A 160 ? SER A 147 LEU A 158 1 ? 12 
HELX_P HELX_P8 AA8 SER A 161 ? ARG A 163 ? SER A 159 ARG A 161 5 ? 3  
# 
_struct_conf_type.id          HELX_P 
_struct_conf_type.criteria    ? 
_struct_conf_type.reference   ? 
# 
_em_3d_fitting.entry_id          7OHF 
_em_3d_fitting.id                1 
_em_3d_fitting.details           ? 
_em_3d_fitting.overall_b_value   ? 
_em_3d_fitting.ref_protocol      ? 
_em_3d_fitting.ref_space         ? 
_em_3d_fitting.target_criteria   ? 
_em_3d_fitting.method            ? 
# 
_em_3d_fitting_list.3d_fitting_id                 1 
_em_3d_fitting_list.id                            1 
_em_3d_fitting_list.details                       ? 
_em_3d_fitting_list.pdb_chain_id                  ? 
_em_3d_fitting_list.pdb_chain_residue_range       ? 
_em_3d_fitting_list.pdb_entry_id                  2X17 
_em_3d_fitting_list.initial_refinement_model_id   1 
_em_3d_fitting_list.chain_id                      ? 
_em_3d_fitting_list.chain_residue_range           ? 
_em_3d_fitting_list.source_name                   PDB 
_em_3d_fitting_list.type                          'experimental model' 
_em_3d_fitting_list.accession_code                2X17 
# 
_em_3d_reconstruction.entry_id                    7OHF 
_em_3d_reconstruction.id                          1 
_em_3d_reconstruction.algorithm                   ? 
_em_3d_reconstruction.details                     ? 
_em_3d_reconstruction.refinement_type             ? 
_em_3d_reconstruction.image_processing_id         1 
_em_3d_reconstruction.num_class_averages          1 
_em_3d_reconstruction.num_particles               21238 
_em_3d_reconstruction.resolution                  3.0 
_em_3d_reconstruction.resolution_method           'FSC 0.143 CUT-OFF' 
_em_3d_reconstruction.symmetry_type               POINT 
_em_3d_reconstruction.method                      ? 
_em_3d_reconstruction.nominal_pixel_size          ? 
_em_3d_reconstruction.actual_pixel_size           ? 
_em_3d_reconstruction.magnification_calibration   ? 
# 
_em_buffer.id            1 
_em_buffer.details       ? 
_em_buffer.pH            7.5 
_em_buffer.specimen_id   1 
_em_buffer.name          ? 
# 
_em_entity_assembly.id                   1 
_em_entity_assembly.parent_id            0 
_em_entity_assembly.details              ? 
_em_entity_assembly.name                 '24-mer of pyrococcus furiosus apoferritin' 
_em_entity_assembly.source               RECOMBINANT 
_em_entity_assembly.type                 COMPLEX 
_em_entity_assembly.entity_id_list       1 
_em_entity_assembly.synonym              ? 
_em_entity_assembly.oligomeric_details   ? 
# 
_em_image_scans.entry_id                7OHF 
_em_image_scans.id                      1 
_em_image_scans.dimension_height        ? 
_em_image_scans.dimension_width         ? 
_em_image_scans.frames_per_image        90 
_em_image_scans.image_recording_id      1 
_em_image_scans.sampling_size           ? 
_em_image_scans.scanner_model           ? 
_em_image_scans.used_frames_per_image   ? 
_em_image_scans.citation_id             ? 
_em_image_scans.number_digital_images   ? 
_em_image_scans.od_range                ? 
_em_image_scans.quant_bit_size          ? 
_em_image_scans.details                 ? 
# 
_em_imaging.id                              1 
_em_imaging.entry_id                        7OHF 
_em_imaging.accelerating_voltage            300 
_em_imaging.alignment_procedure             ? 
_em_imaging.c2_aperture_diameter            ? 
_em_imaging.calibrated_defocus_max          ? 
_em_imaging.calibrated_defocus_min          ? 
_em_imaging.calibrated_magnification        ? 
_em_imaging.cryogen                         ? 
_em_imaging.details                         ? 
_em_imaging.electron_source                 'FIELD EMISSION GUN' 
_em_imaging.illumination_mode               'FLOOD BEAM' 
_em_imaging.microscope_model                'FEI TITAN KRIOS' 
_em_imaging.mode                            'BRIGHT FIELD' 
_em_imaging.nominal_cs                      2.7 
_em_imaging.nominal_defocus_max             -2000 
_em_imaging.nominal_defocus_min             -1000 
_em_imaging.nominal_magnification           ? 
_em_imaging.recording_temperature_maximum   ? 
_em_imaging.recording_temperature_minimum   ? 
_em_imaging.residual_tilt                   ? 
_em_imaging.specimen_holder_model           'FEI TITAN KRIOS AUTOGRID HOLDER' 
_em_imaging.specimen_id                     1 
_em_imaging.citation_id                     ? 
_em_imaging.date                            ? 
_em_imaging.temperature                     ? 
_em_imaging.tilt_angle_min                  ? 
_em_imaging.tilt_angle_max                  ? 
_em_imaging.astigmatism                     ? 
_em_imaging.detector_distance               ? 
_em_imaging.electron_beam_tilt_params       ? 
_em_imaging.specimen_holder_type            ? 
# 
_em_sample_support.id               1 
_em_sample_support.specimen_id      1 
_em_sample_support.details          ? 
_em_sample_support.grid_material    'SILICON NITRIDE' 
_em_sample_support.grid_mesh_size   ? 
_em_sample_support.grid_type        Homemade 
_em_sample_support.method           ? 
_em_sample_support.film_material    ? 
# 
_em_vitrification.id                    1 
_em_vitrification.specimen_id           1 
_em_vitrification.chamber_temperature   ? 
_em_vitrification.cryogen_name          ETHANE 
_em_vitrification.details               
;The sample was filled into cryoChips through the cantilever and then transferred within ~10 seconds to the Leica plunger for freezing.
;
_em_vitrification.humidity              ? 
_em_vitrification.instrument            'LEICA PLUNGER' 
_em_vitrification.entry_id              7OHF 
_em_vitrification.citation_id           ? 
_em_vitrification.method                ? 
_em_vitrification.temp                  ? 
_em_vitrification.time_resolved_state   ? 
# 
_em_experiment.entry_id                7OHF 
_em_experiment.id                      1 
_em_experiment.aggregation_state       PARTICLE 
_em_experiment.reconstruction_method   'SINGLE PARTICLE' 
_em_experiment.entity_assembly_id      1 
# 
loop_
_pdbx_unobs_or_zero_occ_residues.id 
_pdbx_unobs_or_zero_occ_residues.PDB_model_num 
_pdbx_unobs_or_zero_occ_residues.polymer_flag 
_pdbx_unobs_or_zero_occ_residues.occupancy_flag 
_pdbx_unobs_or_zero_occ_residues.auth_asym_id 
_pdbx_unobs_or_zero_occ_residues.auth_comp_id 
_pdbx_unobs_or_zero_occ_residues.auth_seq_id 
_pdbx_unobs_or_zero_occ_residues.PDB_ins_code 
_pdbx_unobs_or_zero_occ_residues.label_asym_id 
_pdbx_unobs_or_zero_occ_residues.label_comp_id 
_pdbx_unobs_or_zero_occ_residues.label_seq_id 
1 1 Y 1 A MET -1  ? A MET 1   
2 1 Y 1 A ALA 0   ? A ALA 2   
3 1 Y 1 A MET 170 ? A MET 172 
4 1 Y 1 A GLN 171 ? A GLN 173 
5 1 Y 1 A GLY 172 ? A GLY 174 
6 1 Y 1 A GLY 173 ? A GLY 175 
7 1 Y 1 A GLU 174 ? A GLU 176 
# 
loop_
_chem_comp_atom.comp_id 
_chem_comp_atom.atom_id 
_chem_comp_atom.type_symbol 
_chem_comp_atom.pdbx_aromatic_flag 
_chem_comp_atom.pdbx_stereo_config 
_chem_comp_atom.pdbx_ordinal 
ALA N    N N N 1   
ALA CA   C N S 2   
ALA C    C N N 3   
ALA O    O N N 4   
ALA CB   C N N 5   
ALA OXT  O N N 6   
ALA H    H N N 7   
ALA H2   H N N 8   
ALA HA   H N N 9   
ALA HB1  H N N 10  
ALA HB2  H N N 11  
ALA HB3  H N N 12  
ALA HXT  H N N 13  
ARG N    N N N 14  
ARG CA   C N S 15  
ARG C    C N N 16  
ARG O    O N N 17  
ARG CB   C N N 18  
ARG CG   C N N 19  
ARG CD   C N N 20  
ARG NE   N N N 21  
ARG CZ   C N N 22  
ARG NH1  N N N 23  
ARG NH2  N N N 24  
ARG OXT  O N N 25  
ARG H    H N N 26  
ARG H2   H N N 27  
ARG HA   H N N 28  
ARG HB2  H N N 29  
ARG HB3  H N N 30  
ARG HG2  H N N 31  
ARG HG3  H N N 32  
ARG HD2  H N N 33  
ARG HD3  H N N 34  
ARG HE   H N N 35  
ARG HH11 H N N 36  
ARG HH12 H N N 37  
ARG HH21 H N N 38  
ARG HH22 H N N 39  
ARG HXT  H N N 40  
ASN N    N N N 41  
ASN CA   C N S 42  
ASN C    C N N 43  
ASN O    O N N 44  
ASN CB   C N N 45  
ASN CG   C N N 46  
ASN OD1  O N N 47  
ASN ND2  N N N 48  
ASN OXT  O N N 49  
ASN H    H N N 50  
ASN H2   H N N 51  
ASN HA   H N N 52  
ASN HB2  H N N 53  
ASN HB3  H N N 54  
ASN HD21 H N N 55  
ASN HD22 H N N 56  
ASN HXT  H N N 57  
ASP N    N N N 58  
ASP CA   C N S 59  
ASP C    C N N 60  
ASP O    O N N 61  
ASP CB   C N N 62  
ASP CG   C N N 63  
ASP OD1  O N N 64  
ASP OD2  O N N 65  
ASP OXT  O N N 66  
ASP H    H N N 67  
ASP H2   H N N 68  
ASP HA   H N N 69  
ASP HB2  H N N 70  
ASP HB3  H N N 71  
ASP HD2  H N N 72  
ASP HXT  H N N 73  
GLN N    N N N 74  
GLN CA   C N S 75  
GLN C    C N N 76  
GLN O    O N N 77  
GLN CB   C N N 78  
GLN CG   C N N 79  
GLN CD   C N N 80  
GLN OE1  O N N 81  
GLN NE2  N N N 82  
GLN OXT  O N N 83  
GLN H    H N N 84  
GLN H2   H N N 85  
GLN HA   H N N 86  
GLN HB2  H N N 87  
GLN HB3  H N N 88  
GLN HG2  H N N 89  
GLN HG3  H N N 90  
GLN HE21 H N N 91  
GLN HE22 H N N 92  
GLN HXT  H N N 93  
GLU N    N N N 94  
GLU CA   C N S 95  
GLU C    C N N 96  
GLU O    O N N 97  
GLU CB   C N N 98  
GLU CG   C N N 99  
GLU CD   C N N 100 
GLU OE1  O N N 101 
GLU OE2  O N N 102 
GLU OXT  O N N 103 
GLU H    H N N 104 
GLU H2   H N N 105 
GLU HA   H N N 106 
GLU HB2  H N N 107 
GLU HB3  H N N 108 
GLU HG2  H N N 109 
GLU HG3  H N N 110 
GLU HE2  H N N 111 
GLU HXT  H N N 112 
GLY N    N N N 113 
GLY CA   C N N 114 
GLY C    C N N 115 
GLY O    O N N 116 
GLY OXT  O N N 117 
GLY H    H N N 118 
GLY H2   H N N 119 
GLY HA2  H N N 120 
GLY HA3  H N N 121 
GLY HXT  H N N 122 
HIS N    N N N 123 
HIS CA   C N S 124 
HIS C    C N N 125 
HIS O    O N N 126 
HIS CB   C N N 127 
HIS CG   C Y N 128 
HIS ND1  N Y N 129 
HIS CD2  C Y N 130 
HIS CE1  C Y N 131 
HIS NE2  N Y N 132 
HIS OXT  O N N 133 
HIS H    H N N 134 
HIS H2   H N N 135 
HIS HA   H N N 136 
HIS HB2  H N N 137 
HIS HB3  H N N 138 
HIS HD1  H N N 139 
HIS HD2  H N N 140 
HIS HE1  H N N 141 
HIS HE2  H N N 142 
HIS HXT  H N N 143 
ILE N    N N N 144 
ILE CA   C N S 145 
ILE C    C N N 146 
ILE O    O N N 147 
ILE CB   C N S 148 
ILE CG1  C N N 149 
ILE CG2  C N N 150 
ILE CD1  C N N 151 
ILE OXT  O N N 152 
ILE H    H N N 153 
ILE H2   H N N 154 
ILE HA   H N N 155 
ILE HB   H N N 156 
ILE HG12 H N N 157 
ILE HG13 H N N 158 
ILE HG21 H N N 159 
ILE HG22 H N N 160 
ILE HG23 H N N 161 
ILE HD11 H N N 162 
ILE HD12 H N N 163 
ILE HD13 H N N 164 
ILE HXT  H N N 165 
LEU N    N N N 166 
LEU CA   C N S 167 
LEU C    C N N 168 
LEU O    O N N 169 
LEU CB   C N N 170 
LEU CG   C N N 171 
LEU CD1  C N N 172 
LEU CD2  C N N 173 
LEU OXT  O N N 174 
LEU H    H N N 175 
LEU H2   H N N 176 
LEU HA   H N N 177 
LEU HB2  H N N 178 
LEU HB3  H N N 179 
LEU HG   H N N 180 
LEU HD11 H N N 181 
LEU HD12 H N N 182 
LEU HD13 H N N 183 
LEU HD21 H N N 184 
LEU HD22 H N N 185 
LEU HD23 H N N 186 
LEU HXT  H N N 187 
LYS N    N N N 188 
LYS CA   C N S 189 
LYS C    C N N 190 
LYS O    O N N 191 
LYS CB   C N N 192 
LYS CG   C N N 193 
LYS CD   C N N 194 
LYS CE   C N N 195 
LYS NZ   N N N 196 
LYS OXT  O N N 197 
LYS H    H N N 198 
LYS H2   H N N 199 
LYS HA   H N N 200 
LYS HB2  H N N 201 
LYS HB3  H N N 202 
LYS HG2  H N N 203 
LYS HG3  H N N 204 
LYS HD2  H N N 205 
LYS HD3  H N N 206 
LYS HE2  H N N 207 
LYS HE3  H N N 208 
LYS HZ1  H N N 209 
LYS HZ2  H N N 210 
LYS HZ3  H N N 211 
LYS HXT  H N N 212 
MET N    N N N 213 
MET CA   C N S 214 
MET C    C N N 215 
MET O    O N N 216 
MET CB   C N N 217 
MET CG   C N N 218 
MET SD   S N N 219 
MET CE   C N N 220 
MET OXT  O N N 221 
MET H    H N N 222 
MET H2   H N N 223 
MET HA   H N N 224 
MET HB2  H N N 225 
MET HB3  H N N 226 
MET HG2  H N N 227 
MET HG3  H N N 228 
MET HE1  H N N 229 
MET HE2  H N N 230 
MET HE3  H N N 231 
MET HXT  H N N 232 
PHE N    N N N 233 
PHE CA   C N S 234 
PHE C    C N N 235 
PHE O    O N N 236 
PHE CB   C N N 237 
PHE CG   C Y N 238 
PHE CD1  C Y N 239 
PHE CD2  C Y N 240 
PHE CE1  C Y N 241 
PHE CE2  C Y N 242 
PHE CZ   C Y N 243 
PHE OXT  O N N 244 
PHE H    H N N 245 
PHE H2   H N N 246 
PHE HA   H N N 247 
PHE HB2  H N N 248 
PHE HB3  H N N 249 
PHE HD1  H N N 250 
PHE HD2  H N N 251 
PHE HE1  H N N 252 
PHE HE2  H N N 253 
PHE HZ   H N N 254 
PHE HXT  H N N 255 
PRO N    N N N 256 
PRO CA   C N S 257 
PRO C    C N N 258 
PRO O    O N N 259 
PRO CB   C N N 260 
PRO CG   C N N 261 
PRO CD   C N N 262 
PRO OXT  O N N 263 
PRO H    H N N 264 
PRO HA   H N N 265 
PRO HB2  H N N 266 
PRO HB3  H N N 267 
PRO HG2  H N N 268 
PRO HG3  H N N 269 
PRO HD2  H N N 270 
PRO HD3  H N N 271 
PRO HXT  H N N 272 
SER N    N N N 273 
SER CA   C N S 274 
SER C    C N N 275 
SER O    O N N 276 
SER CB   C N N 277 
SER OG   O N N 278 
SER OXT  O N N 279 
SER H    H N N 280 
SER H2   H N N 281 
SER HA   H N N 282 
SER HB2  H N N 283 
SER HB3  H N N 284 
SER HG   H N N 285 
SER HXT  H N N 286 
THR N    N N N 287 
THR CA   C N S 288 
THR C    C N N 289 
THR O    O N N 290 
THR CB   C N R 291 
THR OG1  O N N 292 
THR CG2  C N N 293 
THR OXT  O N N 294 
THR H    H N N 295 
THR H2   H N N 296 
THR HA   H N N 297 
THR HB   H N N 298 
THR HG1  H N N 299 
THR HG21 H N N 300 
THR HG22 H N N 301 
THR HG23 H N N 302 
THR HXT  H N N 303 
TRP N    N N N 304 
TRP CA   C N S 305 
TRP C    C N N 306 
TRP O    O N N 307 
TRP CB   C N N 308 
TRP CG   C Y N 309 
TRP CD1  C Y N 310 
TRP CD2  C Y N 311 
TRP NE1  N Y N 312 
TRP CE2  C Y N 313 
TRP CE3  C Y N 314 
TRP CZ2  C Y N 315 
TRP CZ3  C Y N 316 
TRP CH2  C Y N 317 
TRP OXT  O N N 318 
TRP H    H N N 319 
TRP H2   H N N 320 
TRP HA   H N N 321 
TRP HB2  H N N 322 
TRP HB3  H N N 323 
TRP HD1  H N N 324 
TRP HE1  H N N 325 
TRP HE3  H N N 326 
TRP HZ2  H N N 327 
TRP HZ3  H N N 328 
TRP HH2  H N N 329 
TRP HXT  H N N 330 
TYR N    N N N 331 
TYR CA   C N S 332 
TYR C    C N N 333 
TYR O    O N N 334 
TYR CB   C N N 335 
TYR CG   C Y N 336 
TYR CD1  C Y N 337 
TYR CD2  C Y N 338 
TYR CE1  C Y N 339 
TYR CE2  C Y N 340 
TYR CZ   C Y N 341 
TYR OH   O N N 342 
TYR OXT  O N N 343 
TYR H    H N N 344 
TYR H2   H N N 345 
TYR HA   H N N 346 
TYR HB2  H N N 347 
TYR HB3  H N N 348 
TYR HD1  H N N 349 
TYR HD2  H N N 350 
TYR HE1  H N N 351 
TYR HE2  H N N 352 
TYR HH   H N N 353 
TYR HXT  H N N 354 
VAL N    N N N 355 
VAL CA   C N S 356 
VAL C    C N N 357 
VAL O    O N N 358 
VAL CB   C N N 359 
VAL CG1  C N N 360 
VAL CG2  C N N 361 
VAL OXT  O N N 362 
VAL H    H N N 363 
VAL H2   H N N 364 
VAL HA   H N N 365 
VAL HB   H N N 366 
VAL HG11 H N N 367 
VAL HG12 H N N 368 
VAL HG13 H N N 369 
VAL HG21 H N N 370 
VAL HG22 H N N 371 
VAL HG23 H N N 372 
VAL HXT  H N N 373 
# 
loop_
_chem_comp_bond.comp_id 
_chem_comp_bond.atom_id_1 
_chem_comp_bond.atom_id_2 
_chem_comp_bond.value_order 
_chem_comp_bond.pdbx_aromatic_flag 
_chem_comp_bond.pdbx_stereo_config 
_chem_comp_bond.pdbx_ordinal 
ALA N   CA   sing N N 1   
ALA N   H    sing N N 2   
ALA N   H2   sing N N 3   
ALA CA  C    sing N N 4   
ALA CA  CB   sing N N 5   
ALA CA  HA   sing N N 6   
ALA C   O    doub N N 7   
ALA C   OXT  sing N N 8   
ALA CB  HB1  sing N N 9   
ALA CB  HB2  sing N N 10  
ALA CB  HB3  sing N N 11  
ALA OXT HXT  sing N N 12  
ARG N   CA   sing N N 13  
ARG N   H    sing N N 14  
ARG N   H2   sing N N 15  
ARG CA  C    sing N N 16  
ARG CA  CB   sing N N 17  
ARG CA  HA   sing N N 18  
ARG C   O    doub N N 19  
ARG C   OXT  sing N N 20  
ARG CB  CG   sing N N 21  
ARG CB  HB2  sing N N 22  
ARG CB  HB3  sing N N 23  
ARG CG  CD   sing N N 24  
ARG CG  HG2  sing N N 25  
ARG CG  HG3  sing N N 26  
ARG CD  NE   sing N N 27  
ARG CD  HD2  sing N N 28  
ARG CD  HD3  sing N N 29  
ARG NE  CZ   sing N N 30  
ARG NE  HE   sing N N 31  
ARG CZ  NH1  sing N N 32  
ARG CZ  NH2  doub N N 33  
ARG NH1 HH11 sing N N 34  
ARG NH1 HH12 sing N N 35  
ARG NH2 HH21 sing N N 36  
ARG NH2 HH22 sing N N 37  
ARG OXT HXT  sing N N 38  
ASN N   CA   sing N N 39  
ASN N   H    sing N N 40  
ASN N   H2   sing N N 41  
ASN CA  C    sing N N 42  
ASN CA  CB   sing N N 43  
ASN CA  HA   sing N N 44  
ASN C   O    doub N N 45  
ASN C   OXT  sing N N 46  
ASN CB  CG   sing N N 47  
ASN CB  HB2  sing N N 48  
ASN CB  HB3  sing N N 49  
ASN CG  OD1  doub N N 50  
ASN CG  ND2  sing N N 51  
ASN ND2 HD21 sing N N 52  
ASN ND2 HD22 sing N N 53  
ASN OXT HXT  sing N N 54  
ASP N   CA   sing N N 55  
ASP N   H    sing N N 56  
ASP N   H2   sing N N 57  
ASP CA  C    sing N N 58  
ASP CA  CB   sing N N 59  
ASP CA  HA   sing N N 60  
ASP C   O    doub N N 61  
ASP C   OXT  sing N N 62  
ASP CB  CG   sing N N 63  
ASP CB  HB2  sing N N 64  
ASP CB  HB3  sing N N 65  
ASP CG  OD1  doub N N 66  
ASP CG  OD2  sing N N 67  
ASP OD2 HD2  sing N N 68  
ASP OXT HXT  sing N N 69  
GLN N   CA   sing N N 70  
GLN N   H    sing N N 71  
GLN N   H2   sing N N 72  
GLN CA  C    sing N N 73  
GLN CA  CB   sing N N 74  
GLN CA  HA   sing N N 75  
GLN C   O    doub N N 76  
GLN C   OXT  sing N N 77  
GLN CB  CG   sing N N 78  
GLN CB  HB2  sing N N 79  
GLN CB  HB3  sing N N 80  
GLN CG  CD   sing N N 81  
GLN CG  HG2  sing N N 82  
GLN CG  HG3  sing N N 83  
GLN CD  OE1  doub N N 84  
GLN CD  NE2  sing N N 85  
GLN NE2 HE21 sing N N 86  
GLN NE2 HE22 sing N N 87  
GLN OXT HXT  sing N N 88  
GLU N   CA   sing N N 89  
GLU N   H    sing N N 90  
GLU N   H2   sing N N 91  
GLU CA  C    sing N N 92  
GLU CA  CB   sing N N 93  
GLU CA  HA   sing N N 94  
GLU C   O    doub N N 95  
GLU C   OXT  sing N N 96  
GLU CB  CG   sing N N 97  
GLU CB  HB2  sing N N 98  
GLU CB  HB3  sing N N 99  
GLU CG  CD   sing N N 100 
GLU CG  HG2  sing N N 101 
GLU CG  HG3  sing N N 102 
GLU CD  OE1  doub N N 103 
GLU CD  OE2  sing N N 104 
GLU OE2 HE2  sing N N 105 
GLU OXT HXT  sing N N 106 
GLY N   CA   sing N N 107 
GLY N   H    sing N N 108 
GLY N   H2   sing N N 109 
GLY CA  C    sing N N 110 
GLY CA  HA2  sing N N 111 
GLY CA  HA3  sing N N 112 
GLY C   O    doub N N 113 
GLY C   OXT  sing N N 114 
GLY OXT HXT  sing N N 115 
HIS N   CA   sing N N 116 
HIS N   H    sing N N 117 
HIS N   H2   sing N N 118 
HIS CA  C    sing N N 119 
HIS CA  CB   sing N N 120 
HIS CA  HA   sing N N 121 
HIS C   O    doub N N 122 
HIS C   OXT  sing N N 123 
HIS CB  CG   sing N N 124 
HIS CB  HB2  sing N N 125 
HIS CB  HB3  sing N N 126 
HIS CG  ND1  sing Y N 127 
HIS CG  CD2  doub Y N 128 
HIS ND1 CE1  doub Y N 129 
HIS ND1 HD1  sing N N 130 
HIS CD2 NE2  sing Y N 131 
HIS CD2 HD2  sing N N 132 
HIS CE1 NE2  sing Y N 133 
HIS CE1 HE1  sing N N 134 
HIS NE2 HE2  sing N N 135 
HIS OXT HXT  sing N N 136 
ILE N   CA   sing N N 137 
ILE N   H    sing N N 138 
ILE N   H2   sing N N 139 
ILE CA  C    sing N N 140 
ILE CA  CB   sing N N 141 
ILE CA  HA   sing N N 142 
ILE C   O    doub N N 143 
ILE C   OXT  sing N N 144 
ILE CB  CG1  sing N N 145 
ILE CB  CG2  sing N N 146 
ILE CB  HB   sing N N 147 
ILE CG1 CD1  sing N N 148 
ILE CG1 HG12 sing N N 149 
ILE CG1 HG13 sing N N 150 
ILE CG2 HG21 sing N N 151 
ILE CG2 HG22 sing N N 152 
ILE CG2 HG23 sing N N 153 
ILE CD1 HD11 sing N N 154 
ILE CD1 HD12 sing N N 155 
ILE CD1 HD13 sing N N 156 
ILE OXT HXT  sing N N 157 
LEU N   CA   sing N N 158 
LEU N   H    sing N N 159 
LEU N   H2   sing N N 160 
LEU CA  C    sing N N 161 
LEU CA  CB   sing N N 162 
LEU CA  HA   sing N N 163 
LEU C   O    doub N N 164 
LEU C   OXT  sing N N 165 
LEU CB  CG   sing N N 166 
LEU CB  HB2  sing N N 167 
LEU CB  HB3  sing N N 168 
LEU CG  CD1  sing N N 169 
LEU CG  CD2  sing N N 170 
LEU CG  HG   sing N N 171 
LEU CD1 HD11 sing N N 172 
LEU CD1 HD12 sing N N 173 
LEU CD1 HD13 sing N N 174 
LEU CD2 HD21 sing N N 175 
LEU CD2 HD22 sing N N 176 
LEU CD2 HD23 sing N N 177 
LEU OXT HXT  sing N N 178 
LYS N   CA   sing N N 179 
LYS N   H    sing N N 180 
LYS N   H2   sing N N 181 
LYS CA  C    sing N N 182 
LYS CA  CB   sing N N 183 
LYS CA  HA   sing N N 184 
LYS C   O    doub N N 185 
LYS C   OXT  sing N N 186 
LYS CB  CG   sing N N 187 
LYS CB  HB2  sing N N 188 
LYS CB  HB3  sing N N 189 
LYS CG  CD   sing N N 190 
LYS CG  HG2  sing N N 191 
LYS CG  HG3  sing N N 192 
LYS CD  CE   sing N N 193 
LYS CD  HD2  sing N N 194 
LYS CD  HD3  sing N N 195 
LYS CE  NZ   sing N N 196 
LYS CE  HE2  sing N N 197 
LYS CE  HE3  sing N N 198 
LYS NZ  HZ1  sing N N 199 
LYS NZ  HZ2  sing N N 200 
LYS NZ  HZ3  sing N N 201 
LYS OXT HXT  sing N N 202 
MET N   CA   sing N N 203 
MET N   H    sing N N 204 
MET N   H2   sing N N 205 
MET CA  C    sing N N 206 
MET CA  CB   sing N N 207 
MET CA  HA   sing N N 208 
MET C   O    doub N N 209 
MET C   OXT  sing N N 210 
MET CB  CG   sing N N 211 
MET CB  HB2  sing N N 212 
MET CB  HB3  sing N N 213 
MET CG  SD   sing N N 214 
MET CG  HG2  sing N N 215 
MET CG  HG3  sing N N 216 
MET SD  CE   sing N N 217 
MET CE  HE1  sing N N 218 
MET CE  HE2  sing N N 219 
MET CE  HE3  sing N N 220 
MET OXT HXT  sing N N 221 
PHE N   CA   sing N N 222 
PHE N   H    sing N N 223 
PHE N   H2   sing N N 224 
PHE CA  C    sing N N 225 
PHE CA  CB   sing N N 226 
PHE CA  HA   sing N N 227 
PHE C   O    doub N N 228 
PHE C   OXT  sing N N 229 
PHE CB  CG   sing N N 230 
PHE CB  HB2  sing N N 231 
PHE CB  HB3  sing N N 232 
PHE CG  CD1  doub Y N 233 
PHE CG  CD2  sing Y N 234 
PHE CD1 CE1  sing Y N 235 
PHE CD1 HD1  sing N N 236 
PHE CD2 CE2  doub Y N 237 
PHE CD2 HD2  sing N N 238 
PHE CE1 CZ   doub Y N 239 
PHE CE1 HE1  sing N N 240 
PHE CE2 CZ   sing Y N 241 
PHE CE2 HE2  sing N N 242 
PHE CZ  HZ   sing N N 243 
PHE OXT HXT  sing N N 244 
PRO N   CA   sing N N 245 
PRO N   CD   sing N N 246 
PRO N   H    sing N N 247 
PRO CA  C    sing N N 248 
PRO CA  CB   sing N N 249 
PRO CA  HA   sing N N 250 
PRO C   O    doub N N 251 
PRO C   OXT  sing N N 252 
PRO CB  CG   sing N N 253 
PRO CB  HB2  sing N N 254 
PRO CB  HB3  sing N N 255 
PRO CG  CD   sing N N 256 
PRO CG  HG2  sing N N 257 
PRO CG  HG3  sing N N 258 
PRO CD  HD2  sing N N 259 
PRO CD  HD3  sing N N 260 
PRO OXT HXT  sing N N 261 
SER N   CA   sing N N 262 
SER N   H    sing N N 263 
SER N   H2   sing N N 264 
SER CA  C    sing N N 265 
SER CA  CB   sing N N 266 
SER CA  HA   sing N N 267 
SER C   O    doub N N 268 
SER C   OXT  sing N N 269 
SER CB  OG   sing N N 270 
SER CB  HB2  sing N N 271 
SER CB  HB3  sing N N 272 
SER OG  HG   sing N N 273 
SER OXT HXT  sing N N 274 
THR N   CA   sing N N 275 
THR N   H    sing N N 276 
THR N   H2   sing N N 277 
THR CA  C    sing N N 278 
THR CA  CB   sing N N 279 
THR CA  HA   sing N N 280 
THR C   O    doub N N 281 
THR C   OXT  sing N N 282 
THR CB  OG1  sing N N 283 
THR CB  CG2  sing N N 284 
THR CB  HB   sing N N 285 
THR OG1 HG1  sing N N 286 
THR CG2 HG21 sing N N 287 
THR CG2 HG22 sing N N 288 
THR CG2 HG23 sing N N 289 
THR OXT HXT  sing N N 290 
TRP N   CA   sing N N 291 
TRP N   H    sing N N 292 
TRP N   H2   sing N N 293 
TRP CA  C    sing N N 294 
TRP CA  CB   sing N N 295 
TRP CA  HA   sing N N 296 
TRP C   O    doub N N 297 
TRP C   OXT  sing N N 298 
TRP CB  CG   sing N N 299 
TRP CB  HB2  sing N N 300 
TRP CB  HB3  sing N N 301 
TRP CG  CD1  doub Y N 302 
TRP CG  CD2  sing Y N 303 
TRP CD1 NE1  sing Y N 304 
TRP CD1 HD1  sing N N 305 
TRP CD2 CE2  doub Y N 306 
TRP CD2 CE3  sing Y N 307 
TRP NE1 CE2  sing Y N 308 
TRP NE1 HE1  sing N N 309 
TRP CE2 CZ2  sing Y N 310 
TRP CE3 CZ3  doub Y N 311 
TRP CE3 HE3  sing N N 312 
TRP CZ2 CH2  doub Y N 313 
TRP CZ2 HZ2  sing N N 314 
TRP CZ3 CH2  sing Y N 315 
TRP CZ3 HZ3  sing N N 316 
TRP CH2 HH2  sing N N 317 
TRP OXT HXT  sing N N 318 
TYR N   CA   sing N N 319 
TYR N   H    sing N N 320 
TYR N   H2   sing N N 321 
TYR CA  C    sing N N 322 
TYR CA  CB   sing N N 323 
TYR CA  HA   sing N N 324 
TYR C   O    doub N N 325 
TYR C   OXT  sing N N 326 
TYR CB  CG   sing N N 327 
TYR CB  HB2  sing N N 328 
TYR CB  HB3  sing N N 329 
TYR CG  CD1  doub Y N 330 
TYR CG  CD2  sing Y N 331 
TYR CD1 CE1  sing Y N 332 
TYR CD1 HD1  sing N N 333 
TYR CD2 CE2  doub Y N 334 
TYR CD2 HD2  sing N N 335 
TYR CE1 CZ   doub Y N 336 
TYR CE1 HE1  sing N N 337 
TYR CE2 CZ   sing Y N 338 
TYR CE2 HE2  sing N N 339 
TYR CZ  OH   sing N N 340 
TYR OH  HH   sing N N 341 
TYR OXT HXT  sing N N 342 
VAL N   CA   sing N N 343 
VAL N   H    sing N N 344 
VAL N   H2   sing N N 345 
VAL CA  C    sing N N 346 
VAL CA  CB   sing N N 347 
VAL CA  HA   sing N N 348 
VAL C   O    doub N N 349 
VAL C   OXT  sing N N 350 
VAL CB  CG1  sing N N 351 
VAL CB  CG2  sing N N 352 
VAL CB  HB   sing N N 353 
VAL CG1 HG11 sing N N 354 
VAL CG1 HG12 sing N N 355 
VAL CG1 HG13 sing N N 356 
VAL CG2 HG21 sing N N 357 
VAL CG2 HG22 sing N N 358 
VAL CG2 HG23 sing N N 359 
VAL OXT HXT  sing N N 360 
# 
_em_admin.entry_id           7OHF 
_em_admin.current_status     REL 
_em_admin.deposition_date    2021-05-10 
_em_admin.deposition_site    PDBE 
_em_admin.last_update        2024-07-10 
_em_admin.map_release_date   2021-08-11 
_em_admin.title              'Cryo-EM structure of pyrococcus furiosus apoferritin in nanofluidic channels' 
# 
loop_
_em_buffer_component.buffer_id 
_em_buffer_component.id 
_em_buffer_component.concentration 
_em_buffer_component.concentration_units 
_em_buffer_component.formula 
_em_buffer_component.name 
1 1 50 mM NaCl 'sodium chloride'                 
1 2 20 mM Tris 'tris(hydroxymethyl)aminomethane' 
# 
_em_ctf_correction.id                       1 
_em_ctf_correction.em_image_processing_id   1 
_em_ctf_correction.type                     'PHASE FLIPPING AND AMPLITUDE CORRECTION' 
_em_ctf_correction.details                  ? 
# 
_em_entity_assembly_molwt.entity_assembly_id   1 
_em_entity_assembly_molwt.id                   1 
_em_entity_assembly_molwt.experimental_flag    NO 
_em_entity_assembly_molwt.units                MEGADALTONS 
_em_entity_assembly_molwt.value                0.492 
# 
_em_entity_assembly_naturalsource.id                   2 
_em_entity_assembly_naturalsource.entity_assembly_id   1 
_em_entity_assembly_naturalsource.cell                 ? 
_em_entity_assembly_naturalsource.cellular_location    ? 
_em_entity_assembly_naturalsource.ncbi_tax_id          1185654 
_em_entity_assembly_naturalsource.organ                ? 
_em_entity_assembly_naturalsource.organelle            ? 
_em_entity_assembly_naturalsource.organism             'Pyrococcus furiosus COM1' 
_em_entity_assembly_naturalsource.strain               ? 
_em_entity_assembly_naturalsource.tissue               ? 
# 
_em_entity_assembly_recombinant.id                   2 
_em_entity_assembly_recombinant.entity_assembly_id   1 
_em_entity_assembly_recombinant.cell                 ? 
_em_entity_assembly_recombinant.ncbi_tax_id          469008 
_em_entity_assembly_recombinant.organism             'Escherichia coli BL21(DE3)' 
_em_entity_assembly_recombinant.plasmid              ? 
_em_entity_assembly_recombinant.strain               ? 
# 
_em_image_processing.id                   1 
_em_image_processing.image_recording_id   1 
_em_image_processing.details              ? 
# 
_em_image_recording.id                            1 
_em_image_recording.imaging_id                    1 
_em_image_recording.avg_electron_dose_per_image   63 
_em_image_recording.average_exposure_time         9 
_em_image_recording.details                       ? 
_em_image_recording.detector_mode                 COUNTING 
_em_image_recording.film_or_detector_model        'GATAN K2 SUMMIT (4k x 4k)' 
_em_image_recording.num_diffraction_images        ? 
_em_image_recording.num_grids_imaged              3 
_em_image_recording.num_real_images               948 
# 
loop_
_em_software.id 
_em_software.category 
_em_software.details 
_em_software.name 
_em_software.version 
_em_software.image_processing_id 
_em_software.fitting_id 
_em_software.imaging_id 
1  'CRYSTALLOGRAPHY MERGING'  ? ?              ?       1 1 1 
2  'IMAGE ACQUISITION'        ? SerialEM       ?       ? ? 1 
3  MASKING                    ? ?              ?       ? ? ? 
4  'CTF CORRECTION'           ? cryoSPARC      3.1     1 ? ? 
5  'LAYERLINE INDEXING'       ? ?              ?       ? ? ? 
6  'DIFFRACTION INDEXING'     ? ?              ?       ? ? ? 
7  'MODEL FITTING'            ? 'UCSF Chimera' 1.13.1  ? 1 ? 
8  OTHER                      ? ?              ?       ? ? ? 
9  'INITIAL EULER ASSIGNMENT' ? ?              ?       1 ? ? 
10 'FINAL EULER ASSIGNMENT'   ? cryoSPARC      3.1     1 ? ? 
11 CLASSIFICATION             ? cryoSPARC      3.1     1 ? ? 
12 RECONSTRUCTION             ? cryoSPARC      3.1     1 ? ? 
13 'MODEL REFINEMENT'         ? PHENIX         1.13    ? 1 ? 
14 'MODEL REFINEMENT'         ? Coot           0.8.9.2 ? 1 ? 
# 
_em_specimen.id                      1 
_em_specimen.experiment_id           1 
_em_specimen.concentration           3.4 
_em_specimen.details                 'The sample was filled into nanofluidic channels.' 
_em_specimen.embedding_applied       NO 
_em_specimen.shadowing_applied       NO 
_em_specimen.staining_applied        NO 
_em_specimen.vitrification_applied   YES 
# 
loop_
_pdbx_audit_support.funding_organization 
_pdbx_audit_support.country 
_pdbx_audit_support.grant_number 
_pdbx_audit_support.ordinal 
'European Research Council (ERC)'                        'European Union' 852880            1 
'Netherlands Organisation for Scientific Research (NWO)' Netherlands      NWO.STU.018-2.007 2 
# 
_pdbx_initial_refinement_model.id               1 
_pdbx_initial_refinement_model.type             'experimental model' 
_pdbx_initial_refinement_model.source_name      PDB 
_pdbx_initial_refinement_model.accession_code   2X17 
# 
_atom_sites.entry_id                    7OHF 
_atom_sites.Cartn_transf_matrix[1][1]   ? 
_atom_sites.Cartn_transf_matrix[1][2]   ? 
_atom_sites.Cartn_transf_matrix[1][3]   ? 
_atom_sites.Cartn_transf_matrix[2][1]   ? 
_atom_sites.Cartn_transf_matrix[2][2]   ? 
_atom_sites.Cartn_transf_matrix[2][3]   ? 
_atom_sites.Cartn_transf_matrix[3][1]   ? 
_atom_sites.Cartn_transf_matrix[3][2]   ? 
_atom_sites.Cartn_transf_matrix[3][3]   ? 
_atom_sites.Cartn_transf_vector[1]      ? 
_atom_sites.Cartn_transf_vector[2]      ? 
_atom_sites.Cartn_transf_vector[3]      ? 
_atom_sites.fract_transf_matrix[1][1]   1.000000 
_atom_sites.fract_transf_matrix[1][2]   0.000000 
_atom_sites.fract_transf_matrix[1][3]   0.000000 
_atom_sites.fract_transf_matrix[2][1]   0.000000 
_atom_sites.fract_transf_matrix[2][2]   1.000000 
_atom_sites.fract_transf_matrix[2][3]   0.000000 
_atom_sites.fract_transf_matrix[3][1]   0.000000 
_atom_sites.fract_transf_matrix[3][2]   0.000000 
_atom_sites.fract_transf_matrix[3][3]   1.000000 
_atom_sites.fract_transf_vector[1]      0.00000 
_atom_sites.fract_transf_vector[2]      0.00000 
_atom_sites.fract_transf_vector[3]      0.00000 
_atom_sites.solution_primary            ? 
_atom_sites.solution_secondary          ? 
_atom_sites.solution_hydrogens          ? 
_atom_sites.special_details             ? 
# 
loop_
_atom_type.symbol 
C 
N 
O 
S 
# 
loop_
_atom_site.group_PDB 
_atom_site.id 
_atom_site.type_symbol 
_atom_site.label_atom_id 
_atom_site.label_alt_id 
_atom_site.label_comp_id 
_atom_site.label_asym_id 
_atom_site.label_entity_id 
_atom_site.label_seq_id 
_atom_site.pdbx_PDB_ins_code 
_atom_site.Cartn_x 
_atom_site.Cartn_y 
_atom_site.Cartn_z 
_atom_site.occupancy 
_atom_site.B_iso_or_equiv 
_atom_site.pdbx_formal_charge 
_atom_site.auth_seq_id 
_atom_site.auth_comp_id 
_atom_site.auth_asym_id 
_atom_site.auth_atom_id 
_atom_site.pdbx_PDB_model_num 
ATOM 1    N N   . MET A 1 3   ? -18.236 3.215   -21.239 1.00 62.47 ? 1   MET A N   1 
ATOM 2    C CA  . MET A 1 3   ? -17.176 2.255   -21.498 1.00 62.47 ? 1   MET A CA  1 
ATOM 3    C C   . MET A 1 3   ? -15.808 2.888   -21.318 1.00 62.47 ? 1   MET A C   1 
ATOM 4    O O   . MET A 1 3   ? -15.636 4.091   -21.484 1.00 62.47 ? 1   MET A O   1 
ATOM 5    C CB  . MET A 1 3   ? -17.306 1.678   -22.906 1.00 62.47 ? 1   MET A CB  1 
ATOM 6    C CG  . MET A 1 3   ? -17.092 2.678   -24.024 1.00 62.47 ? 1   MET A CG  1 
ATOM 7    S SD  . MET A 1 3   ? -17.398 1.962   -25.646 1.00 62.47 ? 1   MET A SD  1 
ATOM 8    C CE  . MET A 1 3   ? -19.190 1.884   -25.653 1.00 62.47 ? 1   MET A CE  1 
ATOM 9    N N   . LEU A 1 4   ? -14.835 2.062   -20.959 1.00 57.18 ? 2   LEU A N   1 
ATOM 10   C CA  . LEU A 1 4   ? -13.479 2.529   -20.728 1.00 57.18 ? 2   LEU A CA  1 
ATOM 11   C C   . LEU A 1 4   ? -12.692 2.511   -22.030 1.00 57.18 ? 2   LEU A C   1 
ATOM 12   O O   . LEU A 1 4   ? -12.749 1.538   -22.786 1.00 57.18 ? 2   LEU A O   1 
ATOM 13   C CB  . LEU A 1 4   ? -12.801 1.658   -19.676 1.00 57.18 ? 2   LEU A CB  1 
ATOM 14   C CG  . LEU A 1 4   ? -13.410 1.834   -18.294 1.00 57.18 ? 2   LEU A CG  1 
ATOM 15   C CD1 . LEU A 1 4   ? -12.897 0.801   -17.342 1.00 57.18 ? 2   LEU A CD1 1 
ATOM 16   C CD2 . LEU A 1 4   ? -13.070 3.211   -17.793 1.00 57.18 ? 2   LEU A CD2 1 
ATOM 17   N N   . SER A 1 5   ? -11.958 3.588   -22.290 1.00 59.08 ? 3   SER A N   1 
ATOM 18   C CA  . SER A 1 5   ? -11.130 3.637   -23.480 1.00 59.08 ? 3   SER A CA  1 
ATOM 19   C C   . SER A 1 5   ? -9.915  2.733   -23.308 1.00 59.08 ? 3   SER A C   1 
ATOM 20   O O   . SER A 1 5   ? -9.631  2.231   -22.220 1.00 59.08 ? 3   SER A O   1 
ATOM 21   C CB  . SER A 1 5   ? -10.693 5.066   -23.777 1.00 59.08 ? 3   SER A CB  1 
ATOM 22   O OG  . SER A 1 5   ? -9.819  5.542   -22.775 1.00 59.08 ? 3   SER A OG  1 
ATOM 23   N N   . GLU A 1 6   ? -9.191  2.529   -24.409 1.00 61.72 ? 4   GLU A N   1 
ATOM 24   C CA  . GLU A 1 6   ? -8.064  1.603   -24.402 1.00 61.72 ? 4   GLU A CA  1 
ATOM 25   C C   . GLU A 1 6   ? -6.899  2.140   -23.579 1.00 61.72 ? 4   GLU A C   1 
ATOM 26   O O   . GLU A 1 6   ? -6.163  1.357   -22.973 1.00 61.72 ? 4   GLU A O   1 
ATOM 27   C CB  . GLU A 1 6   ? -7.635  1.318   -25.838 1.00 61.72 ? 4   GLU A CB  1 
ATOM 28   C CG  . GLU A 1 6   ? -6.563  0.264   -26.003 1.00 61.72 ? 4   GLU A CG  1 
ATOM 29   C CD  . GLU A 1 6   ? -6.262  -0.010  -27.460 1.00 61.72 ? 4   GLU A CD  1 
ATOM 30   O OE1 . GLU A 1 6   ? -6.877  0.649   -28.321 1.00 61.72 ? 4   GLU A OE1 1 
ATOM 31   O OE2 . GLU A 1 6   ? -5.417  -0.883  -27.746 1.00 61.72 ? 4   GLU A OE2 1 
ATOM 32   N N   . ARG A 1 7   ? -6.736  3.457   -23.515 1.00 58.56 ? 5   ARG A N   1 
ATOM 33   C CA  . ARG A 1 7   ? -5.694  4.069   -22.706 1.00 58.56 ? 5   ARG A CA  1 
ATOM 34   C C   . ARG A 1 7   ? -6.079  4.213   -21.243 1.00 58.56 ? 5   ARG A C   1 
ATOM 35   O O   . ARG A 1 7   ? -5.194  4.398   -20.406 1.00 58.56 ? 5   ARG A O   1 
ATOM 36   C CB  . ARG A 1 7   ? -5.329  5.445   -23.255 1.00 58.56 ? 5   ARG A CB  1 
ATOM 37   C CG  . ARG A 1 7   ? -4.660  5.424   -24.604 1.00 58.56 ? 5   ARG A CG  1 
ATOM 38   C CD  . ARG A 1 7   ? -4.367  6.838   -25.072 1.00 58.56 ? 5   ARG A CD  1 
ATOM 39   N NE  . ARG A 1 7   ? -3.378  7.502   -24.229 1.00 58.56 ? 5   ARG A NE  1 
ATOM 40   C CZ  . ARG A 1 7   ? -3.645  8.521   -23.420 1.00 58.56 ? 5   ARG A CZ  1 
ATOM 41   N NH1 . ARG A 1 7   ? -4.876  9.002   -23.337 1.00 58.56 ? 5   ARG A NH1 1 
ATOM 42   N NH2 . ARG A 1 7   ? -2.678  9.057   -22.694 1.00 58.56 ? 5   ARG A NH2 1 
ATOM 43   N N   . MET A 1 8   ? -7.364  4.147   -20.909 1.00 56.13 ? 6   MET A N   1 
ATOM 44   C CA  . MET A 1 8   ? -7.777  4.191   -19.516 1.00 56.13 ? 6   MET A CA  1 
ATOM 45   C C   . MET A 1 8   ? -8.001  2.811   -18.931 1.00 56.13 ? 6   MET A C   1 
ATOM 46   O O   . MET A 1 8   ? -7.808  2.621   -17.732 1.00 56.13 ? 6   MET A O   1 
ATOM 47   C CB  . MET A 1 8   ? -9.056  5.022   -19.359 1.00 56.13 ? 6   MET A CB  1 
ATOM 48   C CG  . MET A 1 8   ? -9.326  5.462   -17.931 1.00 56.13 ? 6   MET A CG  1 
ATOM 49   S SD  . MET A 1 8   ? -8.035  6.599   -17.397 1.00 56.13 ? 6   MET A SD  1 
ATOM 50   C CE  . MET A 1 8   ? -7.925  6.244   -15.647 1.00 56.13 ? 6   MET A CE  1 
ATOM 51   N N   . LEU A 1 9   ? -8.376  1.836   -19.751 1.00 54.69 ? 7   LEU A N   1 
ATOM 52   C CA  . LEU A 1 9   ? -8.455  0.464   -19.273 1.00 54.69 ? 7   LEU A CA  1 
ATOM 53   C C   . LEU A 1 9   ? -7.072  -0.128  -19.062 1.00 54.69 ? 7   LEU A C   1 
ATOM 54   O O   . LEU A 1 9   ? -6.884  -0.956  -18.168 1.00 54.69 ? 7   LEU A O   1 
ATOM 55   C CB  . LEU A 1 9   ? -9.255  -0.384  -20.260 1.00 54.69 ? 7   LEU A CB  1 
ATOM 56   C CG  . LEU A 1 9   ? -9.586  -1.807  -19.852 1.00 54.69 ? 7   LEU A CG  1 
ATOM 57   C CD1 . LEU A 1 9   ? -10.385 -1.745  -18.591 1.00 54.69 ? 7   LEU A CD1 1 
ATOM 58   C CD2 . LEU A 1 9   ? -10.379 -2.475  -20.947 1.00 54.69 ? 7   LEU A CD2 1 
ATOM 59   N N   . LYS A 1 10  ? -6.092  0.297   -19.857 1.00 54.37 ? 8   LYS A N   1 
ATOM 60   C CA  . LYS A 1 10  ? -4.729  -0.171  -19.659 1.00 54.37 ? 8   LYS A CA  1 
ATOM 61   C C   . LYS A 1 10  ? -4.098  0.458   -18.426 1.00 54.37 ? 8   LYS A C   1 
ATOM 62   O O   . LYS A 1 10  ? -3.340  -0.207  -17.714 1.00 54.37 ? 8   LYS A O   1 
ATOM 63   C CB  . LYS A 1 10  ? -3.899  0.126   -20.903 1.00 54.37 ? 8   LYS A CB  1 
ATOM 64   C CG  . LYS A 1 10  ? -2.506  -0.454  -20.889 1.00 54.37 ? 8   LYS A CG  1 
ATOM 65   C CD  . LYS A 1 10  ? -1.790  -0.168  -22.190 1.00 54.37 ? 8   LYS A CD  1 
ATOM 66   C CE  . LYS A 1 10  ? -0.433  -0.842  -22.232 1.00 54.37 ? 8   LYS A CE  1 
ATOM 67   N NZ  . LYS A 1 10  ? 0.510   -0.254  -21.243 1.00 54.37 ? 8   LYS A NZ  1 
ATOM 68   N N   . ALA A 1 11  ? -4.410  1.720   -18.142 1.00 51.20 ? 9   ALA A N   1 
ATOM 69   C CA  . ALA A 1 11  ? -3.833  2.397   -16.989 1.00 51.20 ? 9   ALA A CA  1 
ATOM 70   C C   . ALA A 1 11  ? -4.545  2.070   -15.687 1.00 51.20 ? 9   ALA A C   1 
ATOM 71   O O   . ALA A 1 11  ? -3.933  2.185   -14.624 1.00 51.20 ? 9   ALA A O   1 
ATOM 72   C CB  . ALA A 1 11  ? -3.835  3.905   -17.214 1.00 51.20 ? 9   ALA A CB  1 
ATOM 73   N N   . LEU A 1 12  ? -5.817  1.677   -15.732 1.00 50.68 ? 10  LEU A N   1 
ATOM 74   C CA  . LEU A 1 12  ? -6.448  1.129   -14.538 1.00 50.68 ? 10  LEU A CA  1 
ATOM 75   C C   . LEU A 1 12  ? -5.973  -0.288  -14.246 1.00 50.68 ? 10  LEU A C   1 
ATOM 76   O O   . LEU A 1 12  ? -6.006  -0.719  -13.091 1.00 50.68 ? 10  LEU A O   1 
ATOM 77   C CB  . LEU A 1 12  ? -7.972  1.134   -14.674 1.00 50.68 ? 10  LEU A CB  1 
ATOM 78   C CG  . LEU A 1 12  ? -8.797  2.414   -14.601 1.00 50.68 ? 10  LEU A CG  1 
ATOM 79   C CD1 . LEU A 1 12  ? -10.225 2.087   -14.919 1.00 50.68 ? 10  LEU A CD1 1 
ATOM 80   C CD2 . LEU A 1 12  ? -8.722  3.038   -13.230 1.00 50.68 ? 10  LEU A CD2 1 
ATOM 81   N N   . ASN A 1 13  ? -5.553  -1.030  -15.275 1.00 52.11 ? 11  ASN A N   1 
ATOM 82   C CA  . ASN A 1 13  ? -4.986  -2.355  -15.060 1.00 52.11 ? 11  ASN A CA  1 
ATOM 83   C C   . ASN A 1 13  ? -3.557  -2.291  -14.555 1.00 52.11 ? 11  ASN A C   1 
ATOM 84   O O   . ASN A 1 13  ? -3.117  -3.206  -13.854 1.00 52.11 ? 11  ASN A O   1 
ATOM 85   C CB  . ASN A 1 13  ? -5.016  -3.173  -16.346 1.00 52.11 ? 11  ASN A CB  1 
ATOM 86   C CG  . ASN A 1 13  ? -6.377  -3.703  -16.663 1.00 52.11 ? 11  ASN A CG  1 
ATOM 87   O OD1 . ASN A 1 13  ? -7.115  -4.091  -15.771 1.00 52.11 ? 11  ASN A OD1 1 
ATOM 88   N ND2 . ASN A 1 13  ? -6.708  -3.762  -17.940 1.00 52.11 ? 11  ASN A ND2 1 
ATOM 89   N N   . ASP A 1 14  ? -2.811  -1.247  -14.922 1.00 50.80 ? 12  ASP A N   1 
ATOM 90   C CA  . ASP A 1 14  ? -1.467  -1.091  -14.383 1.00 50.80 ? 12  ASP A CA  1 
ATOM 91   C C   . ASP A 1 14  ? -1.500  -0.701  -12.920 1.00 50.80 ? 12  ASP A C   1 
ATOM 92   O O   . ASP A 1 14  ? -0.603  -1.075  -12.163 1.00 50.80 ? 12  ASP A O   1 
ATOM 93   C CB  . ASP A 1 14  ? -0.683  -0.050  -15.172 1.00 50.80 ? 12  ASP A CB  1 
ATOM 94   C CG  . ASP A 1 14  ? -0.296  -0.535  -16.545 1.00 50.80 ? 12  ASP A CG  1 
ATOM 95   O OD1 . ASP A 1 14  ? -0.223  -1.763  -16.745 1.00 50.80 ? 12  ASP A OD1 1 
ATOM 96   O OD2 . ASP A 1 14  ? -0.028  0.312   -17.420 1.00 50.80 ? 12  ASP A OD2 1 
ATOM 97   N N   . GLN A 1 15  ? -2.517  0.042   -12.503 1.00 48.19 ? 13  GLN A N   1 
ATOM 98   C CA  . GLN A 1 15  ? -2.614  0.435   -11.109 1.00 48.19 ? 13  GLN A CA  1 
ATOM 99   C C   . GLN A 1 15  ? -3.178  -0.686  -10.250 1.00 48.19 ? 13  GLN A C   1 
ATOM 100  O O   . GLN A 1 15  ? -2.852  -0.772  -9.069  1.00 48.19 ? 13  GLN A O   1 
ATOM 101  C CB  . GLN A 1 15  ? -3.446  1.708   -10.998 1.00 48.19 ? 13  GLN A CB  1 
ATOM 102  C CG  . GLN A 1 15  ? -3.530  2.298   -9.618  1.00 48.19 ? 13  GLN A CG  1 
ATOM 103  C CD  . GLN A 1 15  ? -2.195  2.702   -9.061  1.00 48.19 ? 13  GLN A CD  1 
ATOM 104  O OE1 . GLN A 1 15  ? -1.350  3.241   -9.767  1.00 48.19 ? 13  GLN A OE1 1 
ATOM 105  N NE2 . GLN A 1 15  ? -2.003  2.459   -7.774  1.00 48.19 ? 13  GLN A NE2 1 
ATOM 106  N N   . LEU A 1 16  ? -3.973  -1.584  -10.824 1.00 47.61 ? 14  LEU A N   1 
ATOM 107  C CA  . LEU A 1 16  ? -4.361  -2.785  -10.090 1.00 47.61 ? 14  LEU A CA  1 
ATOM 108  C C   . LEU A 1 16  ? -3.177  -3.724  -9.893  1.00 47.61 ? 14  LEU A C   1 
ATOM 109  O O   . LEU A 1 16  ? -3.171  -4.523  -8.956  1.00 47.61 ? 14  LEU A O   1 
ATOM 110  C CB  . LEU A 1 16  ? -5.508  -3.494  -10.817 1.00 47.61 ? 14  LEU A CB  1 
ATOM 111  C CG  . LEU A 1 16  ? -6.261  -4.658  -10.175 1.00 47.61 ? 14  LEU A CG  1 
ATOM 112  C CD1 . LEU A 1 16  ? -7.681  -4.591  -10.607 1.00 47.61 ? 14  LEU A CD1 1 
ATOM 113  C CD2 . LEU A 1 16  ? -5.706  -5.977  -10.617 1.00 47.61 ? 14  LEU A CD2 1 
ATOM 114  N N   . ASN A 1 17  ? -2.175  -3.651  -10.765 1.00 49.73 ? 15  ASN A N   1 
ATOM 115  C CA  . ASN A 1 17  ? -0.943  -4.392  -10.548 1.00 49.73 ? 15  ASN A CA  1 
ATOM 116  C C   . ASN A 1 17  ? -0.067  -3.721  -9.500  1.00 49.73 ? 15  ASN A C   1 
ATOM 117  O O   . ASN A 1 17  ? 0.717   -4.402  -8.834  1.00 49.73 ? 15  ASN A O   1 
ATOM 118  C CB  . ASN A 1 17  ? -0.177  -4.520  -11.862 1.00 49.73 ? 15  ASN A CB  1 
ATOM 119  C CG  . ASN A 1 17  ? 0.757   -5.716  -11.895 1.00 49.73 ? 15  ASN A CG  1 
ATOM 120  O OD1 . ASN A 1 17  ? 1.320   -6.031  -12.939 1.00 49.73 ? 15  ASN A OD1 1 
ATOM 121  N ND2 . ASN A 1 17  ? 0.896   -6.408  -10.775 1.00 49.73 ? 15  ASN A ND2 1 
ATOM 122  N N   . ARG A 1 18  ? -0.160  -2.400  -9.352  1.00 48.48 ? 16  ARG A N   1 
ATOM 123  C CA  . ARG A 1 18  ? 0.595   -1.720  -8.311  1.00 48.48 ? 16  ARG A CA  1 
ATOM 124  C C   . ARG A 1 18  ? -0.053  -1.838  -6.944  1.00 48.48 ? 16  ARG A C   1 
ATOM 125  O O   . ARG A 1 18  ? 0.641   -1.685  -5.939  1.00 48.48 ? 16  ARG A O   1 
ATOM 126  C CB  . ARG A 1 18  ? 0.764   -0.238  -8.625  1.00 48.48 ? 16  ARG A CB  1 
ATOM 127  C CG  . ARG A 1 18  ? 1.646   0.093   -9.796  1.00 48.48 ? 16  ARG A CG  1 
ATOM 128  C CD  . ARG A 1 18  ? 1.790   1.598   -9.885  1.00 48.48 ? 16  ARG A CD  1 
ATOM 129  N NE  . ARG A 1 18  ? 2.613   2.017   -11.009 1.00 48.48 ? 16  ARG A NE  1 
ATOM 130  C CZ  . ARG A 1 18  ? 2.130   2.384   -12.189 1.00 48.48 ? 16  ARG A CZ  1 
ATOM 131  N NH1 . ARG A 1 18  ? 0.824   2.399   -12.395 1.00 48.48 ? 16  ARG A NH1 1 
ATOM 132  N NH2 . ARG A 1 18  ? 2.953   2.752   -13.156 1.00 48.48 ? 16  ARG A NH2 1 
ATOM 133  N N   . GLU A 1 19  ? -1.360  -2.068  -6.873  1.00 46.40 ? 17  GLU A N   1 
ATOM 134  C CA  . GLU A 1 19  ? -1.989  -2.254  -5.575  1.00 46.40 ? 17  GLU A CA  1 
ATOM 135  C C   . GLU A 1 19  ? -1.850  -3.683  -5.078  1.00 46.40 ? 17  GLU A C   1 
ATOM 136  O O   . GLU A 1 19  ? -2.179  -3.950  -3.921  1.00 46.40 ? 17  GLU A O   1 
ATOM 137  C CB  . GLU A 1 19  ? -3.472  -1.878  -5.620  1.00 46.40 ? 17  GLU A CB  1 
ATOM 138  C CG  . GLU A 1 19  ? -3.803  -0.436  -6.029  1.00 46.40 ? 17  GLU A CG  1 
ATOM 139  C CD  . GLU A 1 19  ? -3.413  0.637   -5.031  1.00 46.40 ? 17  GLU A CD  1 
ATOM 140  O OE1 . GLU A 1 19  ? -3.445  0.377   -3.819  1.00 46.40 ? 17  GLU A OE1 1 
ATOM 141  O OE2 . GLU A 1 19  ? -3.097  1.762   -5.468  1.00 46.40 ? 17  GLU A OE2 1 
ATOM 142  N N   . LEU A 1 20  ? -1.385  -4.601  -5.922  1.00 45.63 ? 18  LEU A N   1 
ATOM 143  C CA  . LEU A 1 20  ? -1.054  -5.957  -5.510  1.00 45.63 ? 18  LEU A CA  1 
ATOM 144  C C   . LEU A 1 20  ? 0.435   -6.166  -5.324  1.00 45.63 ? 18  LEU A C   1 
ATOM 145  O O   . LEU A 1 20  ? 0.828   -7.077  -4.595  1.00 45.63 ? 18  LEU A O   1 
ATOM 146  C CB  . LEU A 1 20  ? -1.564  -6.977  -6.528  1.00 45.63 ? 18  LEU A CB  1 
ATOM 147  C CG  . LEU A 1 20  ? -3.068  -7.148  -6.689  1.00 45.63 ? 18  LEU A CG  1 
ATOM 148  C CD1 . LEU A 1 20  ? -3.336  -8.059  -7.852  1.00 45.63 ? 18  LEU A CD1 1 
ATOM 149  C CD2 . LEU A 1 20  ? -3.674  -7.712  -5.440  1.00 45.63 ? 18  LEU A CD2 1 
ATOM 150  N N   . TYR A 1 21  ? 1.277   -5.367  -5.979  1.00 47.03 ? 19  TYR A N   1 
ATOM 151  C CA  . TYR A 1 21  ? 2.684   -5.348  -5.608  1.00 47.03 ? 19  TYR A CA  1 
ATOM 152  C C   . TYR A 1 21  ? 2.903   -4.579  -4.311  1.00 47.03 ? 19  TYR A C   1 
ATOM 153  O O   . TYR A 1 21  ? 3.895   -4.816  -3.613  1.00 47.03 ? 19  TYR A O   1 
ATOM 154  C CB  . TYR A 1 21  ? 3.532   -4.758  -6.732  1.00 47.03 ? 19  TYR A CB  1 
ATOM 155  C CG  . TYR A 1 21  ? 4.992   -4.669  -6.370  1.00 47.03 ? 19  TYR A CG  1 
ATOM 156  C CD1 . TYR A 1 21  ? 5.774   -5.806  -6.288  1.00 47.03 ? 19  TYR A CD1 1 
ATOM 157  C CD2 . TYR A 1 21  ? 5.574   -3.452  -6.053  1.00 47.03 ? 19  TYR A CD2 1 
ATOM 158  C CE1 . TYR A 1 21  ? 7.098   -5.731  -5.931  1.00 47.03 ? 19  TYR A CE1 1 
ATOM 159  C CE2 . TYR A 1 21  ? 6.901   -3.371  -5.691  1.00 47.03 ? 19  TYR A CE2 1 
ATOM 160  C CZ  . TYR A 1 21  ? 7.654   -4.514  -5.634  1.00 47.03 ? 19  TYR A CZ  1 
ATOM 161  O OH  . TYR A 1 21  ? 8.976   -4.435  -5.282  1.00 47.03 ? 19  TYR A OH  1 
ATOM 162  N N   . SER A 1 22  ? 2.000   -3.657  -3.972  1.00 46.36 ? 20  SER A N   1 
ATOM 163  C CA  . SER A 1 22  ? 2.025   -3.043  -2.651  1.00 46.36 ? 20  SER A CA  1 
ATOM 164  C C   . SER A 1 22  ? 1.847   -4.094  -1.567  1.00 46.36 ? 20  SER A C   1 
ATOM 165  O O   . SER A 1 22  ? 2.688   -4.221  -0.678  1.00 46.36 ? 20  SER A O   1 
ATOM 166  C CB  . SER A 1 22  ? 0.942   -1.974  -2.546  1.00 46.36 ? 20  SER A CB  1 
ATOM 167  O OG  . SER A 1 22  ? 1.194   -0.895  -3.423  1.00 46.36 ? 20  SER A OG  1 
ATOM 168  N N   . ALA A 1 23  ? 0.802   -4.915  -1.680  1.00 46.31 ? 21  ALA A N   1 
ATOM 169  C CA  . ALA A 1 23  ? 0.539   -5.979  -0.717  1.00 46.31 ? 21  ALA A CA  1 
ATOM 170  C C   . ALA A 1 23  ? 1.586   -7.079  -0.746  1.00 46.31 ? 21  ALA A C   1 
ATOM 171  O O   . ALA A 1 23  ? 1.692   -7.836  0.216   1.00 46.31 ? 21  ALA A O   1 
ATOM 172  C CB  . ALA A 1 23  ? -0.831  -6.593  -0.972  1.00 46.31 ? 21  ALA A CB  1 
ATOM 173  N N   . TYR A 1 24  ? 2.344   -7.201  -1.823  1.00 46.90 ? 22  TYR A N   1 
ATOM 174  C CA  . TYR A 1 24  ? 3.438   -8.150  -1.880  1.00 46.90 ? 22  TYR A CA  1 
ATOM 175  C C   . TYR A 1 24  ? 4.755   -7.504  -1.481  1.00 46.90 ? 22  TYR A C   1 
ATOM 176  O O   . TYR A 1 24  ? 5.794   -8.163  -1.510  1.00 46.90 ? 22  TYR A O   1 
ATOM 177  C CB  . TYR A 1 24  ? 3.510   -8.751  -3.284  1.00 46.90 ? 22  TYR A CB  1 
ATOM 178  C CG  . TYR A 1 24  ? 4.309   -10.021 -3.406  1.00 46.90 ? 22  TYR A CG  1 
ATOM 179  C CD1 . TYR A 1 24  ? 3.892   -11.178 -2.775  1.00 46.90 ? 22  TYR A CD1 1 
ATOM 180  C CD2 . TYR A 1 24  ? 5.430   -10.083 -4.204  1.00 46.90 ? 22  TYR A CD2 1 
ATOM 181  C CE1 . TYR A 1 24  ? 4.602   -12.346 -2.901  1.00 46.90 ? 22  TYR A CE1 1 
ATOM 182  C CE2 . TYR A 1 24  ? 6.132   -11.247 -4.344  1.00 46.90 ? 22  TYR A CE2 1 
ATOM 183  C CZ  . TYR A 1 24  ? 5.723   -12.368 -3.686  1.00 46.90 ? 22  TYR A CZ  1 
ATOM 184  O OH  . TYR A 1 24  ? 6.457   -13.516 -3.840  1.00 46.90 ? 22  TYR A OH  1 
ATOM 185  N N   . LEU A 1 25  ? 4.729   -6.225  -1.112  1.00 47.45 ? 23  LEU A N   1 
ATOM 186  C CA  . LEU A 1 25  ? 5.850   -5.533  -0.489  1.00 47.45 ? 23  LEU A CA  1 
ATOM 187  C C   . LEU A 1 25  ? 5.695   -5.433  1.016   1.00 47.45 ? 23  LEU A C   1 
ATOM 188  O O   . LEU A 1 25  ? 6.666   -5.622  1.747   1.00 47.45 ? 23  LEU A O   1 
ATOM 189  C CB  . LEU A 1 25  ? 6.002   -4.132  -1.076  1.00 47.45 ? 23  LEU A CB  1 
ATOM 190  C CG  . LEU A 1 25  ? 7.124   -3.278  -0.505  1.00 47.45 ? 23  LEU A CG  1 
ATOM 191  C CD1 . LEU A 1 25  ? 8.448   -3.918  -0.782  1.00 47.45 ? 23  LEU A CD1 1 
ATOM 192  C CD2 . LEU A 1 25  ? 7.072   -1.901  -1.096  1.00 47.45 ? 23  LEU A CD2 1 
ATOM 193  N N   . TYR A 1 26  ? 4.479   -5.185  1.500   1.00 46.14 ? 24  TYR A N   1 
ATOM 194  C CA  . TYR A 1 26  ? 4.192   -5.206  2.925   1.00 46.14 ? 24  TYR A CA  1 
ATOM 195  C C   . TYR A 1 26  ? 4.145   -6.615  3.489   1.00 46.14 ? 24  TYR A C   1 
ATOM 196  O O   . TYR A 1 26  ? 3.984   -6.771  4.698   1.00 46.14 ? 24  TYR A O   1 
ATOM 197  C CB  . TYR A 1 26  ? 2.863   -4.516  3.218   1.00 46.14 ? 24  TYR A CB  1 
ATOM 198  C CG  . TYR A 1 26  ? 2.822   -3.046  2.884   1.00 46.14 ? 24  TYR A CG  1 
ATOM 199  C CD1 . TYR A 1 26  ? 3.524   -2.132  3.633   1.00 46.14 ? 24  TYR A CD1 1 
ATOM 200  C CD2 . TYR A 1 26  ? 2.025   -2.568  1.864   1.00 46.14 ? 24  TYR A CD2 1 
ATOM 201  C CE1 . TYR A 1 26  ? 3.481   -0.792  3.343   1.00 46.14 ? 24  TYR A CE1 1 
ATOM 202  C CE2 . TYR A 1 26  ? 1.976   -1.233  1.564   1.00 46.14 ? 24  TYR A CE2 1 
ATOM 203  C CZ  . TYR A 1 26  ? 2.705   -0.352  2.310   1.00 46.14 ? 24  TYR A CZ  1 
ATOM 204  O OH  . TYR A 1 26  ? 2.662   0.986   2.033   1.00 46.14 ? 24  TYR A OH  1 
ATOM 205  N N   . PHE A 1 27  ? 4.230   -7.631  2.645   1.00 48.30 ? 25  PHE A N   1 
ATOM 206  C CA  . PHE A 1 27  ? 4.402   -9.016  3.047   1.00 48.30 ? 25  PHE A CA  1 
ATOM 207  C C   . PHE A 1 27  ? 5.860   -9.447  2.956   1.00 48.30 ? 25  PHE A C   1 
ATOM 208  O O   . PHE A 1 27  ? 6.221   -10.509 3.464   1.00 48.30 ? 25  PHE A O   1 
ATOM 209  C CB  . PHE A 1 27  ? 3.491   -9.892  2.181   1.00 48.30 ? 25  PHE A CB  1 
ATOM 210  C CG  . PHE A 1 27  ? 3.459   -11.329 2.566   1.00 48.30 ? 25  PHE A CG  1 
ATOM 211  C CD1 . PHE A 1 27  ? 2.917   -11.721 3.772   1.00 48.30 ? 25  PHE A CD1 1 
ATOM 212  C CD2 . PHE A 1 27  ? 3.916   -12.300 1.692   1.00 48.30 ? 25  PHE A CD2 1 
ATOM 213  C CE1 . PHE A 1 27  ? 2.872   -13.058 4.122   1.00 48.30 ? 25  PHE A CE1 1 
ATOM 214  C CE2 . PHE A 1 27  ? 3.867   -13.640 2.031   1.00 48.30 ? 25  PHE A CE2 1 
ATOM 215  C CZ  . PHE A 1 27  ? 3.343   -14.018 3.246   1.00 48.30 ? 25  PHE A CZ  1 
ATOM 216  N N   . ALA A 1 28  ? 6.708   -8.627  2.339   1.00 48.85 ? 26  ALA A N   1 
ATOM 217  C CA  . ALA A 1 28  ? 8.150   -8.790  2.413   1.00 48.85 ? 26  ALA A CA  1 
ATOM 218  C C   . ALA A 1 28  ? 8.780   -7.935  3.493   1.00 48.85 ? 26  ALA A C   1 
ATOM 219  O O   . ALA A 1 28  ? 9.971   -8.094  3.770   1.00 48.85 ? 26  ALA A O   1 
ATOM 220  C CB  . ALA A 1 28  ? 8.797   -8.444  1.074   1.00 48.85 ? 26  ALA A CB  1 
ATOM 221  N N   . MET A 1 29  ? 8.023   -7.011  4.082   1.00 49.00 ? 27  MET A N   1 
ATOM 222  C CA  . MET A 1 29  ? 8.477   -6.326  5.280   1.00 49.00 ? 27  MET A CA  1 
ATOM 223  C C   . MET A 1 29  ? 8.053   -7.081  6.524   1.00 49.00 ? 27  MET A C   1 
ATOM 224  O O   . MET A 1 29  ? 8.793   -7.119  7.506   1.00 49.00 ? 27  MET A O   1 
ATOM 225  C CB  . MET A 1 29  ? 7.926   -4.906  5.328   1.00 49.00 ? 27  MET A CB  1 
ATOM 226  C CG  . MET A 1 29  ? 8.461   -4.025  4.251   1.00 49.00 ? 27  MET A CG  1 
ATOM 227  S SD  . MET A 1 29  ? 7.855   -2.339  4.247   1.00 49.00 ? 27  MET A SD  1 
ATOM 228  C CE  . MET A 1 29  ? 8.653   -1.746  2.765   1.00 49.00 ? 27  MET A CE  1 
ATOM 229  N N   . ALA A 1 30  ? 6.867   -7.688  6.497   1.00 48.84 ? 28  ALA A N   1 
ATOM 230  C CA  . ALA A 1 30  ? 6.442   -8.536  7.602   1.00 48.84 ? 28  ALA A CA  1 
ATOM 231  C C   . ALA A 1 30  ? 7.279   -9.796  7.689   1.00 48.84 ? 28  ALA A C   1 
ATOM 232  O O   . ALA A 1 30  ? 7.377   -10.396 8.758   1.00 48.84 ? 28  ALA A O   1 
ATOM 233  C CB  . ALA A 1 30  ? 4.971   -8.903  7.458   1.00 48.84 ? 28  ALA A CB  1 
ATOM 234  N N   . ALA A 1 31  ? 7.865   -10.230 6.578   1.00 50.13 ? 29  ALA A N   1 
ATOM 235  C CA  . ALA A 1 31  ? 8.834   -11.309 6.608   1.00 50.13 ? 29  ALA A CA  1 
ATOM 236  C C   . ALA A 1 31  ? 10.216  -10.820 6.995   1.00 50.13 ? 29  ALA A C   1 
ATOM 237  O O   . ALA A 1 31  ? 11.127  -11.636 7.136   1.00 50.13 ? 29  ALA A O   1 
ATOM 238  C CB  . ALA A 1 31  ? 8.895   -12.001 5.248   1.00 50.13 ? 29  ALA A CB  1 
ATOM 239  N N   . TYR A 1 32  ? 10.393  -9.508  7.143   1.00 54.04 ? 30  TYR A N   1 
ATOM 240  C CA  . TYR A 1 32  ? 11.643  -8.952  7.638   1.00 54.04 ? 30  TYR A CA  1 
ATOM 241  C C   . TYR A 1 32  ? 11.568  -8.631  9.120   1.00 54.04 ? 30  TYR A C   1 
ATOM 242  O O   . TYR A 1 32  ? 12.498  -8.947  9.866   1.00 54.04 ? 30  TYR A O   1 
ATOM 243  C CB  . TYR A 1 32  ? 12.010  -7.699  6.857   1.00 54.04 ? 30  TYR A CB  1 
ATOM 244  C CG  . TYR A 1 32  ? 13.189  -6.967  7.434   1.00 54.04 ? 30  TYR A CG  1 
ATOM 245  C CD1 . TYR A 1 32  ? 14.462  -7.500  7.345   1.00 54.04 ? 30  TYR A CD1 1 
ATOM 246  C CD2 . TYR A 1 32  ? 13.031  -5.732  8.052   1.00 54.04 ? 30  TYR A CD2 1 
ATOM 247  C CE1 . TYR A 1 32  ? 15.544  -6.835  7.873   1.00 54.04 ? 30  TYR A CE1 1 
ATOM 248  C CE2 . TYR A 1 32  ? 14.104  -5.063  8.579   1.00 54.04 ? 30  TYR A CE2 1 
ATOM 249  C CZ  . TYR A 1 32  ? 15.358  -5.619  8.486   1.00 54.04 ? 30  TYR A CZ  1 
ATOM 250  O OH  . TYR A 1 32  ? 16.440  -4.961  9.007   1.00 54.04 ? 30  TYR A OH  1 
ATOM 251  N N   . PHE A 1 33  ? 10.480  -7.997  9.563   1.00 51.97 ? 31  PHE A N   1 
ATOM 252  C CA  . PHE A 1 33  ? 10.346  -7.665  10.973  1.00 51.97 ? 31  PHE A CA  1 
ATOM 253  C C   . PHE A 1 33  ? 10.150  -8.893  11.840  1.00 51.97 ? 31  PHE A C   1 
ATOM 254  O O   . PHE A 1 33  ? 10.520  -8.869  13.015  1.00 51.97 ? 31  PHE A O   1 
ATOM 255  C CB  . PHE A 1 33  ? 9.179   -6.712  11.216  1.00 51.97 ? 31  PHE A CB  1 
ATOM 256  C CG  . PHE A 1 33  ? 9.372   -5.348  10.636  1.00 51.97 ? 31  PHE A CG  1 
ATOM 257  C CD1 . PHE A 1 33  ? 10.376  -4.528  11.094  1.00 51.97 ? 31  PHE A CD1 1 
ATOM 258  C CD2 . PHE A 1 33  ? 8.485   -4.847  9.716   1.00 51.97 ? 31  PHE A CD2 1 
ATOM 259  C CE1 . PHE A 1 33  ? 10.539  -3.269  10.579  1.00 51.97 ? 31  PHE A CE1 1 
ATOM 260  C CE2 . PHE A 1 33  ? 8.643   -3.588  9.206   1.00 51.97 ? 31  PHE A CE2 1 
ATOM 261  C CZ  . PHE A 1 33  ? 9.668   -2.800  9.637   1.00 51.97 ? 31  PHE A CZ  1 
ATOM 262  N N   . GLU A 1 34  ? 9.588   -9.961  11.295  1.00 50.82 ? 32  GLU A N   1 
ATOM 263  C CA  . GLU A 1 34  ? 9.393   -11.172 12.072  1.00 50.82 ? 32  GLU A CA  1 
ATOM 264  C C   . GLU A 1 34  ? 10.634  -12.051 12.051  1.00 50.82 ? 32  GLU A C   1 
ATOM 265  O O   . GLU A 1 34  ? 10.681  -13.066 12.750  1.00 50.82 ? 32  GLU A O   1 
ATOM 266  C CB  . GLU A 1 34  ? 8.161   -11.904 11.538  1.00 50.82 ? 32  GLU A CB  1 
ATOM 267  C CG  . GLU A 1 34  ? 7.459   -12.830 12.503  1.00 50.82 ? 32  GLU A CG  1 
ATOM 268  C CD  . GLU A 1 34  ? 6.094   -13.239 11.995  1.00 50.82 ? 32  GLU A CD  1 
ATOM 269  O OE1 . GLU A 1 34  ? 5.743   -12.835 10.873  1.00 50.82 ? 32  GLU A OE1 1 
ATOM 270  O OE2 . GLU A 1 34  ? 5.360   -13.936 12.722  1.00 50.82 ? 32  GLU A OE2 1 
ATOM 271  N N   . ASP A 1 35  ? 11.642  -11.672 11.269  1.00 53.81 ? 33  ASP A N   1 
ATOM 272  C CA  . ASP A 1 35  ? 12.970  -12.253 11.392  1.00 53.81 ? 33  ASP A CA  1 
ATOM 273  C C   . ASP A 1 35  ? 13.768  -11.604 12.512  1.00 53.81 ? 33  ASP A C   1 
ATOM 274  O O   . ASP A 1 35  ? 14.564  -12.278 13.172  1.00 53.81 ? 33  ASP A O   1 
ATOM 275  C CB  . ASP A 1 35  ? 13.711  -12.124 10.068  1.00 53.81 ? 33  ASP A CB  1 
ATOM 276  C CG  . ASP A 1 35  ? 15.102  -12.688 10.124  1.00 53.81 ? 33  ASP A CG  1 
ATOM 277  O OD1 . ASP A 1 35  ? 15.251  -13.922 10.204  1.00 53.81 ? 33  ASP A OD1 1 
ATOM 278  O OD2 . ASP A 1 35  ? 16.054  -11.886 10.070  1.00 53.81 ? 33  ASP A OD2 1 
ATOM 279  N N   . LEU A 1 36  ? 13.561  -10.311 12.751  1.00 53.84 ? 34  LEU A N   1 
ATOM 280  C CA  . LEU A 1 36  ? 14.177  -9.606  13.867  1.00 53.84 ? 34  LEU A CA  1 
ATOM 281  C C   . LEU A 1 36  ? 13.483  -9.873  15.193  1.00 53.84 ? 34  LEU A C   1 
ATOM 282  O O   . LEU A 1 36  ? 13.953  -9.388  16.223  1.00 53.84 ? 34  LEU A O   1 
ATOM 283  C CB  . LEU A 1 36  ? 14.173  -8.101  13.603  1.00 53.84 ? 34  LEU A CB  1 
ATOM 284  C CG  . LEU A 1 36  ? 15.012  -7.562  12.455  1.00 53.84 ? 34  LEU A CG  1 
ATOM 285  C CD1 . LEU A 1 36  ? 14.713  -6.097  12.259  1.00 53.84 ? 34  LEU A CD1 1 
ATOM 286  C CD2 . LEU A 1 36  ? 16.475  -7.775  12.751  1.00 53.84 ? 34  LEU A CD2 1 
ATOM 287  N N   . GLY A 1 37  ? 12.381  -10.611 15.196  1.00 53.62 ? 35  GLY A N   1 
ATOM 288  C CA  . GLY A 1 37  ? 11.632  -10.837 16.409  1.00 53.62 ? 35  GLY A CA  1 
ATOM 289  C C   . GLY A 1 37  ? 10.655  -9.744  16.759  1.00 53.62 ? 35  GLY A C   1 
ATOM 290  O O   . GLY A 1 37  ? 10.146  -9.731  17.884  1.00 53.62 ? 35  GLY A O   1 
ATOM 291  N N   . LEU A 1 38  ? 10.374  -8.831  15.829  1.00 54.47 ? 36  LEU A N   1 
ATOM 292  C CA  . LEU A 1 38  ? 9.486   -7.697  16.073  1.00 54.47 ? 36  LEU A CA  1 
ATOM 293  C C   . LEU A 1 38  ? 8.099   -8.069  15.570  1.00 54.47 ? 36  LEU A C   1 
ATOM 294  O O   . LEU A 1 38  ? 7.650   -7.624  14.521  1.00 54.47 ? 36  LEU A O   1 
ATOM 295  C CB  . LEU A 1 38  ? 10.017  -6.454  15.380  1.00 54.47 ? 36  LEU A CB  1 
ATOM 296  C CG  . LEU A 1 38  ? 11.349  -5.941  15.904  1.00 54.47 ? 36  LEU A CG  1 
ATOM 297  C CD1 . LEU A 1 38  ? 11.916  -4.915  14.968  1.00 54.47 ? 36  LEU A CD1 1 
ATOM 298  C CD2 . LEU A 1 38  ? 11.156  -5.340  17.268  1.00 54.47 ? 36  LEU A CD2 1 
ATOM 299  N N   . GLU A 1 39  ? 7.401   -8.882  16.356  1.00 56.48 ? 37  GLU A N   1 
ATOM 300  C CA  . GLU A 1 39  ? 6.104   -9.410  15.950  1.00 56.48 ? 37  GLU A CA  1 
ATOM 301  C C   . GLU A 1 39  ? 4.961   -8.424  16.138  1.00 56.48 ? 37  GLU A C   1 
ATOM 302  O O   . GLU A 1 39  ? 3.802   -8.820  15.988  1.00 56.48 ? 37  GLU A O   1 
ATOM 303  C CB  . GLU A 1 39  ? 5.796   -10.694 16.716  1.00 56.48 ? 37  GLU A CB  1 
ATOM 304  C CG  . GLU A 1 39  ? 6.750   -11.823 16.403  1.00 56.48 ? 37  GLU A CG  1 
ATOM 305  C CD  . GLU A 1 39  ? 6.389   -13.104 17.123  1.00 56.48 ? 37  GLU A CD  1 
ATOM 306  O OE1 . GLU A 1 39  ? 5.452   -13.080 17.947  1.00 56.48 ? 37  GLU A OE1 1 
ATOM 307  O OE2 . GLU A 1 39  ? 7.040   -14.138 16.859  1.00 56.48 ? 37  GLU A OE2 1 
ATOM 308  N N   . GLY A 1 40  ? 5.244   -7.174  16.483  1.00 54.72 ? 38  GLY A N   1 
ATOM 309  C CA  . GLY A 1 40  ? 4.236   -6.139  16.453  1.00 54.72 ? 38  GLY A CA  1 
ATOM 310  C C   . GLY A 1 40  ? 4.405   -5.279  15.223  1.00 54.72 ? 38  GLY A C   1 
ATOM 311  O O   . GLY A 1 40  ? 3.428   -4.756  14.687  1.00 54.72 ? 38  GLY A O   1 
ATOM 312  N N   . PHE A 1 41  ? 5.647   -5.108  14.774  1.00 56.10 ? 39  PHE A N   1 
ATOM 313  C CA  . PHE A 1 41  ? 5.867   -4.514  13.463  1.00 56.10 ? 39  PHE A CA  1 
ATOM 314  C C   . PHE A 1 41  ? 5.409   -5.453  12.360  1.00 56.10 ? 39  PHE A C   1 
ATOM 315  O O   . PHE A 1 41  ? 4.916   -5.007  11.321  1.00 56.10 ? 39  PHE A O   1 
ATOM 316  C CB  . PHE A 1 41  ? 7.341   -4.179  13.252  1.00 56.10 ? 39  PHE A CB  1 
ATOM 317  C CG  . PHE A 1 41  ? 7.830   -2.986  14.010  1.00 56.10 ? 39  PHE A CG  1 
ATOM 318  C CD1 . PHE A 1 41  ? 6.964   -2.127  14.650  1.00 56.10 ? 39  PHE A CD1 1 
ATOM 319  C CD2 . PHE A 1 41  ? 9.178   -2.701  14.037  1.00 56.10 ? 39  PHE A CD2 1 
ATOM 320  C CE1 . PHE A 1 41  ? 7.446   -1.031  15.331  1.00 56.10 ? 39  PHE A CE1 1 
ATOM 321  C CE2 . PHE A 1 41  ? 9.654   -1.607  14.707  1.00 56.10 ? 39  PHE A CE2 1 
ATOM 322  C CZ  . PHE A 1 41  ? 8.786   -0.773  15.354  1.00 56.10 ? 39  PHE A CZ  1 
ATOM 323  N N   . ALA A 1 42  ? 5.586   -6.757  12.559  1.00 52.58 ? 40  ALA A N   1 
ATOM 324  C CA  . ALA A 1 42  ? 5.189   -7.721  11.546  1.00 52.58 ? 40  ALA A CA  1 
ATOM 325  C C   . ALA A 1 42  ? 3.683   -7.870  11.472  1.00 52.58 ? 40  ALA A C   1 
ATOM 326  O O   . ALA A 1 42  ? 3.149   -8.156  10.402  1.00 52.58 ? 40  ALA A O   1 
ATOM 327  C CB  . ALA A 1 42  ? 5.834   -9.066  11.829  1.00 52.58 ? 40  ALA A CB  1 
ATOM 328  N N   . ASN A 1 43  ? 2.980   -7.699  12.586  1.00 53.57 ? 41  ASN A N   1 
ATOM 329  C CA  . ASN A 1 43  ? 1.526   -7.690  12.544  1.00 53.57 ? 41  ASN A CA  1 
ATOM 330  C C   . ASN A 1 43  ? 0.972   -6.359  12.075  1.00 53.57 ? 41  ASN A C   1 
ATOM 331  O O   . ASN A 1 43  ? -0.203  -6.291  11.717  1.00 53.57 ? 41  ASN A O   1 
ATOM 332  C CB  . ASN A 1 43  ? 0.938   -8.015  13.915  1.00 53.57 ? 41  ASN A CB  1 
ATOM 333  C CG  . ASN A 1 43  ? 1.126   -9.460  14.304  1.00 53.57 ? 41  ASN A CG  1 
ATOM 334  O OD1 . ASN A 1 43  ? 0.976   -10.357 13.482  1.00 53.57 ? 41  ASN A OD1 1 
ATOM 335  N ND2 . ASN A 1 43  ? 1.450   -9.694  15.567  1.00 53.57 ? 41  ASN A ND2 1 
ATOM 336  N N   . TRP A 1 44  ? 1.773   -5.296  12.094  1.00 53.41 ? 42  TRP A N   1 
ATOM 337  C CA  . TRP A 1 44  ? 1.343   -4.063  11.453  1.00 53.41 ? 42  TRP A CA  1 
ATOM 338  C C   . TRP A 1 44  ? 1.409   -4.204  9.944   1.00 53.41 ? 42  TRP A C   1 
ATOM 339  O O   . TRP A 1 44  ? 0.497   -3.775  9.233   1.00 53.41 ? 42  TRP A O   1 
ATOM 340  C CB  . TRP A 1 44  ? 2.210   -2.886  11.890  1.00 53.41 ? 42  TRP A CB  1 
ATOM 341  C CG  . TRP A 1 44  ? 1.628   -1.566  11.494  1.00 53.41 ? 42  TRP A CG  1 
ATOM 342  C CD1 . TRP A 1 44  ? 0.648   -0.884  12.141  1.00 53.41 ? 42  TRP A CD1 1 
ATOM 343  C CD2 . TRP A 1 44  ? 1.910   -0.825  10.306  1.00 53.41 ? 42  TRP A CD2 1 
ATOM 344  N NE1 . TRP A 1 44  ? 0.342   0.263   11.464  1.00 53.41 ? 42  TRP A NE1 1 
ATOM 345  C CE2 . TRP A 1 44  ? 1.100   0.318   10.327  1.00 53.41 ? 42  TRP A CE2 1 
ATOM 346  C CE3 . TRP A 1 44  ? 2.786   -1.008  9.237   1.00 53.41 ? 42  TRP A CE3 1 
ATOM 347  C CZ2 . TRP A 1 44  ? 1.137   1.270   9.322   1.00 53.41 ? 42  TRP A CZ2 1 
ATOM 348  C CZ3 . TRP A 1 44  ? 2.817   -0.059  8.238   1.00 53.41 ? 42  TRP A CZ3 1 
ATOM 349  C CH2 . TRP A 1 44  ? 2.002   1.062   8.288   1.00 53.41 ? 42  TRP A CH2 1 
ATOM 350  N N   . MET A 1 45  ? 2.480   -4.808  9.439   1.00 50.20 ? 43  MET A N   1 
ATOM 351  C CA  . MET A 1 45  ? 2.684   -4.912  8.004   1.00 50.20 ? 43  MET A CA  1 
ATOM 352  C C   . MET A 1 45  ? 1.738   -5.896  7.333   1.00 50.20 ? 43  MET A C   1 
ATOM 353  O O   . MET A 1 45  ? 1.331   -5.656  6.196   1.00 50.20 ? 43  MET A O   1 
ATOM 354  C CB  . MET A 1 45  ? 4.125   -5.307  7.719   1.00 50.20 ? 43  MET A CB  1 
ATOM 355  C CG  . MET A 1 45  ? 5.118   -4.221  7.976   1.00 50.20 ? 43  MET A CG  1 
ATOM 356  S SD  . MET A 1 45  ? 4.852   -2.914  6.786   1.00 50.20 ? 43  MET A SD  1 
ATOM 357  C CE  . MET A 1 45  ? 6.039   -1.709  7.323   1.00 50.20 ? 43  MET A CE  1 
ATOM 358  N N   . LYS A 1 46  ? 1.395   -7.007  7.992   1.00 50.01 ? 44  LYS A N   1 
ATOM 359  C CA  . LYS A 1 46  ? 0.434   -7.939  7.411   1.00 50.01 ? 44  LYS A CA  1 
ATOM 360  C C   . LYS A 1 46  ? -0.945  -7.322  7.310   1.00 50.01 ? 44  LYS A C   1 
ATOM 361  O O   . LYS A 1 46  ? -1.682  -7.615  6.366   1.00 50.01 ? 44  LYS A O   1 
ATOM 362  C CB  . LYS A 1 46  ? 0.319   -9.203  8.246   1.00 50.01 ? 44  LYS A CB  1 
ATOM 363  C CG  . LYS A 1 46  ? 1.516   -10.084 8.304   1.00 50.01 ? 44  LYS A CG  1 
ATOM 364  C CD  . LYS A 1 46  ? 1.186   -11.171 9.280   1.00 50.01 ? 44  LYS A CD  1 
ATOM 365  C CE  . LYS A 1 46  ? 2.379   -11.982 9.639   1.00 50.01 ? 44  LYS A CE  1 
ATOM 366  N NZ  . LYS A 1 46  ? 2.016   -12.977 10.677  1.00 50.01 ? 44  LYS A NZ  1 
ATOM 367  N N   . ALA A 1 47  ? -1.318  -6.486  8.274   1.00 51.66 ? 45  ALA A N   1 
ATOM 368  C CA  . ALA A 1 47  ? -2.605  -5.818  8.204   1.00 51.66 ? 45  ALA A CA  1 
ATOM 369  C C   . ALA A 1 47  ? -2.627  -4.747  7.132   1.00 51.66 ? 45  ALA A C   1 
ATOM 370  O O   . ALA A 1 47  ? -3.707  -4.387  6.659   1.00 51.66 ? 45  ALA A O   1 
ATOM 371  C CB  . ALA A 1 47  ? -2.959  -5.219  9.556   1.00 51.66 ? 45  ALA A CB  1 
ATOM 372  N N   . GLN A 1 48  ? -1.465  -4.232  6.730   1.00 50.27 ? 46  GLN A N   1 
ATOM 373  C CA  . GLN A 1 48  ? -1.417  -3.307  5.609   1.00 50.27 ? 46  GLN A CA  1 
ATOM 374  C C   . GLN A 1 48  ? -1.400  -4.052  4.280   1.00 50.27 ? 46  GLN A C   1 
ATOM 375  O O   . GLN A 1 48  ? -1.855  -3.520  3.266   1.00 50.27 ? 46  GLN A O   1 
ATOM 376  C CB  . GLN A 1 48  ? -0.205  -2.383  5.751   1.00 50.27 ? 46  GLN A CB  1 
ATOM 377  C CG  . GLN A 1 48  ? -0.132  -1.255  4.739   1.00 50.27 ? 46  GLN A CG  1 
ATOM 378  C CD  . GLN A 1 48  ? -1.311  -0.300  4.831   1.00 50.27 ? 46  GLN A CD  1 
ATOM 379  O OE1 . GLN A 1 48  ? -1.732  0.080   5.922   1.00 50.27 ? 46  GLN A OE1 1 
ATOM 380  N NE2 . GLN A 1 48  ? -1.854  0.084   3.682   1.00 50.27 ? 46  GLN A NE2 1 
ATOM 381  N N   . ALA A 1 49  ? -0.929  -5.295  4.268   1.00 49.04 ? 47  ALA A N   1 
ATOM 382  C CA  . ALA A 1 49  ? -0.995  -6.100  3.059   1.00 49.04 ? 47  ALA A CA  1 
ATOM 383  C C   . ALA A 1 49  ? -2.382  -6.662  2.806   1.00 49.04 ? 47  ALA A C   1 
ATOM 384  O O   . ALA A 1 49  ? -2.620  -7.219  1.736   1.00 49.04 ? 47  ALA A O   1 
ATOM 385  C CB  . ALA A 1 49  ? 0.011   -7.244  3.130   1.00 49.04 ? 47  ALA A CB  1 
ATOM 386  N N   . GLU A 1 50  ? -3.292  -6.552  3.762   1.00 51.16 ? 48  GLU A N   1 
ATOM 387  C CA  . GLU A 1 50  ? -4.686  -6.888  3.531   1.00 51.16 ? 48  GLU A CA  1 
ATOM 388  C C   . GLU A 1 50  ? -5.529  -5.663  3.229   1.00 51.16 ? 48  GLU A C   1 
ATOM 389  O O   . GLU A 1 50  ? -6.616  -5.805  2.666   1.00 51.16 ? 48  GLU A O   1 
ATOM 390  C CB  . GLU A 1 50  ? -5.262  -7.596  4.749   1.00 51.16 ? 48  GLU A CB  1 
ATOM 391  C CG  . GLU A 1 50  ? -4.545  -8.871  5.084   1.00 51.16 ? 48  GLU A CG  1 
ATOM 392  C CD  . GLU A 1 50  ? -4.971  -9.448  6.418   1.00 51.16 ? 48  GLU A CD  1 
ATOM 393  O OE1 . GLU A 1 50  ? -5.783  -8.807  7.115   1.00 51.16 ? 48  GLU A OE1 1 
ATOM 394  O OE2 . GLU A 1 50  ? -4.470  -10.532 6.784   1.00 51.16 ? 48  GLU A OE2 1 
ATOM 395  N N   . GLU A 1 51  ? -5.074  -4.474  3.626   1.00 51.59 ? 49  GLU A N   1 
ATOM 396  C CA  . GLU A 1 51  ? -5.688  -3.243  3.143   1.00 51.59 ? 49  GLU A CA  1 
ATOM 397  C C   . GLU A 1 51  ? -5.417  -3.054  1.661   1.00 51.59 ? 49  GLU A C   1 
ATOM 398  O O   . GLU A 1 51  ? -6.303  -2.644  0.910   1.00 51.59 ? 49  GLU A O   1 
ATOM 399  C CB  . GLU A 1 51  ? -5.153  -2.042  3.915   1.00 51.59 ? 49  GLU A CB  1 
ATOM 400  C CG  . GLU A 1 51  ? -5.538  -1.967  5.368   1.00 51.59 ? 49  GLU A CG  1 
ATOM 401  C CD  . GLU A 1 51  ? -6.979  -1.570  5.599   1.00 51.59 ? 49  GLU A CD  1 
ATOM 402  O OE1 . GLU A 1 51  ? -7.545  -0.840  4.758   1.00 51.59 ? 49  GLU A OE1 1 
ATOM 403  O OE2 . GLU A 1 51  ? -7.539  -1.959  6.646   1.00 51.59 ? 49  GLU A OE2 1 
ATOM 404  N N   . GLU A 1 52  ? -4.186  -3.321  1.227   1.00 47.53 ? 50  GLU A N   1 
ATOM 405  C CA  . GLU A 1 52  ? -3.819  -3.085  -0.161  1.00 47.53 ? 50  GLU A CA  1 
ATOM 406  C C   . GLU A 1 52  ? -4.411  -4.121  -1.101  1.00 47.53 ? 50  GLU A C   1 
ATOM 407  O O   . GLU A 1 52  ? -4.537  -3.844  -2.294  1.00 47.53 ? 50  GLU A O   1 
ATOM 408  C CB  . GLU A 1 52  ? -2.303  -3.057  -0.312  1.00 47.53 ? 50  GLU A CB  1 
ATOM 409  C CG  . GLU A 1 52  ? -1.620  -1.895  0.386   1.00 47.53 ? 50  GLU A CG  1 
ATOM 410  C CD  . GLU A 1 52  ? -1.845  -0.561  -0.304  1.00 47.53 ? 50  GLU A CD  1 
ATOM 411  O OE1 . GLU A 1 52  ? -1.959  -0.551  -1.541  1.00 47.53 ? 50  GLU A OE1 1 
ATOM 412  O OE2 . GLU A 1 52  ? -1.892  0.478   0.385   1.00 47.53 ? 50  GLU A OE2 1 
ATOM 413  N N   . ILE A 1 53  ? -4.769  -5.305  -0.608  1.00 44.94 ? 51  ILE A N   1 
ATOM 414  C CA  . ILE A 1 53  ? -5.570  -6.210  -1.425  1.00 44.94 ? 51  ILE A CA  1 
ATOM 415  C C   . ILE A 1 53  ? -6.972  -5.648  -1.592  1.00 44.94 ? 51  ILE A C   1 
ATOM 416  O O   . ILE A 1 53  ? -7.549  -5.695  -2.683  1.00 44.94 ? 51  ILE A O   1 
ATOM 417  C CB  . ILE A 1 53  ? -5.572  -7.627  -0.821  1.00 44.94 ? 51  ILE A CB  1 
ATOM 418  C CG1 . ILE A 1 53  ? -4.196  -8.260  -0.971  1.00 44.94 ? 51  ILE A CG1 1 
ATOM 419  C CG2 . ILE A 1 53  ? -6.594  -8.520  -1.474  1.00 44.94 ? 51  ILE A CG2 1 
ATOM 420  C CD1 . ILE A 1 53  ? -4.057  -9.548  -0.225  1.00 44.94 ? 51  ILE A CD1 1 
ATOM 421  N N   . GLY A 1 54  ? -7.507  -5.030  -0.541  1.00 46.22 ? 52  GLY A N   1 
ATOM 422  C CA  . GLY A 1 54  ? -8.788  -4.356  -0.634  1.00 46.22 ? 52  GLY A CA  1 
ATOM 423  C C   . GLY A 1 54  ? -8.783  -3.111  -1.496  1.00 46.22 ? 52  GLY A C   1 
ATOM 424  O O   . GLY A 1 54  ? -9.855  -2.632  -1.867  1.00 46.22 ? 52  GLY A O   1 
ATOM 425  N N   . HIS A 1 55  ? -7.609  -2.564  -1.811  1.00 46.34 ? 53  HIS A N   1 
ATOM 426  C CA  . HIS A 1 55  ? -7.534  -1.474  -2.774  1.00 46.34 ? 53  HIS A CA  1 
ATOM 427  C C   . HIS A 1 55  ? -7.567  -1.985  -4.201  1.00 46.34 ? 53  HIS A C   1 
ATOM 428  O O   . HIS A 1 55  ? -8.039  -1.279  -5.095  1.00 46.34 ? 53  HIS A O   1 
ATOM 429  C CB  . HIS A 1 55  ? -6.259  -0.660  -2.594  1.00 46.34 ? 53  HIS A CB  1 
ATOM 430  C CG  . HIS A 1 55  ? -6.191  0.107   -1.315  1.00 46.34 ? 53  HIS A CG  1 
ATOM 431  N ND1 . HIS A 1 55  ? -5.051  0.765   -0.911  1.00 46.34 ? 53  HIS A ND1 1 
ATOM 432  C CD2 . HIS A 1 55  ? -7.111  0.315   -0.346  1.00 46.34 ? 53  HIS A CD2 1 
ATOM 433  C CE1 . HIS A 1 55  ? -5.272  1.348   0.252   1.00 46.34 ? 53  HIS A CE1 1 
ATOM 434  N NE2 . HIS A 1 55  ? -6.515  1.091   0.617   1.00 46.34 ? 53  HIS A NE2 1 
ATOM 435  N N   . ALA A 1 56  ? -7.044  -3.184  -4.439  1.00 44.50 ? 54  ALA A N   1 
ATOM 436  C CA  . ALA A 1 56  ? -7.050  -3.769  -5.768  1.00 44.50 ? 54  ALA A CA  1 
ATOM 437  C C   . ALA A 1 56  ? -8.346  -4.486  -6.088  1.00 44.50 ? 54  ALA A C   1 
ATOM 438  O O   . ALA A 1 56  ? -8.563  -4.830  -7.249  1.00 44.50 ? 54  ALA A O   1 
ATOM 439  C CB  . ALA A 1 56  ? -5.888  -4.737  -5.923  1.00 44.50 ? 54  ALA A CB  1 
ATOM 440  N N   . LEU A 1 57  ? -9.199  -4.731  -5.098  1.00 44.57 ? 55  LEU A N   1 
ATOM 441  C CA  . LEU A 1 57  ? -10.557 -5.190  -5.351  1.00 44.57 ? 55  LEU A CA  1 
ATOM 442  C C   . LEU A 1 57  ? -11.523 -4.045  -5.567  1.00 44.57 ? 55  LEU A C   1 
ATOM 443  O O   . LEU A 1 57  ? -12.721 -4.289  -5.692  1.00 44.57 ? 55  LEU A O   1 
ATOM 444  C CB  . LEU A 1 57  ? -11.066 -6.054  -4.200  1.00 44.57 ? 55  LEU A CB  1 
ATOM 445  C CG  . LEU A 1 57  ? -10.424 -7.419  -3.977  1.00 44.57 ? 55  LEU A CG  1 
ATOM 446  C CD1 . LEU A 1 57  ? -10.958 -8.069  -2.716  1.00 44.57 ? 55  LEU A CD1 1 
ATOM 447  C CD2 . LEU A 1 57  ? -10.686 -8.297  -5.163  1.00 44.57 ? 55  LEU A CD2 1 
ATOM 448  N N   . ARG A 1 58  ? -11.042 -2.808  -5.584  1.00 45.84 ? 56  ARG A N   1 
ATOM 449  C CA  . ARG A 1 58  ? -11.837 -1.644  -5.940  1.00 45.84 ? 56  ARG A CA  1 
ATOM 450  C C   . ARG A 1 58  ? -11.586 -1.192  -7.362  1.00 45.84 ? 56  ARG A C   1 
ATOM 451  O O   . ARG A 1 58  ? -12.510 -0.734  -8.029  1.00 45.84 ? 56  ARG A O   1 
ATOM 452  C CB  . ARG A 1 58  ? -11.538 -0.486  -4.997  1.00 45.84 ? 56  ARG A CB  1 
ATOM 453  C CG  . ARG A 1 58  ? -11.944 -0.734  -3.585  1.00 45.84 ? 56  ARG A CG  1 
ATOM 454  C CD  . ARG A 1 58  ? -11.598 0.450   -2.748  1.00 45.84 ? 56  ARG A CD  1 
ATOM 455  N NE  . ARG A 1 58  ? -11.897 0.237   -1.344  1.00 45.84 ? 56  ARG A NE  1 
ATOM 456  C CZ  . ARG A 1 58  ? -13.059 0.537   -0.784  1.00 45.84 ? 56  ARG A CZ  1 
ATOM 457  N NH1 . ARG A 1 58  ? -14.034 1.069   -1.510  1.00 45.84 ? 56  ARG A NH1 1 
ATOM 458  N NH2 . ARG A 1 58  ? -13.241 0.309   0.506   1.00 45.84 ? 56  ARG A NH2 1 
ATOM 459  N N   . PHE A 1 59  ? -10.346 -1.285  -7.833  1.00 46.14 ? 57  PHE A N   1 
ATOM 460  C CA  . PHE A 1 59  ? -10.110 -1.169  -9.261  1.00 46.14 ? 57  PHE A CA  1 
ATOM 461  C C   . PHE A 1 59  ? -10.722 -2.339  -10.007 1.00 46.14 ? 57  PHE A C   1 
ATOM 462  O O   . PHE A 1 59  ? -11.139 -2.188  -11.154 1.00 46.14 ? 57  PHE A O   1 
ATOM 463  C CB  . PHE A 1 59  ? -8.617  -1.096  -9.549  1.00 46.14 ? 57  PHE A CB  1 
ATOM 464  C CG  . PHE A 1 59  ? -7.986  0.196   -9.151  1.00 46.14 ? 57  PHE A CG  1 
ATOM 465  C CD1 . PHE A 1 59  ? -8.015  1.279   -10.003 1.00 46.14 ? 57  PHE A CD1 1 
ATOM 466  C CD2 . PHE A 1 59  ? -7.372  0.331   -7.925  1.00 46.14 ? 57  PHE A CD2 1 
ATOM 467  C CE1 . PHE A 1 59  ? -7.435  2.469   -9.642  1.00 46.14 ? 57  PHE A CE1 1 
ATOM 468  C CE2 . PHE A 1 59  ? -6.795  1.516   -7.564  1.00 46.14 ? 57  PHE A CE2 1 
ATOM 469  C CZ  . PHE A 1 59  ? -6.836  2.587   -8.420  1.00 46.14 ? 57  PHE A CZ  1 
ATOM 470  N N   . TYR A 1 60  ? -10.784 -3.503  -9.369  1.00 49.44 ? 58  TYR A N   1 
ATOM 471  C CA  . TYR A 1 60  ? -11.344 -4.688  -10.004 1.00 49.44 ? 58  TYR A CA  1 
ATOM 472  C C   . TYR A 1 60  ? -12.852 -4.585  -10.155 1.00 49.44 ? 58  TYR A C   1 
ATOM 473  O O   . TYR A 1 60  ? -13.403 -4.967  -11.189 1.00 49.44 ? 58  TYR A O   1 
ATOM 474  C CB  . TYR A 1 60  ? -10.970 -5.904  -9.176  1.00 49.44 ? 58  TYR A CB  1 
ATOM 475  C CG  . TYR A 1 60  ? -11.547 -7.198  -9.633  1.00 49.44 ? 58  TYR A CG  1 
ATOM 476  C CD1 . TYR A 1 60  ? -10.964 -7.919  -10.654 1.00 49.44 ? 58  TYR A CD1 1 
ATOM 477  C CD2 . TYR A 1 60  ? -12.672 -7.713  -9.023  1.00 49.44 ? 58  TYR A CD2 1 
ATOM 478  C CE1 . TYR A 1 60  ? -11.493 -9.116  -11.053 1.00 49.44 ? 58  TYR A CE1 1 
ATOM 479  C CE2 . TYR A 1 60  ? -13.207 -8.883  -9.419  1.00 49.44 ? 58  TYR A CE2 1 
ATOM 480  C CZ  . TYR A 1 60  ? -12.619 -9.588  -10.428 1.00 49.44 ? 58  TYR A CZ  1 
ATOM 481  O OH  . TYR A 1 60  ? -13.181 -10.775 -10.801 1.00 49.44 ? 58  TYR A OH  1 
ATOM 482  N N   . ASN A 1 61  ? -13.542 -4.113  -9.124  1.00 48.66 ? 59  ASN A N   1 
ATOM 483  C CA  . ASN A 1 61  ? -14.982 -3.952  -9.215  1.00 48.66 ? 59  ASN A CA  1 
ATOM 484  C C   . ASN A 1 61  ? -15.376 -2.728  -10.015 1.00 48.66 ? 59  ASN A C   1 
ATOM 485  O O   . ASN A 1 61  ? -16.532 -2.627  -10.424 1.00 48.66 ? 59  ASN A O   1 
ATOM 486  C CB  . ASN A 1 61  ? -15.607 -3.864  -7.827  1.00 48.66 ? 59  ASN A CB  1 
ATOM 487  C CG  . ASN A 1 61  ? -15.524 -5.160  -7.076  1.00 48.66 ? 59  ASN A CG  1 
ATOM 488  O OD1 . ASN A 1 61  ? -15.626 -6.230  -7.662  1.00 48.66 ? 59  ASN A OD1 1 
ATOM 489  N ND2 . ASN A 1 61  ? -15.370 -5.076  -5.769  1.00 48.66 ? 59  ASN A ND2 1 
ATOM 490  N N   . TYR A 1 62  ? -14.457 -1.793  -10.241 1.00 46.68 ? 60  TYR A N   1 
ATOM 491  C CA  . TYR A 1 62  ? -14.773 -0.672  -11.109 1.00 46.68 ? 60  TYR A CA  1 
ATOM 492  C C   . TYR A 1 62  ? -14.623 -1.031  -12.576 1.00 46.68 ? 60  TYR A C   1 
ATOM 493  O O   . TYR A 1 62  ? -15.378 -0.525  -13.405 1.00 46.68 ? 60  TYR A O   1 
ATOM 494  C CB  . TYR A 1 62  ? -13.899 0.532   -10.784 1.00 46.68 ? 60  TYR A CB  1 
ATOM 495  C CG  . TYR A 1 62  ? -14.204 1.721   -11.655 1.00 46.68 ? 60  TYR A CG  1 
ATOM 496  C CD1 . TYR A 1 62  ? -15.365 2.446   -11.473 1.00 46.68 ? 60  TYR A CD1 1 
ATOM 497  C CD2 . TYR A 1 62  ? -13.337 2.111   -12.664 1.00 46.68 ? 60  TYR A CD2 1 
ATOM 498  C CE1 . TYR A 1 62  ? -15.655 3.516   -12.261 1.00 46.68 ? 60  TYR A CE1 1 
ATOM 499  C CE2 . TYR A 1 62  ? -13.624 3.180   -13.459 1.00 46.68 ? 60  TYR A CE2 1 
ATOM 500  C CZ  . TYR A 1 62  ? -14.780 3.879   -13.245 1.00 46.68 ? 60  TYR A CZ  1 
ATOM 501  O OH  . TYR A 1 62  ? -15.080 4.939   -14.043 1.00 46.68 ? 60  TYR A OH  1 
ATOM 502  N N   . ILE A 1 63  ? -13.661 -1.887  -12.919 1.00 48.67 ? 61  ILE A N   1 
ATOM 503  C CA  . ILE A 1 63  ? -13.498 -2.288  -14.311 1.00 48.67 ? 61  ILE A CA  1 
ATOM 504  C C   . ILE A 1 63  ? -14.663 -3.158  -14.764 1.00 48.67 ? 61  ILE A C   1 
ATOM 505  O O   . ILE A 1 63  ? -15.123 -3.048  -15.906 1.00 48.67 ? 61  ILE A O   1 
ATOM 506  C CB  . ILE A 1 63  ? -12.126 -2.965  -14.492 1.00 48.67 ? 61  ILE A CB  1 
ATOM 507  C CG1 . ILE A 1 63  ? -11.019 -1.922  -14.379 1.00 48.67 ? 61  ILE A CG1 1 
ATOM 508  C CG2 . ILE A 1 63  ? -11.995 -3.627  -15.830 1.00 48.67 ? 61  ILE A CG2 1 
ATOM 509  C CD1 . ILE A 1 63  ? -9.651  -2.497  -14.252 1.00 48.67 ? 61  ILE A CD1 1 
ATOM 510  N N   . TYR A 1 64  ? -15.217 -3.969  -13.878 1.00 50.23 ? 62  TYR A N   1 
ATOM 511  C CA  . TYR A 1 64  ? -16.387 -4.749  -14.245 1.00 50.23 ? 62  TYR A CA  1 
ATOM 512  C C   . TYR A 1 64  ? -17.706 -4.038  -13.980 1.00 50.23 ? 62  TYR A C   1 
ATOM 513  O O   . TYR A 1 64  ? -18.759 -4.601  -14.282 1.00 50.23 ? 62  TYR A O   1 
ATOM 514  C CB  . TYR A 1 64  ? -16.367 -6.104  -13.541 1.00 50.23 ? 62  TYR A CB  1 
ATOM 515  C CG  . TYR A 1 64  ? -15.333 -7.023  -14.125 1.00 50.23 ? 62  TYR A CG  1 
ATOM 516  C CD1 . TYR A 1 64  ? -15.508 -7.558  -15.385 1.00 50.23 ? 62  TYR A CD1 1 
ATOM 517  C CD2 . TYR A 1 64  ? -14.199 -7.370  -13.424 1.00 50.23 ? 62  TYR A CD2 1 
ATOM 518  C CE1 . TYR A 1 64  ? -14.575 -8.392  -15.939 1.00 50.23 ? 62  TYR A CE1 1 
ATOM 519  C CE2 . TYR A 1 64  ? -13.265 -8.212  -13.973 1.00 50.23 ? 62  TYR A CE2 1 
ATOM 520  C CZ  . TYR A 1 64  ? -13.462 -8.714  -15.229 1.00 50.23 ? 62  TYR A CZ  1 
ATOM 521  O OH  . TYR A 1 64  ? -12.544 -9.554  -15.792 1.00 50.23 ? 62  TYR A OH  1 
ATOM 522  N N   . ASP A 1 65  ? -17.690 -2.831  -13.415 1.00 49.19 ? 63  ASP A N   1 
ATOM 523  C CA  . ASP A 1 65  ? -18.876 -1.987  -13.491 1.00 49.19 ? 63  ASP A CA  1 
ATOM 524  C C   . ASP A 1 65  ? -18.915 -1.211  -14.789 1.00 49.19 ? 63  ASP A C   1 
ATOM 525  O O   . ASP A 1 65  ? -19.998 -0.925  -15.307 1.00 49.19 ? 63  ASP A O   1 
ATOM 526  C CB  . ASP A 1 65  ? -18.945 -0.999  -12.327 1.00 49.19 ? 63  ASP A CB  1 
ATOM 527  C CG  . ASP A 1 65  ? -19.434 -1.630  -11.050 1.00 49.19 ? 63  ASP A CG  1 
ATOM 528  O OD1 . ASP A 1 65  ? -20.170 -2.634  -11.121 1.00 49.19 ? 63  ASP A OD1 1 
ATOM 529  O OD2 . ASP A 1 65  ? -19.111 -1.101  -9.968  1.00 49.19 ? 63  ASP A OD2 1 
ATOM 530  N N   . ARG A 1 66  ? -17.753 -0.865  -15.329 1.00 49.76 ? 64  ARG A N   1 
ATOM 531  C CA  . ARG A 1 66  ? -17.655 -0.066  -16.535 1.00 49.76 ? 64  ARG A CA  1 
ATOM 532  C C   . ARG A 1 66  ? -17.469 -0.917  -17.776 1.00 49.76 ? 64  ARG A C   1 
ATOM 533  O O   . ARG A 1 66  ? -17.096 -0.381  -18.825 1.00 49.76 ? 64  ARG A O   1 
ATOM 534  C CB  . ARG A 1 66  ? -16.516 0.926   -16.392 1.00 49.76 ? 64  ARG A CB  1 
ATOM 535  C CG  . ARG A 1 66  ? -16.734 1.830   -15.233 1.00 49.76 ? 64  ARG A CG  1 
ATOM 536  C CD  . ARG A 1 66  ? -17.843 2.792   -15.503 1.00 49.76 ? 64  ARG A CD  1 
ATOM 537  N NE  . ARG A 1 66  ? -17.443 3.728   -16.536 1.00 49.76 ? 64  ARG A NE  1 
ATOM 538  C CZ  . ARG A 1 66  ? -18.288 4.483   -17.214 1.00 49.76 ? 64  ARG A CZ  1 
ATOM 539  N NH1 . ARG A 1 66  ? -19.584 4.404   -16.965 1.00 49.76 ? 64  ARG A NH1 1 
ATOM 540  N NH2 . ARG A 1 66  ? -17.832 5.314   -18.136 1.00 49.76 ? 64  ARG A NH2 1 
ATOM 541  N N   . ASN A 1 67  ? -17.715 -2.225  -17.657 1.00 54.22 ? 65  ASN A N   1 
ATOM 542  C CA  . ASN A 1 67  ? -17.669 -3.192  -18.755 1.00 54.22 ? 65  ASN A CA  1 
ATOM 543  C C   . ASN A 1 67  ? -16.285 -3.206  -19.407 1.00 54.22 ? 65  ASN A C   1 
ATOM 544  O O   . ASN A 1 67  ? -16.121 -2.895  -20.587 1.00 54.22 ? 65  ASN A O   1 
ATOM 545  C CB  . ASN A 1 67  ? -18.786 -2.920  -19.770 1.00 54.22 ? 65  ASN A CB  1 
ATOM 546  C CG  . ASN A 1 67  ? -19.050 -4.089  -20.699 1.00 54.22 ? 65  ASN A CG  1 
ATOM 547  O OD1 . ASN A 1 67  ? -18.388 -5.121  -20.636 1.00 54.22 ? 65  ASN A OD1 1 
ATOM 548  N ND2 . ASN A 1 67  ? -20.037 -3.931  -21.563 1.00 54.22 ? 65  ASN A ND2 1 
ATOM 549  N N   . GLY A 1 68  ? -15.279 -3.532  -18.607 1.00 52.95 ? 66  GLY A N   1 
ATOM 550  C CA  . GLY A 1 68  ? -13.924 -3.682  -19.073 1.00 52.95 ? 66  GLY A CA  1 
ATOM 551  C C   . GLY A 1 68  ? -13.441 -5.111  -18.954 1.00 52.95 ? 66  GLY A C   1 
ATOM 552  O O   . GLY A 1 68  ? -14.224 -6.066  -18.954 1.00 52.95 ? 66  GLY A O   1 
ATOM 553  N N   . ARG A 1 69  ? -12.124 -5.260  -18.846 1.00 54.34 ? 67  ARG A N   1 
ATOM 554  C CA  . ARG A 1 69  ? -11.509 -6.570  -18.702 1.00 54.34 ? 67  ARG A CA  1 
ATOM 555  C C   . ARG A 1 69  ? -10.210 -6.405  -17.929 1.00 54.34 ? 67  ARG A C   1 
ATOM 556  O O   . ARG A 1 69  ? -9.351  -5.613  -18.322 1.00 54.34 ? 67  ARG A O   1 
ATOM 557  C CB  . ARG A 1 69  ? -11.243 -7.203  -20.069 1.00 54.34 ? 67  ARG A CB  1 
ATOM 558  C CG  . ARG A 1 69  ? -10.727 -8.624  -20.027 1.00 54.34 ? 67  ARG A CG  1 
ATOM 559  C CD  . ARG A 1 69  ? -11.800 -9.571  -19.544 1.00 54.34 ? 67  ARG A CD  1 
ATOM 560  N NE  . ARG A 1 69  ? -11.392 -10.966 -19.627 1.00 54.34 ? 67  ARG A NE  1 
ATOM 561  C CZ  . ARG A 1 69  ? -10.771 -11.621 -18.660 1.00 54.34 ? 67  ARG A CZ  1 
ATOM 562  N NH1 . ARG A 1 69  ? -10.496 -11.015 -17.521 1.00 54.34 ? 67  ARG A NH1 1 
ATOM 563  N NH2 . ARG A 1 69  ? -10.440 -12.889 -18.826 1.00 54.34 ? 67  ARG A NH2 1 
ATOM 564  N N   . VAL A 1 70  ? -10.073 -7.150  -16.839 1.00 52.47 ? 68  VAL A N   1 
ATOM 565  C CA  . VAL A 1 70  ? -8.903  -7.064  -15.976 1.00 52.47 ? 68  VAL A CA  1 
ATOM 566  C C   . VAL A 1 70  ? -7.838  -8.022  -16.488 1.00 52.47 ? 68  VAL A C   1 
ATOM 567  O O   . VAL A 1 70  ? -8.094  -9.218  -16.655 1.00 52.47 ? 68  VAL A O   1 
ATOM 568  C CB  . VAL A 1 70  ? -9.273  -7.378  -14.520 1.00 52.47 ? 68  VAL A CB  1 
ATOM 569  C CG1 . VAL A 1 70  ? -8.037  -7.455  -13.655 1.00 52.47 ? 68  VAL A CG1 1 
ATOM 570  C CG2 . VAL A 1 70  ? -10.205 -6.327  -13.996 1.00 52.47 ? 68  VAL A CG2 1 
ATOM 571  N N   . GLU A 1 71  ? -6.645  -7.499  -16.744 1.00 55.14 ? 69  GLU A N   1 
ATOM 572  C CA  . GLU A 1 71  ? -5.490  -8.308  -17.102 1.00 55.14 ? 69  GLU A CA  1 
ATOM 573  C C   . GLU A 1 71  ? -4.485  -8.284  -15.963 1.00 55.14 ? 69  GLU A C   1 
ATOM 574  O O   . GLU A 1 71  ? -4.160  -7.220  -15.430 1.00 55.14 ? 69  GLU A O   1 
ATOM 575  C CB  . GLU A 1 71  ? -4.829  -7.808  -18.383 1.00 55.14 ? 69  GLU A CB  1 
ATOM 576  C CG  . GLU A 1 71  ? -3.668  -8.669  -18.840 1.00 55.14 ? 69  GLU A CG  1 
ATOM 577  C CD  . GLU A 1 71  ? -3.083  -8.220  -20.161 1.00 55.14 ? 69  GLU A CD  1 
ATOM 578  O OE1 . GLU A 1 71  ? -3.562  -7.209  -20.716 1.00 55.14 ? 69  GLU A OE1 1 
ATOM 579  O OE2 . GLU A 1 71  ? -2.148  -8.885  -20.650 1.00 55.14 ? 69  GLU A OE2 1 
ATOM 580  N N   . LEU A 1 72  ? -3.996  -9.464  -15.598 1.00 52.46 ? 70  LEU A N   1 
ATOM 581  C CA  . LEU A 1 72  ? -3.070  -9.644  -14.488 1.00 52.46 ? 70  LEU A CA  1 
ATOM 582  C C   . LEU A 1 72  ? -1.692  -9.935  -15.060 1.00 52.46 ? 70  LEU A C   1 
ATOM 583  O O   . LEU A 1 72  ? -1.515  -10.925 -15.774 1.00 52.46 ? 70  LEU A O   1 
ATOM 584  C CB  . LEU A 1 72  ? -3.536  -10.782 -13.589 1.00 52.46 ? 70  LEU A CB  1 
ATOM 585  C CG  . LEU A 1 72  ? -4.895  -10.563 -12.936 1.00 52.46 ? 70  LEU A CG  1 
ATOM 586  C CD1 . LEU A 1 72  ? -5.285  -11.776 -12.130 1.00 52.46 ? 70  LEU A CD1 1 
ATOM 587  C CD2 . LEU A 1 72  ? -4.864  -9.331  -12.068 1.00 52.46 ? 70  LEU A CD2 1 
ATOM 588  N N   . ASP A 1 73  ? -0.725  -9.078  -14.765 1.00 53.50 ? 71  ASP A N   1 
ATOM 589  C CA  . ASP A 1 73  ? 0.649   -9.304  -15.178 1.00 53.50 ? 71  ASP A CA  1 
ATOM 590  C C   . ASP A 1 73  ? 1.398   -9.998  -14.045 1.00 53.50 ? 71  ASP A C   1 
ATOM 591  O O   . ASP A 1 73  ? 0.802   -10.423 -13.055 1.00 53.50 ? 71  ASP A O   1 
ATOM 592  C CB  . ASP A 1 73  ? 1.313   -7.992  -15.569 1.00 53.50 ? 71  ASP A CB  1 
ATOM 593  C CG  . ASP A 1 73  ? 0.741   -7.407  -16.830 1.00 53.50 ? 71  ASP A CG  1 
ATOM 594  O OD1 . ASP A 1 73  ? 0.300   -8.185  -17.700 1.00 53.50 ? 71  ASP A OD1 1 
ATOM 595  O OD2 . ASP A 1 73  ? 0.726   -6.163  -16.945 1.00 53.50 ? 71  ASP A OD2 1 
ATOM 596  N N   . GLU A 1 74  ? 2.716   -10.112 -14.164 1.00 53.65 ? 72  GLU A N   1 
ATOM 597  C CA  . GLU A 1 74  ? 3.494   -10.737 -13.107 1.00 53.65 ? 72  GLU A CA  1 
ATOM 598  C C   . GLU A 1 74  ? 3.845   -9.724  -12.031 1.00 53.65 ? 72  GLU A C   1 
ATOM 599  O O   . GLU A 1 74  ? 4.064   -8.543  -12.310 1.00 53.65 ? 72  GLU A O   1 
ATOM 600  C CB  . GLU A 1 74  ? 4.761   -11.391 -13.662 1.00 53.65 ? 72  GLU A CB  1 
ATOM 601  C CG  . GLU A 1 74  ? 5.776   -10.477 -14.292 1.00 53.65 ? 72  GLU A CG  1 
ATOM 602  C CD  . GLU A 1 74  ? 6.979   -11.241 -14.807 1.00 53.65 ? 72  GLU A CD  1 
ATOM 603  O OE1 . GLU A 1 74  ? 7.021   -12.475 -14.630 1.00 53.65 ? 72  GLU A OE1 1 
ATOM 604  O OE2 . GLU A 1 74  ? 7.878   -10.610 -15.401 1.00 53.65 ? 72  GLU A OE2 1 
ATOM 605  N N   . ILE A 1 75  ? 3.864   -10.188 -10.790 1.00 48.57 ? 73  ILE A N   1 
ATOM 606  C CA  . ILE A 1 75  ? 4.228   -9.361  -9.645  1.00 48.57 ? 73  ILE A CA  1 
ATOM 607  C C   . ILE A 1 75  ? 5.712   -9.569  -9.375  1.00 48.57 ? 73  ILE A C   1 
ATOM 608  O O   . ILE A 1 75  ? 6.110   -10.696 -9.056  1.00 48.57 ? 73  ILE A O   1 
ATOM 609  C CB  . ILE A 1 75  ? 3.396   -9.730  -8.418  1.00 48.57 ? 73  ILE A CB  1 
ATOM 610  C CG1 . ILE A 1 75  ? 1.928   -9.445  -8.674  1.00 48.57 ? 73  ILE A CG1 1 
ATOM 611  C CG2 . ILE A 1 75  ? 3.872   -8.975  -7.227  1.00 48.57 ? 73  ILE A CG2 1 
ATOM 612  C CD1 . ILE A 1 75  ? 1.045   -10.018 -7.632  1.00 48.57 ? 73  ILE A CD1 1 
ATOM 613  N N   . PRO A 1 76  ? 6.549   -8.541  -9.469  1.00 50.28 ? 74  PRO A N   1 
ATOM 614  C CA  . PRO A 1 76  ? 8.002   -8.731  -9.425  1.00 50.28 ? 74  PRO A CA  1 
ATOM 615  C C   . PRO A 1 76  ? 8.500   -9.073  -8.025  1.00 50.28 ? 74  PRO A C   1 
ATOM 616  O O   . PRO A 1 76  ? 7.740   -9.124  -7.068  1.00 50.28 ? 74  PRO A O   1 
ATOM 617  C CB  . PRO A 1 76  ? 8.536   -7.379  -9.891  1.00 50.28 ? 74  PRO A CB  1 
ATOM 618  C CG  . PRO A 1 76  ? 7.487   -6.419  -9.503  1.00 50.28 ? 74  PRO A CG  1 
ATOM 619  C CD  . PRO A 1 76  ? 6.186   -7.128  -9.662  1.00 50.28 ? 74  PRO A CD  1 
ATOM 620  N N   . LYS A 1 77  ? 9.804   -9.309  -7.922  1.00 51.64 ? 75  LYS A N   1 
ATOM 621  C CA  . LYS A 1 77  ? 10.395  -9.678  -6.641  1.00 51.64 ? 75  LYS A CA  1 
ATOM 622  C C   . LYS A 1 77  ? 10.542  -8.455  -5.752  1.00 51.64 ? 75  LYS A C   1 
ATOM 623  O O   . LYS A 1 77  ? 11.197  -7.487  -6.151  1.00 51.64 ? 75  LYS A O   1 
ATOM 624  C CB  . LYS A 1 77  ? 11.755  -10.327 -6.827  1.00 51.64 ? 75  LYS A CB  1 
ATOM 625  C CG  . LYS A 1 77  ? 12.373  -10.771 -5.516  1.00 51.64 ? 75  LYS A CG  1 
ATOM 626  C CD  . LYS A 1 77  ? 13.703  -11.470 -5.682  1.00 51.64 ? 75  LYS A CD  1 
ATOM 627  C CE  . LYS A 1 77  ? 14.252  -11.832 -4.314  1.00 51.64 ? 75  LYS A CE  1 
ATOM 628  N NZ  . LYS A 1 77  ? 15.579  -12.487 -4.377  1.00 51.64 ? 75  LYS A NZ  1 
ATOM 629  N N   . PRO A 1 78  ? 9.974   -8.455  -4.553  1.00 50.99 ? 76  PRO A N   1 
ATOM 630  C CA  . PRO A 1 78  ? 10.146  -7.331  -3.652  1.00 50.99 ? 76  PRO A CA  1 
ATOM 631  C C   . PRO A 1 78  ? 11.513  -7.390  -3.001  1.00 50.99 ? 76  PRO A C   1 
ATOM 632  O O   . PRO A 1 78  ? 12.181  -8.435  -3.061  1.00 50.99 ? 76  PRO A O   1 
ATOM 633  C CB  . PRO A 1 78  ? 9.024   -7.541  -2.629  1.00 50.99 ? 76  PRO A CB  1 
ATOM 634  C CG  . PRO A 1 78  ? 8.869   -8.990  -2.583  1.00 50.99 ? 76  PRO A CG  1 
ATOM 635  C CD  . PRO A 1 78  ? 9.130   -9.496  -3.962  1.00 50.99 ? 76  PRO A CD  1 
ATOM 636  N N   . PRO A 1 79  ? 11.988  -6.292  -2.414  1.00 54.65 ? 77  PRO A N   1 
ATOM 637  C CA  . PRO A 1 79  ? 13.262  -6.343  -1.692  1.00 54.65 ? 77  PRO A CA  1 
ATOM 638  C C   . PRO A 1 79  ? 13.175  -7.252  -0.479  1.00 54.65 ? 77  PRO A C   1 
ATOM 639  O O   . PRO A 1 79  ? 12.131  -7.357  0.163   1.00 54.65 ? 77  PRO A O   1 
ATOM 640  C CB  . PRO A 1 79  ? 13.498  -4.886  -1.294  1.00 54.65 ? 77  PRO A CB  1 
ATOM 641  C CG  . PRO A 1 79  ? 12.752  -4.110  -2.302  1.00 54.65 ? 77  PRO A CG  1 
ATOM 642  C CD  . PRO A 1 79  ? 11.536  -4.906  -2.609  1.00 54.65 ? 77  PRO A CD  1 
ATOM 643  N N   . LYS A 1 80  ? 14.278  -7.936  -0.192  1.00 55.98 ? 78  LYS A N   1 
ATOM 644  C CA  . LYS A 1 80  ? 14.300  -8.922  0.881   1.00 55.98 ? 78  LYS A CA  1 
ATOM 645  C C   . LYS A 1 80  ? 14.585  -8.283  2.238   1.00 55.98 ? 78  LYS A C   1 
ATOM 646  O O   . LYS A 1 80  ? 13.760  -8.359  3.154   1.00 55.98 ? 78  LYS A O   1 
ATOM 647  C CB  . LYS A 1 80  ? 15.338  -9.999  0.565   1.00 55.98 ? 78  LYS A CB  1 
ATOM 648  C CG  . LYS A 1 80  ? 15.420  -11.092 1.602   1.00 55.98 ? 78  LYS A CG  1 
ATOM 649  C CD  . LYS A 1 80  ? 16.403  -12.162 1.199   1.00 55.98 ? 78  LYS A CD  1 
ATOM 650  C CE  . LYS A 1 80  ? 16.589  -13.149 2.318   1.00 55.98 ? 78  LYS A CE  1 
ATOM 651  N NZ  . LYS A 1 80  ? 15.316  -13.854 2.569   1.00 55.98 ? 78  LYS A NZ  1 
ATOM 652  N N   . GLU A 1 81  ? 15.744  -7.644  2.373   1.00 59.69 ? 79  GLU A N   1 
ATOM 653  C CA  . GLU A 1 81  ? 16.202  -7.107  3.643   1.00 59.69 ? 79  GLU A CA  1 
ATOM 654  C C   . GLU A 1 81  ? 16.561  -5.638  3.494   1.00 59.69 ? 79  GLU A C   1 
ATOM 655  O O   . GLU A 1 81  ? 16.977  -5.180  2.428   1.00 59.69 ? 79  GLU A O   1 
ATOM 656  C CB  . GLU A 1 81  ? 17.421  -7.874  4.169   1.00 59.69 ? 79  GLU A CB  1 
ATOM 657  C CG  . GLU A 1 81  ? 17.134  -9.300  4.601   1.00 59.69 ? 79  GLU A CG  1 
ATOM 658  C CD  . GLU A 1 81  ? 18.369  -10.008 5.122   1.00 59.69 ? 79  GLU A CD  1 
ATOM 659  O OE1 . GLU A 1 81  ? 19.468  -9.431  5.016   1.00 59.69 ? 79  GLU A OE1 1 
ATOM 660  O OE2 . GLU A 1 81  ? 18.245  -11.136 5.641   1.00 59.69 ? 79  GLU A OE2 1 
ATOM 661  N N   . TRP A 1 82  ? 16.400  -4.904  4.589   1.00 58.59 ? 80  TRP A N   1 
ATOM 662  C CA  . TRP A 1 82  ? 16.826  -3.520  4.700   1.00 58.59 ? 80  TRP A CA  1 
ATOM 663  C C   . TRP A 1 82  ? 17.843  -3.419  5.828   1.00 58.59 ? 80  TRP A C   1 
ATOM 664  O O   . TRP A 1 82  ? 18.037  -4.362  6.599   1.00 58.59 ? 80  TRP A O   1 
ATOM 665  C CB  . TRP A 1 82  ? 15.634  -2.589  4.945   1.00 58.59 ? 80  TRP A CB  1 
ATOM 666  C CG  . TRP A 1 82  ? 14.721  -2.476  3.762   1.00 58.59 ? 80  TRP A CG  1 
ATOM 667  C CD1 . TRP A 1 82  ? 14.807  -1.571  2.744   1.00 58.59 ? 80  TRP A CD1 1 
ATOM 668  C CD2 . TRP A 1 82  ? 13.588  -3.298  3.467   1.00 58.59 ? 80  TRP A CD2 1 
ATOM 669  N NE1 . TRP A 1 82  ? 13.800  -1.779  1.838   1.00 58.59 ? 80  TRP A NE1 1 
ATOM 670  C CE2 . TRP A 1 82  ? 13.038  -2.833  2.261   1.00 58.59 ? 80  TRP A CE2 1 
ATOM 671  C CE3 . TRP A 1 82  ? 12.987  -4.382  4.106   1.00 58.59 ? 80  TRP A CE3 1 
ATOM 672  C CZ2 . TRP A 1 82  ? 11.923  -3.412  1.688   1.00 58.59 ? 80  TRP A CZ2 1 
ATOM 673  C CZ3 . TRP A 1 82  ? 11.883  -4.952  3.532   1.00 58.59 ? 80  TRP A CZ3 1 
ATOM 674  C CH2 . TRP A 1 82  ? 11.365  -4.473  2.333   1.00 58.59 ? 80  TRP A CH2 1 
ATOM 675  N N   . GLU A 1 83  ? 18.510  -2.267  5.920   1.00 62.65 ? 81  GLU A N   1 
ATOM 676  C CA  . GLU A 1 83  ? 19.585  -2.112  6.892   1.00 62.65 ? 81  GLU A CA  1 
ATOM 677  C C   . GLU A 1 83  ? 19.095  -1.983  8.324   1.00 62.65 ? 81  GLU A C   1 
ATOM 678  O O   . GLU A 1 83  ? 19.846  -2.316  9.246   1.00 62.65 ? 81  GLU A O   1 
ATOM 679  C CB  . GLU A 1 83  ? 20.450  -0.898  6.558   1.00 62.65 ? 81  GLU A CB  1 
ATOM 680  C CG  . GLU A 1 83  ? 21.372  -1.091  5.374   1.00 62.65 ? 81  GLU A CG  1 
ATOM 681  C CD  . GLU A 1 83  ? 22.265  0.111   5.138   1.00 62.65 ? 81  GLU A CD  1 
ATOM 682  O OE1 . GLU A 1 83  ? 22.044  1.151   5.792   1.00 62.65 ? 81  GLU A OE1 1 
ATOM 683  O OE2 . GLU A 1 83  ? 23.199  0.010   4.315   1.00 62.65 ? 81  GLU A OE2 1 
ATOM 684  N N   . SER A 1 84  ? 17.867  -1.528  8.534   1.00 57.80 ? 82  SER A N   1 
ATOM 685  C CA  . SER A 1 84  ? 17.361  -1.254  9.870   1.00 57.80 ? 82  SER A CA  1 
ATOM 686  C C   . SER A 1 84  ? 15.850  -1.149  9.787   1.00 57.80 ? 82  SER A C   1 
ATOM 687  O O   . SER A 1 84  ? 15.302  -0.990  8.695   1.00 57.80 ? 82  SER A O   1 
ATOM 688  C CB  . SER A 1 84  ? 17.965  0.043   10.431  1.00 57.80 ? 82  SER A CB  1 
ATOM 689  O OG  . SER A 1 84  ? 17.565  1.157   9.660   1.00 57.80 ? 82  SER A OG  1 
ATOM 690  N N   . PRO A 1 85  ? 15.141  -1.232  10.919  1.00 56.42 ? 83  PRO A N   1 
ATOM 691  C CA  . PRO A 1 85  ? 13.702  -0.930  10.895  1.00 56.42 ? 83  PRO A CA  1 
ATOM 692  C C   . PRO A 1 85  ? 13.368  0.527   10.619  1.00 56.42 ? 83  PRO A C   1 
ATOM 693  O O   . PRO A 1 85  ? 12.186  0.839   10.446  1.00 56.42 ? 83  PRO A O   1 
ATOM 694  C CB  . PRO A 1 85  ? 13.232  -1.345  12.290  1.00 56.42 ? 83  PRO A CB  1 
ATOM 695  C CG  . PRO A 1 85  ? 14.192  -2.370  12.710  1.00 56.42 ? 83  PRO A CG  1 
ATOM 696  C CD  . PRO A 1 85  ? 15.512  -1.943  12.154  1.00 56.42 ? 83  PRO A CD  1 
ATOM 697  N N   . LEU A 1 86  ? 14.346  1.432   10.595  1.00 58.72 ? 84  LEU A N   1 
ATOM 698  C CA  . LEU A 1 86  ? 14.091  2.772   10.080  1.00 58.72 ? 84  LEU A CA  1 
ATOM 699  C C   . LEU A 1 86  ? 14.014  2.764   8.562   1.00 58.72 ? 84  LEU A C   1 
ATOM 700  O O   . LEU A 1 86  ? 13.088  3.334   7.975   1.00 58.72 ? 84  LEU A O   1 
ATOM 701  C CB  . LEU A 1 86  ? 15.179  3.737   10.543  1.00 58.72 ? 84  LEU A CB  1 
ATOM 702  C CG  . LEU A 1 86  ? 15.027  5.149   9.991   1.00 58.72 ? 84  LEU A CG  1 
ATOM 703  C CD1 . LEU A 1 86  ? 13.791  5.801   10.558  1.00 58.72 ? 84  LEU A CD1 1 
ATOM 704  C CD2 . LEU A 1 86  ? 16.264  5.982   10.247  1.00 58.72 ? 84  LEU A CD2 1 
ATOM 705  N N   . LYS A 1 87  ? 14.980  2.118   7.906   1.00 56.00 ? 85  LYS A N   1 
ATOM 706  C CA  . LYS A 1 87  ? 15.021  2.075   6.451   1.00 56.00 ? 85  LYS A CA  1 
ATOM 707  C C   . LYS A 1 87  ? 13.927  1.204   5.855   1.00 56.00 ? 85  LYS A C   1 
ATOM 708  O O   . LYS A 1 87  ? 13.666  1.300   4.654   1.00 56.00 ? 85  LYS A O   1 
ATOM 709  C CB  . LYS A 1 87  ? 16.374  1.560   5.982   1.00 56.00 ? 85  LYS A CB  1 
ATOM 710  C CG  . LYS A 1 87  ? 17.549  2.424   6.342   1.00 56.00 ? 85  LYS A CG  1 
ATOM 711  C CD  . LYS A 1 87  ? 17.608  3.653   5.480   1.00 56.00 ? 85  LYS A CD  1 
ATOM 712  C CE  . LYS A 1 87  ? 18.888  4.426   5.736   1.00 56.00 ? 85  LYS A CE  1 
ATOM 713  N NZ  . LYS A 1 87  ? 18.990  5.662   4.911   1.00 56.00 ? 85  LYS A NZ  1 
ATOM 714  N N   . ALA A 1 88  ? 13.301  0.342   6.651   1.00 54.55 ? 86  ALA A N   1 
ATOM 715  C CA  . ALA A 1 88  ? 12.160  -0.425  6.183   1.00 54.55 ? 86  ALA A CA  1 
ATOM 716  C C   . ALA A 1 88  ? 10.864  0.366   6.227   1.00 54.55 ? 86  ALA A C   1 
ATOM 717  O O   . ALA A 1 88  ? 9.852   -0.112  5.714   1.00 54.55 ? 86  ALA A O   1 
ATOM 718  C CB  . ALA A 1 88  ? 12.007  -1.700  7.006   1.00 54.55 ? 86  ALA A CB  1 
ATOM 719  N N   . PHE A 1 89  ? 10.860  1.539   6.855   1.00 55.23 ? 87  PHE A N   1 
ATOM 720  C CA  . PHE A 1 89  ? 9.742   2.466   6.777   1.00 55.23 ? 87  PHE A CA  1 
ATOM 721  C C   . PHE A 1 89  ? 10.022  3.670   5.901   1.00 55.23 ? 87  PHE A C   1 
ATOM 722  O O   . PHE A 1 89  ? 9.073   4.277   5.402   1.00 55.23 ? 87  PHE A O   1 
ATOM 723  C CB  . PHE A 1 89  ? 9.340   2.953   8.168   1.00 55.23 ? 87  PHE A CB  1 
ATOM 724  C CG  . PHE A 1 89  ? 8.431   2.017   8.899   1.00 55.23 ? 87  PHE A CG  1 
ATOM 725  C CD1 . PHE A 1 89  ? 7.064   2.084   8.702   1.00 55.23 ? 87  PHE A CD1 1 
ATOM 726  C CD2 . PHE A 1 89  ? 8.934   1.077   9.776   1.00 55.23 ? 87  PHE A CD2 1 
ATOM 727  C CE1 . PHE A 1 89  ? 6.213   1.240   9.371   1.00 55.23 ? 87  PHE A CE1 1 
ATOM 728  C CE2 . PHE A 1 89  ? 8.090   0.223   10.445  1.00 55.23 ? 87  PHE A CE2 1 
ATOM 729  C CZ  . PHE A 1 89  ? 6.729   0.307   10.239  1.00 55.23 ? 87  PHE A CZ  1 
ATOM 730  N N   . GLU A 1 90  ? 11.287  4.033   5.698   1.00 57.22 ? 88  GLU A N   1 
ATOM 731  C CA  . GLU A 1 90  ? 11.604  5.018   4.674   1.00 57.22 ? 88  GLU A CA  1 
ATOM 732  C C   . GLU A 1 90  ? 11.404  4.450   3.280   1.00 57.22 ? 88  GLU A C   1 
ATOM 733  O O   . GLU A 1 90  ? 11.222  5.211   2.327   1.00 57.22 ? 88  GLU A O   1 
ATOM 734  C CB  . GLU A 1 90  ? 13.038  5.514   4.818   1.00 57.22 ? 88  GLU A CB  1 
ATOM 735  C CG  . GLU A 1 90  ? 13.287  6.366   6.031   1.00 57.22 ? 88  GLU A CG  1 
ATOM 736  C CD  . GLU A 1 90  ? 14.711  6.874   6.091   1.00 57.22 ? 88  GLU A CD  1 
ATOM 737  O OE1 . GLU A 1 90  ? 15.530  6.454   5.250   1.00 57.22 ? 88  GLU A OE1 1 
ATOM 738  O OE2 . GLU A 1 90  ? 15.011  7.701   6.976   1.00 57.22 ? 88  GLU A OE2 1 
ATOM 739  N N   . ALA A 1 91  ? 11.453  3.128   3.138   1.00 54.06 ? 89  ALA A N   1 
ATOM 740  C CA  . ALA A 1 91  ? 11.162  2.479   1.873   1.00 54.06 ? 89  ALA A CA  1 
ATOM 741  C C   . ALA A 1 91  ? 9.698   2.108   1.722   1.00 54.06 ? 89  ALA A C   1 
ATOM 742  O O   . ALA A 1 91  ? 9.275   1.759   0.619   1.00 54.06 ? 89  ALA A O   1 
ATOM 743  C CB  . ALA A 1 91  ? 12.024  1.229   1.714   1.00 54.06 ? 89  ALA A CB  1 
ATOM 744  N N   . ALA A 1 92  ? 8.922   2.148   2.803   1.00 52.14 ? 90  ALA A N   1 
ATOM 745  C CA  . ALA A 1 92  ? 7.477   2.018   2.684   1.00 52.14 ? 90  ALA A CA  1 
ATOM 746  C C   . ALA A 1 92  ? 6.807   3.370   2.547   1.00 52.14 ? 90  ALA A C   1 
ATOM 747  O O   . ALA A 1 92  ? 5.671   3.443   2.078   1.00 52.14 ? 90  ALA A O   1 
ATOM 748  C CB  . ALA A 1 92  ? 6.894   1.290   3.890   1.00 52.14 ? 90  ALA A CB  1 
ATOM 749  N N   . TYR A 1 93  ? 7.476   4.441   2.971   1.00 52.75 ? 91  TYR A N   1 
ATOM 750  C CA  . TYR A 1 93  ? 6.952   5.779   2.742   1.00 52.75 ? 91  TYR A CA  1 
ATOM 751  C C   . TYR A 1 93  ? 7.346   6.307   1.372   1.00 52.75 ? 91  TYR A C   1 
ATOM 752  O O   . TYR A 1 93  ? 6.586   7.069   0.768   1.00 52.75 ? 91  TYR A O   1 
ATOM 753  C CB  . TYR A 1 93  ? 7.429   6.729   3.840   1.00 52.75 ? 91  TYR A CB  1 
ATOM 754  C CG  . TYR A 1 93  ? 6.937   8.138   3.680   1.00 52.75 ? 91  TYR A CG  1 
ATOM 755  C CD1 . TYR A 1 93  ? 5.604   8.456   3.893   1.00 52.75 ? 91  TYR A CD1 1 
ATOM 756  C CD2 . TYR A 1 93  ? 7.805   9.156   3.320   1.00 52.75 ? 91  TYR A CD2 1 
ATOM 757  C CE1 . TYR A 1 93  ? 5.145   9.745   3.740   1.00 52.75 ? 91  TYR A CE1 1 
ATOM 758  C CE2 . TYR A 1 93  ? 7.357   10.450  3.167   1.00 52.75 ? 91  TYR A CE2 1 
ATOM 759  C CZ  . TYR A 1 93  ? 6.026   10.736  3.379   1.00 52.75 ? 91  TYR A CZ  1 
ATOM 760  O OH  . TYR A 1 93  ? 5.578   12.025  3.229   1.00 52.75 ? 91  TYR A OH  1 
ATOM 761  N N   . GLU A 1 94  ? 8.513   5.912   0.861   1.00 51.75 ? 92  GLU A N   1 
ATOM 762  C CA  . GLU A 1 94  ? 8.863   6.238   -0.515  1.00 51.75 ? 92  GLU A CA  1 
ATOM 763  C C   . GLU A 1 94  ? 7.982   5.477   -1.493  1.00 51.75 ? 92  GLU A C   1 
ATOM 764  O O   . GLU A 1 94  ? 7.729   5.951   -2.604  1.00 51.75 ? 92  GLU A O   1 
ATOM 765  C CB  . GLU A 1 94  ? 10.338  5.924   -0.763  1.00 51.75 ? 92  GLU A CB  1 
ATOM 766  C CG  . GLU A 1 94  ? 10.896  6.392   -2.096  1.00 51.75 ? 92  GLU A CG  1 
ATOM 767  C CD  . GLU A 1 94  ? 12.349  5.990   -2.297  1.00 51.75 ? 92  GLU A CD  1 
ATOM 768  O OE1 . GLU A 1 94  ? 12.908  5.306   -1.414  1.00 51.75 ? 92  GLU A OE1 1 
ATOM 769  O OE2 . GLU A 1 94  ? 12.935  6.358   -3.338  1.00 51.75 ? 92  GLU A OE2 1 
ATOM 770  N N   . HIS A 1 95  ? 7.493   4.308   -1.091  1.00 51.45 ? 93  HIS A N   1 
ATOM 771  C CA  . HIS A 1 95  ? 6.564   3.552   -1.914  1.00 51.45 ? 93  HIS A CA  1 
ATOM 772  C C   . HIS A 1 95  ? 5.167   4.155   -1.897  1.00 51.45 ? 93  HIS A C   1 
ATOM 773  O O   . HIS A 1 95  ? 4.483   4.131   -2.921  1.00 51.45 ? 93  HIS A O   1 
ATOM 774  C CB  . HIS A 1 95  ? 6.519   2.106   -1.438  1.00 51.45 ? 93  HIS A CB  1 
ATOM 775  C CG  . HIS A 1 95  ? 5.646   1.225   -2.267  1.00 51.45 ? 93  HIS A CG  1 
ATOM 776  N ND1 . HIS A 1 95  ? 6.013   0.783   -3.518  1.00 51.45 ? 93  HIS A ND1 1 
ATOM 777  C CD2 . HIS A 1 95  ? 4.425   0.700   -2.024  1.00 51.45 ? 93  HIS A CD2 1 
ATOM 778  C CE1 . HIS A 1 95  ? 5.051   0.026   -4.013  1.00 51.45 ? 93  HIS A CE1 1 
ATOM 779  N NE2 . HIS A 1 95  ? 4.077   -0.039  -3.127  1.00 51.45 ? 93  HIS A NE2 1 
ATOM 780  N N   . GLU A 1 96  ? 4.724   4.704   -0.767  1.00 51.61 ? 94  GLU A N   1 
ATOM 781  C CA  . GLU A 1 96  ? 3.421   5.357   -0.723  1.00 51.61 ? 94  GLU A CA  1 
ATOM 782  C C   . GLU A 1 96  ? 3.413   6.720   -1.395  1.00 51.61 ? 94  GLU A C   1 
ATOM 783  O O   . GLU A 1 96  ? 2.334   7.259   -1.644  1.00 51.61 ? 94  GLU A O   1 
ATOM 784  C CB  . GLU A 1 96  ? 2.942   5.508   0.715   1.00 51.61 ? 94  GLU A CB  1 
ATOM 785  C CG  . GLU A 1 96  ? 2.524   4.218   1.358   1.00 51.61 ? 94  GLU A CG  1 
ATOM 786  C CD  . GLU A 1 96  ? 1.270   3.648   0.744   1.00 51.61 ? 94  GLU A CD  1 
ATOM 787  O OE1 . GLU A 1 96  ? 0.400   4.432   0.330   1.00 51.61 ? 94  GLU A OE1 1 
ATOM 788  O OE2 . GLU A 1 96  ? 1.149   2.410   0.671   1.00 51.61 ? 94  GLU A OE2 1 
ATOM 789  N N   . LYS A 1 97  ? 4.575   7.300   -1.667  1.00 51.34 ? 95  LYS A N   1 
ATOM 790  C CA  . LYS A 1 97  ? 4.648   8.462   -2.536  1.00 51.34 ? 95  LYS A CA  1 
ATOM 791  C C   . LYS A 1 97  ? 4.793   8.081   -3.999  1.00 51.34 ? 95  LYS A C   1 
ATOM 792  O O   . LYS A 1 97  ? 4.705   8.956   -4.863  1.00 51.34 ? 95  LYS A O   1 
ATOM 793  C CB  . LYS A 1 97  ? 5.813   9.368   -2.141  1.00 51.34 ? 95  LYS A CB  1 
ATOM 794  C CG  . LYS A 1 97  ? 5.695   9.996   -0.772  1.00 51.34 ? 95  LYS A CG  1 
ATOM 795  C CD  . LYS A 1 97  ? 6.696   11.126  -0.645  1.00 51.34 ? 95  LYS A CD  1 
ATOM 796  C CE  . LYS A 1 97  ? 8.110   10.599  -0.627  1.00 51.34 ? 95  LYS A CE  1 
ATOM 797  N NZ  . LYS A 1 97  ? 9.106   11.683  -0.460  1.00 51.34 ? 95  LYS A NZ  1 
ATOM 798  N N   . PHE A 1 98  ? 5.037   6.808   -4.293  1.00 50.18 ? 96  PHE A N   1 
ATOM 799  C CA  . PHE A 1 98  ? 5.029   6.310   -5.659  1.00 50.18 ? 96  PHE A CA  1 
ATOM 800  C C   . PHE A 1 98  ? 3.654   5.837   -6.087  1.00 50.18 ? 96  PHE A C   1 
ATOM 801  O O   . PHE A 1 98  ? 3.313   5.932   -7.270  1.00 50.18 ? 96  PHE A O   1 
ATOM 802  C CB  . PHE A 1 98  ? 6.030   5.166   -5.807  1.00 50.18 ? 96  PHE A CB  1 
ATOM 803  C CG  . PHE A 1 98  ? 6.056   4.560   -7.170  1.00 50.18 ? 96  PHE A CG  1 
ATOM 804  C CD1 . PHE A 1 98  ? 6.631   5.239   -8.226  1.00 50.18 ? 96  PHE A CD1 1 
ATOM 805  C CD2 . PHE A 1 98  ? 5.509   3.308   -7.395  1.00 50.18 ? 96  PHE A CD2 1 
ATOM 806  C CE1 . PHE A 1 98  ? 6.657   4.687   -9.484  1.00 50.18 ? 96  PHE A CE1 1 
ATOM 807  C CE2 . PHE A 1 98  ? 5.528   2.747   -8.648  1.00 50.18 ? 96  PHE A CE2 1 
ATOM 808  C CZ  . PHE A 1 98  ? 6.103   3.436   -9.697  1.00 50.18 ? 96  PHE A CZ  1 
ATOM 809  N N   . ILE A 1 99  ? 2.864   5.316   -5.151  1.00 48.69 ? 97  ILE A N   1 
ATOM 810  C CA  . ILE A 1 99  ? 1.474   4.995   -5.447  1.00 48.69 ? 97  ILE A CA  1 
ATOM 811  C C   . ILE A 1 99  ? 0.685   6.268   -5.715  1.00 48.69 ? 97  ILE A C   1 
ATOM 812  O O   . ILE A 1 99  ? -0.054  6.359   -6.699  1.00 48.69 ? 97  ILE A O   1 
ATOM 813  C CB  . ILE A 1 99  ? 0.858   4.185   -4.298  1.00 48.69 ? 97  ILE A CB  1 
ATOM 814  C CG1 . ILE A 1 99  ? 1.607   2.871   -4.116  1.00 48.69 ? 97  ILE A CG1 1 
ATOM 815  C CG2 . ILE A 1 99  ? -0.601  3.930   -4.559  1.00 48.69 ? 97  ILE A CG2 1 
ATOM 816  C CD1 . ILE A 1 99  ? 1.560   1.984   -5.315  1.00 48.69 ? 97  ILE A CD1 1 
ATOM 817  N N   . SER A 1 100 ? 0.865   7.282   -4.867  1.00 47.48 ? 98  SER A N   1 
ATOM 818  C CA  . SER A 1 100 ? 0.111   8.524   -4.997  1.00 47.48 ? 98  SER A CA  1 
ATOM 819  C C   . SER A 1 100 ? 0.526   9.322   -6.222  1.00 47.48 ? 98  SER A C   1 
ATOM 820  O O   . SER A 1 100 ? -0.286  10.064  -6.775  1.00 47.48 ? 98  SER A O   1 
ATOM 821  C CB  . SER A 1 100 ? 0.299   9.370   -3.750  1.00 47.48 ? 98  SER A CB  1 
ATOM 822  O OG  . SER A 1 100 ? -0.146  8.672   -2.605  1.00 47.48 ? 98  SER A OG  1 
ATOM 823  N N   . LYS A 1 101 ? 1.778   9.190   -6.649  1.00 46.53 ? 99  LYS A N   1 
ATOM 824  C CA  . LYS A 1 101 ? 2.223   9.817   -7.886  1.00 46.53 ? 99  LYS A CA  1 
ATOM 825  C C   . LYS A 1 101 ? 1.529   9.208   -9.093  1.00 46.53 ? 99  LYS A C   1 
ATOM 826  O O   . LYS A 1 101 ? 1.323   9.891   -10.100 1.00 46.53 ? 99  LYS A O   1 
ATOM 827  C CB  . LYS A 1 101 ? 3.738   9.666   -8.009  1.00 46.53 ? 99  LYS A CB  1 
ATOM 828  C CG  . LYS A 1 101 ? 4.397   10.364  -9.177  1.00 46.53 ? 99  LYS A CG  1 
ATOM 829  C CD  . LYS A 1 101 ? 5.887   10.094  -9.162  1.00 46.53 ? 99  LYS A CD  1 
ATOM 830  C CE  . LYS A 1 101 ? 6.587   10.672  -10.376 1.00 46.53 ? 99  LYS A CE  1 
ATOM 831  N NZ  . LYS A 1 101 ? 6.611   12.156  -10.340 1.00 46.53 ? 99  LYS A NZ  1 
ATOM 832  N N   . SER A 1 102 ? 1.143   7.936   -9.004  1.00 46.96 ? 100 SER A N   1 
ATOM 833  C CA  . SER A 1 102 ? 0.478   7.251   -10.099 1.00 46.96 ? 100 SER A CA  1 
ATOM 834  C C   . SER A 1 102 ? -1.040  7.313   -10.019 1.00 46.96 ? 100 SER A C   1 
ATOM 835  O O   . SER A 1 102 ? -1.697  7.058   -11.029 1.00 46.96 ? 100 SER A O   1 
ATOM 836  C CB  . SER A 1 102 ? 0.924   5.792   -10.155 1.00 46.96 ? 100 SER A CB  1 
ATOM 837  O OG  . SER A 1 102 ? 0.488   5.093   -9.010  1.00 46.96 ? 100 SER A OG  1 
ATOM 838  N N   . ILE A 1 103 ? -1.619  7.628   -8.857  1.00 46.13 ? 101 ILE A N   1 
ATOM 839  C CA  . ILE A 1 103 ? -3.041  7.958   -8.832  1.00 46.13 ? 101 ILE A CA  1 
ATOM 840  C C   . ILE A 1 103 ? -3.255  9.344   -9.428  1.00 46.13 ? 101 ILE A C   1 
ATOM 841  O O   . ILE A 1 103 ? -4.264  9.596   -10.096 1.00 46.13 ? 101 ILE A O   1 
ATOM 842  C CB  . ILE A 1 103 ? -3.609  7.870   -7.401  1.00 46.13 ? 101 ILE A CB  1 
ATOM 843  C CG1 . ILE A 1 103 ? -3.315  6.517   -6.771  1.00 46.13 ? 101 ILE A CG1 1 
ATOM 844  C CG2 . ILE A 1 103 ? -5.110  8.039   -7.395  1.00 46.13 ? 101 ILE A CG2 1 
ATOM 845  C CD1 . ILE A 1 103 ? -3.930  5.367   -7.477  1.00 46.13 ? 101 ILE A CD1 1 
ATOM 846  N N   . TYR A 1 104 ? -2.302  10.254  -9.235  1.00 44.23 ? 102 TYR A N   1 
ATOM 847  C CA  . TYR A 1 104 ? -2.423  11.600  -9.777  1.00 44.23 ? 102 TYR A CA  1 
ATOM 848  C C   . TYR A 1 104 ? -2.180  11.636  -11.272 1.00 44.23 ? 102 TYR A C   1 
ATOM 849  O O   . TYR A 1 104 ? -2.526  12.625  -11.914 1.00 44.23 ? 102 TYR A O   1 
ATOM 850  C CB  . TYR A 1 104 ? -1.430  12.566  -9.133  1.00 44.23 ? 102 TYR A CB  1 
ATOM 851  C CG  . TYR A 1 104 ? -1.572  12.828  -7.651  1.00 44.23 ? 102 TYR A CG  1 
ATOM 852  C CD1 . TYR A 1 104 ? -2.669  12.387  -6.929  1.00 44.23 ? 102 TYR A CD1 1 
ATOM 853  C CD2 . TYR A 1 104 ? -0.598  13.547  -6.982  1.00 44.23 ? 102 TYR A CD2 1 
ATOM 854  C CE1 . TYR A 1 104 ? -2.771  12.629  -5.587  1.00 44.23 ? 102 TYR A CE1 1 
ATOM 855  C CE2 . TYR A 1 104 ? -0.701  13.803  -5.650  1.00 44.23 ? 102 TYR A CE2 1 
ATOM 856  C CZ  . TYR A 1 104 ? -1.785  13.343  -4.958  1.00 44.23 ? 102 TYR A CZ  1 
ATOM 857  O OH  . TYR A 1 104 ? -1.875  13.598  -3.619  1.00 44.23 ? 102 TYR A OH  1 
ATOM 858  N N   . GLU A 1 105 ? -1.547  10.612  -11.828 1.00 46.68 ? 103 GLU A N   1 
ATOM 859  C CA  . GLU A 1 105 ? -1.415  10.485  -13.267 1.00 46.68 ? 103 GLU A CA  1 
ATOM 860  C C   . GLU A 1 105 ? -2.507  9.622   -13.871 1.00 46.68 ? 103 GLU A C   1 
ATOM 861  O O   . GLU A 1 105 ? -2.616  9.560   -15.096 1.00 46.68 ? 103 GLU A O   1 
ATOM 862  C CB  . GLU A 1 105 ? -0.044  9.919   -13.623 1.00 46.68 ? 103 GLU A CB  1 
ATOM 863  C CG  . GLU A 1 105 ? 1.093   10.864  -13.290 1.00 46.68 ? 103 GLU A CG  1 
ATOM 864  C CD  . GLU A 1 105 ? 2.460   10.287  -13.597 1.00 46.68 ? 103 GLU A CD  1 
ATOM 865  O OE1 . GLU A 1 105 ? 2.543   9.091   -13.941 1.00 46.68 ? 103 GLU A OE1 1 
ATOM 866  O OE2 . GLU A 1 105 ? 3.453   11.033  -13.497 1.00 46.68 ? 103 GLU A OE2 1 
ATOM 867  N N   . LEU A 1 106 ? -3.295  8.936   -13.044 1.00 46.95 ? 104 LEU A N   1 
ATOM 868  C CA  . LEU A 1 106 ? -4.591  8.443   -13.487 1.00 46.95 ? 104 LEU A CA  1 
ATOM 869  C C   . LEU A 1 106 ? -5.620  9.559   -13.489 1.00 46.95 ? 104 LEU A C   1 
ATOM 870  O O   . LEU A 1 106 ? -6.432  9.658   -14.412 1.00 46.95 ? 104 LEU A O   1 
ATOM 871  C CB  . LEU A 1 106 ? -5.084  7.318   -12.585 1.00 46.95 ? 104 LEU A CB  1 
ATOM 872  C CG  . LEU A 1 106 ? -4.431  5.952   -12.551 1.00 46.95 ? 104 LEU A CG  1 
ATOM 873  C CD1 . LEU A 1 106 ? -5.088  5.121   -11.485 1.00 46.95 ? 104 LEU A CD1 1 
ATOM 874  C CD2 . LEU A 1 106 ? -4.618  5.318   -13.872 1.00 46.95 ? 104 LEU A CD2 1 
ATOM 875  N N   . ALA A 1 107 ? -5.603  10.403  -12.456 1.00 47.64 ? 105 ALA A N   1 
ATOM 876  C CA  . ALA A 1 107 ? -6.578  11.478  -12.355 1.00 47.64 ? 105 ALA A CA  1 
ATOM 877  C C   . ALA A 1 107 ? -6.297  12.586  -13.350 1.00 47.64 ? 105 ALA A C   1 
ATOM 878  O O   . ALA A 1 107 ? -7.225  13.269  -13.782 1.00 47.64 ? 105 ALA A O   1 
ATOM 879  C CB  . ALA A 1 107 ? -6.603  12.031  -10.937 1.00 47.64 ? 105 ALA A CB  1 
ATOM 880  N N   . ALA A 1 108 ? -5.039  12.787  -13.727 1.00 48.79 ? 106 ALA A N   1 
ATOM 881  C CA  . ALA A 1 108 ? -4.736  13.707  -14.812 1.00 48.79 ? 106 ALA A CA  1 
ATOM 882  C C   . ALA A 1 108 ? -4.896  13.060  -16.172 1.00 48.79 ? 106 ALA A C   1 
ATOM 883  O O   . ALA A 1 108 ? -4.755  13.745  -17.188 1.00 48.79 ? 106 ALA A O   1 
ATOM 884  C CB  . ALA A 1 108 ? -3.318  14.253  -14.681 1.00 48.79 ? 106 ALA A CB  1 
ATOM 885  N N   . LEU A 1 109 ? -5.156  11.756  -16.213 1.00 51.22 ? 107 LEU A N   1 
ATOM 886  C CA  . LEU A 1 109 ? -5.487  11.088  -17.464 1.00 51.22 ? 107 LEU A CA  1 
ATOM 887  C C   . LEU A 1 109 ? -6.985  11.094  -17.720 1.00 51.22 ? 107 LEU A C   1 
ATOM 888  O O   . LEU A 1 109 ? -7.413  11.220  -18.869 1.00 51.22 ? 107 LEU A O   1 
ATOM 889  C CB  . LEU A 1 109 ? -4.958  9.655   -17.440 1.00 51.22 ? 107 LEU A CB  1 
ATOM 890  C CG  . LEU A 1 109 ? -5.163  8.768   -18.661 1.00 51.22 ? 107 LEU A CG  1 
ATOM 891  C CD1 . LEU A 1 109 ? -4.492  9.385   -19.857 1.00 51.22 ? 107 LEU A CD1 1 
ATOM 892  C CD2 . LEU A 1 109 ? -4.593  7.400   -18.392 1.00 51.22 ? 107 LEU A CD2 1 
ATOM 893  N N   . ALA A 1 110 ? -7.789  10.980  -16.663 1.00 50.91 ? 108 ALA A N   1 
ATOM 894  C CA  . ALA A 1 110 ? -9.236  10.979  -16.800 1.00 50.91 ? 108 ALA A CA  1 
ATOM 895  C C   . ALA A 1 110 ? -9.791  12.367  -17.069 1.00 50.91 ? 108 ALA A C   1 
ATOM 896  O O   . ALA A 1 110 ? -10.935 12.495  -17.510 1.00 50.91 ? 108 ALA A O   1 
ATOM 897  C CB  . ALA A 1 110 ? -9.880  10.405  -15.543 1.00 50.91 ? 108 ALA A CB  1 
ATOM 898  N N   . GLU A 1 111 ? -9.022  13.413  -16.794 1.00 51.07 ? 109 GLU A N   1 
ATOM 899  C CA  . GLU A 1 111 ? -9.444  14.757  -17.152 1.00 51.07 ? 109 GLU A CA  1 
ATOM 900  C C   . GLU A 1 111 ? -9.043  15.120  -18.572 1.00 51.07 ? 109 GLU A C   1 
ATOM 901  O O   . GLU A 1 111 ? -9.648  16.017  -19.165 1.00 51.07 ? 109 GLU A O   1 
ATOM 902  C CB  . GLU A 1 111 ? -8.855  15.763  -16.169 1.00 51.07 ? 109 GLU A CB  1 
ATOM 903  C CG  . GLU A 1 111 ? -9.366  15.570  -14.760 1.00 51.07 ? 109 GLU A CG  1 
ATOM 904  C CD  . GLU A 1 111 ? -8.711  16.494  -13.770 1.00 51.07 ? 109 GLU A CD  1 
ATOM 905  O OE1 . GLU A 1 111 ? -7.815  17.260  -14.179 1.00 51.07 ? 109 GLU A OE1 1 
ATOM 906  O OE2 . GLU A 1 111 ? -9.072  16.435  -12.578 1.00 51.07 ? 109 GLU A OE2 1 
ATOM 907  N N   . GLU A 1 112 ? -8.037  14.446  -19.121 1.00 55.55 ? 110 GLU A N   1 
ATOM 908  C CA  . GLU A 1 112 ? -7.637  14.665  -20.505 1.00 55.55 ? 110 GLU A CA  1 
ATOM 909  C C   . GLU A 1 112 ? -8.594  13.977  -21.469 1.00 55.55 ? 110 GLU A C   1 
ATOM 910  O O   . GLU A 1 112 ? -8.905  14.520  -22.535 1.00 55.55 ? 110 GLU A O   1 
ATOM 911  C CB  . GLU A 1 112 ? -6.210  14.159  -20.710 1.00 55.55 ? 110 GLU A CB  1 
ATOM 912  C CG  . GLU A 1 112 ? -5.630  14.427  -22.081 1.00 55.55 ? 110 GLU A CG  1 
ATOM 913  C CD  . GLU A 1 112 ? -4.209  13.929  -22.204 1.00 55.55 ? 110 GLU A CD  1 
ATOM 914  O OE1 . GLU A 1 112 ? -3.707  13.337  -21.230 1.00 55.55 ? 110 GLU A OE1 1 
ATOM 915  O OE2 . GLU A 1 112 ? -3.592  14.131  -23.269 1.00 55.55 ? 110 GLU A OE2 1 
ATOM 916  N N   . GLU A 1 113 ? -9.067  12.789  -21.113 1.00 55.46 ? 111 GLU A N   1 
ATOM 917  C CA  . GLU A 1 113 ? -10.031 12.048  -21.908 1.00 55.46 ? 111 GLU A CA  1 
ATOM 918  C C   . GLU A 1 113 ? -11.466 12.434  -21.606 1.00 55.46 ? 111 GLU A C   1 
ATOM 919  O O   . GLU A 1 113 ? -12.375 11.854  -22.210 1.00 55.46 ? 111 GLU A O   1 
ATOM 920  C CB  . GLU A 1 113 ? -9.868  10.548  -21.682 1.00 55.46 ? 111 GLU A CB  1 
ATOM 921  C CG  . GLU A 1 113 ? -8.627  9.950   -22.278 1.00 55.46 ? 111 GLU A CG  1 
ATOM 922  C CD  . GLU A 1 113 ? -8.543  8.471   -22.009 1.00 55.46 ? 111 GLU A CD  1 
ATOM 923  O OE1 . GLU A 1 113 ? -9.360  7.973   -21.208 1.00 55.46 ? 111 GLU A OE1 1 
ATOM 924  O OE2 . GLU A 1 113 ? -7.679  7.806   -22.612 1.00 55.46 ? 111 GLU A OE2 1 
ATOM 925  N N   . LYS A 1 114 ? -11.675 13.375  -20.676 1.00 53.50 ? 112 LYS A N   1 
ATOM 926  C CA  . LYS A 1 114 ? -12.993 13.863  -20.255 1.00 53.50 ? 112 LYS A CA  1 
ATOM 927  C C   . LYS A 1 114 ? -13.861 12.730  -19.721 1.00 53.50 ? 112 LYS A C   1 
ATOM 928  O O   . LYS A 1 114 ? -15.041 12.613  -20.049 1.00 53.50 ? 112 LYS A O   1 
ATOM 929  C CB  . LYS A 1 114 ? -13.688 14.624  -21.388 1.00 53.50 ? 112 LYS A CB  1 
ATOM 930  C CG  . LYS A 1 114 ? -12.921 15.875  -21.770 1.00 53.50 ? 112 LYS A CG  1 
ATOM 931  C CD  . LYS A 1 114 ? -13.528 16.611  -22.941 1.00 53.50 ? 112 LYS A CD  1 
ATOM 932  C CE  . LYS A 1 114 ? -12.676 17.825  -23.283 1.00 53.50 ? 112 LYS A CE  1 
ATOM 933  N NZ  . LYS A 1 114 ? -13.191 18.588  -24.452 1.00 53.50 ? 112 LYS A NZ  1 
ATOM 934  N N   . ASP A 1 115 ? -13.259 11.884  -18.892 1.00 50.36 ? 113 ASP A N   1 
ATOM 935  C CA  . ASP A 1 115 ? -13.913 10.717  -18.310 1.00 50.36 ? 113 ASP A CA  1 
ATOM 936  C C   . ASP A 1 115 ? -14.339 11.088  -16.898 1.00 50.36 ? 113 ASP A C   1 
ATOM 937  O O   . ASP A 1 115 ? -13.585 10.901  -15.944 1.00 50.36 ? 113 ASP A O   1 
ATOM 938  C CB  . ASP A 1 115 ? -12.962 9.527   -18.318 1.00 50.36 ? 113 ASP A CB  1 
ATOM 939  C CG  . ASP A 1 115 ? -13.653 8.218   -18.023 1.00 50.36 ? 113 ASP A CG  1 
ATOM 940  O OD1 . ASP A 1 115 ? -14.880 8.206   -17.816 1.00 50.36 ? 113 ASP A OD1 1 
ATOM 941  O OD2 . ASP A 1 115 ? -12.958 7.184   -17.997 1.00 50.36 ? 113 ASP A OD2 1 
ATOM 942  N N   . TYR A 1 116 ? -15.558 11.604  -16.765 1.00 47.53 ? 114 TYR A N   1 
ATOM 943  C CA  . TYR A 1 116 ? -16.037 12.098  -15.484 1.00 47.53 ? 114 TYR A CA  1 
ATOM 944  C C   . TYR A 1 116 ? -16.364 10.988  -14.501 1.00 47.53 ? 114 TYR A C   1 
ATOM 945  O O   . TYR A 1 116 ? -16.331 11.231  -13.297 1.00 47.53 ? 114 TYR A O   1 
ATOM 946  C CB  . TYR A 1 116 ? -17.274 12.966  -15.690 1.00 47.53 ? 114 TYR A CB  1 
ATOM 947  C CG  . TYR A 1 116 ? -17.006 14.277  -16.387 1.00 47.53 ? 114 TYR A CG  1 
ATOM 948  C CD1 . TYR A 1 116 ? -15.755 14.858  -16.357 1.00 47.53 ? 114 TYR A CD1 1 
ATOM 949  C CD2 . TYR A 1 116 ? -17.996 14.903  -17.114 1.00 47.53 ? 114 TYR A CD2 1 
ATOM 950  C CE1 . TYR A 1 116 ? -15.512 16.049  -17.003 1.00 47.53 ? 114 TYR A CE1 1 
ATOM 951  C CE2 . TYR A 1 116 ? -17.761 16.081  -17.768 1.00 47.53 ? 114 TYR A CE2 1 
ATOM 952  C CZ  . TYR A 1 116 ? -16.521 16.651  -17.709 1.00 47.53 ? 114 TYR A CZ  1 
ATOM 953  O OH  . TYR A 1 116 ? -16.280 17.835  -18.362 1.00 47.53 ? 114 TYR A OH  1 
ATOM 954  N N   . SER A 1 117 ? -16.676 9.782   -14.977 1.00 47.68 ? 115 SER A N   1 
ATOM 955  C CA  . SER A 1 117 ? -17.032 8.698   -14.068 1.00 47.68 ? 115 SER A CA  1 
ATOM 956  C C   . SER A 1 117 ? -15.821 7.944   -13.557 1.00 47.68 ? 115 SER A C   1 
ATOM 957  O O   . SER A 1 117 ? -15.970 7.039   -12.735 1.00 47.68 ? 115 SER A O   1 
ATOM 958  C CB  . SER A 1 117 ? -17.980 7.717   -14.748 1.00 47.68 ? 115 SER A CB  1 
ATOM 959  O OG  . SER A 1 117 ? -19.256 8.294   -14.960 1.00 47.68 ? 115 SER A OG  1 
ATOM 960  N N   . THR A 1 118 ? -14.629 8.268   -14.055 1.00 47.51 ? 116 THR A N   1 
ATOM 961  C CA  . THR A 1 118 ? -13.416 7.658   -13.526 1.00 47.51 ? 116 THR A CA  1 
ATOM 962  C C   . THR A 1 118 ? -12.723 8.588   -12.549 1.00 47.51 ? 116 THR A C   1 
ATOM 963  O O   . THR A 1 118 ? -12.269 8.154   -11.487 1.00 47.51 ? 116 THR A O   1 
ATOM 964  C CB  . THR A 1 118 ? -12.486 7.280   -14.670 1.00 47.51 ? 116 THR A CB  1 
ATOM 965  O OG1 . THR A 1 118 ? -13.169 6.376   -15.542 1.00 47.51 ? 116 THR A OG1 1 
ATOM 966  C CG2 . THR A 1 118 ? -11.252 6.589   -14.148 1.00 47.51 ? 116 THR A CG2 1 
ATOM 967  N N   . ARG A 1 119 ? -12.659 9.876   -12.885 1.00 45.88 ? 117 ARG A N   1 
ATOM 968  C CA  . ARG A 1 119 ? -12.161 10.892  -11.965 1.00 45.88 ? 117 ARG A CA  1 
ATOM 969  C C   . ARG A 1 119 ? -13.049 11.014  -10.731 1.00 45.88 ? 117 ARG A C   1 
ATOM 970  O O   . ARG A 1 119 ? -12.572 11.384  -9.653  1.00 45.88 ? 117 ARG A O   1 
ATOM 971  C CB  . ARG A 1 119 ? -12.048 12.217  -12.719 1.00 45.88 ? 117 ARG A CB  1 
ATOM 972  C CG  . ARG A 1 119 ? -11.598 13.411  -11.917 1.00 45.88 ? 117 ARG A CG  1 
ATOM 973  C CD  . ARG A 1 119 ? -10.216 13.214  -11.357 1.00 45.88 ? 117 ARG A CD  1 
ATOM 974  N NE  . ARG A 1 119 ? -9.786  14.375  -10.592 1.00 45.88 ? 117 ARG A NE  1 
ATOM 975  C CZ  . ARG A 1 119 ? -10.079 14.568  -9.313  1.00 45.88 ? 117 ARG A CZ  1 
ATOM 976  N NH1 . ARG A 1 119 ? -10.807 13.677  -8.659  1.00 45.88 ? 117 ARG A NH1 1 
ATOM 977  N NH2 . ARG A 1 119 ? -9.650  15.652  -8.690  1.00 45.88 ? 117 ARG A NH2 1 
ATOM 978  N N   . ALA A 1 120 ? -14.331 10.678  -10.859 1.00 46.77 ? 118 ALA A N   1 
ATOM 979  C CA  . ALA A 1 120 ? -15.188 10.562  -9.689  1.00 46.77 ? 118 ALA A CA  1 
ATOM 980  C C   . ALA A 1 120 ? -14.830 9.348   -8.844  1.00 46.77 ? 118 ALA A C   1 
ATOM 981  O O   . ALA A 1 120 ? -15.030 9.363   -7.627  1.00 46.77 ? 118 ALA A O   1 
ATOM 982  C CB  . ALA A 1 120 ? -16.644 10.482  -10.122 1.00 46.77 ? 118 ALA A CB  1 
ATOM 983  N N   . PHE A 1 121 ? -14.307 8.293   -9.470  1.00 44.62 ? 119 PHE A N   1 
ATOM 984  C CA  . PHE A 1 121 ? -13.934 7.087   -8.742  1.00 44.62 ? 119 PHE A CA  1 
ATOM 985  C C   . PHE A 1 121 ? -12.583 7.220   -8.064  1.00 44.62 ? 119 PHE A C   1 
ATOM 986  O O   . PHE A 1 121 ? -12.400 6.725   -6.949  1.00 44.62 ? 119 PHE A O   1 
ATOM 987  C CB  . PHE A 1 121 ? -13.924 5.896   -9.685  1.00 44.62 ? 119 PHE A CB  1 
ATOM 988  C CG  . PHE A 1 121 ? -13.297 4.680   -9.101  1.00 44.62 ? 119 PHE A CG  1 
ATOM 989  C CD1 . PHE A 1 121 ? -13.909 4.001   -8.071  1.00 44.62 ? 119 PHE A CD1 1 
ATOM 990  C CD2 . PHE A 1 121 ? -12.099 4.201   -9.601  1.00 44.62 ? 119 PHE A CD2 1 
ATOM 991  C CE1 . PHE A 1 121 ? -13.332 2.880   -7.541  1.00 44.62 ? 119 PHE A CE1 1 
ATOM 992  C CE2 . PHE A 1 121 ? -11.525 3.083   -9.077  1.00 44.62 ? 119 PHE A CE2 1 
ATOM 993  C CZ  . PHE A 1 121 ? -12.144 2.422   -8.050  1.00 44.62 ? 119 PHE A CZ  1 
ATOM 994  N N   . LEU A 1 122 ? -11.630 7.895   -8.708  1.00 45.18 ? 120 LEU A N   1 
ATOM 995  C CA  . LEU A 1 122 ? -10.315 8.125   -8.125  1.00 45.18 ? 120 LEU A CA  1 
ATOM 996  C C   . LEU A 1 122 ? -10.345 9.117   -6.978  1.00 45.18 ? 120 LEU A C   1 
ATOM 997  O O   . LEU A 1 122 ? -9.325  9.288   -6.309  1.00 45.18 ? 120 LEU A O   1 
ATOM 998  C CB  . LEU A 1 122 ? -9.366  8.622   -9.199  1.00 45.18 ? 120 LEU A CB  1 
ATOM 999  C CG  . LEU A 1 122 ? -9.148  7.581   -10.281 1.00 45.18 ? 120 LEU A CG  1 
ATOM 1000 C CD1 . LEU A 1 122 ? -8.459  8.212   -11.453 1.00 45.18 ? 120 LEU A CD1 1 
ATOM 1001 C CD2 . LEU A 1 122 ? -8.323  6.453   -9.729  1.00 45.18 ? 120 LEU A CD2 1 
ATOM 1002 N N   . GLU A 1 123 ? -11.480 9.779   -6.757  1.00 47.67 ? 121 GLU A N   1 
ATOM 1003 C CA  . GLU A 1 123 ? -11.672 10.655  -5.611  1.00 47.67 ? 121 GLU A CA  1 
ATOM 1004 C C   . GLU A 1 123 ? -11.601 9.893   -4.295  1.00 47.67 ? 121 GLU A C   1 
ATOM 1005 O O   . GLU A 1 123 ? -11.220 10.466  -3.270  1.00 47.67 ? 121 GLU A O   1 
ATOM 1006 C CB  . GLU A 1 123 ? -13.013 11.366  -5.776  1.00 47.67 ? 121 GLU A CB  1 
ATOM 1007 C CG  . GLU A 1 123 ? -13.381 12.379  -4.727  1.00 47.67 ? 121 GLU A CG  1 
ATOM 1008 C CD  . GLU A 1 123 ? -12.505 13.609  -4.741  1.00 47.67 ? 121 GLU A CD  1 
ATOM 1009 O OE1 . GLU A 1 123 ? -11.902 13.936  -5.786  1.00 47.67 ? 121 GLU A OE1 1 
ATOM 1010 O OE2 . GLU A 1 123 ? -12.451 14.272  -3.690  1.00 47.67 ? 121 GLU A OE2 1 
ATOM 1011 N N   . TRP A 1 124 ? -11.953 8.606   -4.295  1.00 47.85 ? 122 TRP A N   1 
ATOM 1012 C CA  . TRP A 1 124 ? -11.763 7.804   -3.092  1.00 47.85 ? 122 TRP A CA  1 
ATOM 1013 C C   . TRP A 1 124 ? -10.290 7.540   -2.844  1.00 47.85 ? 122 TRP A C   1 
ATOM 1014 O O   . TRP A 1 124 ? -9.829  7.600   -1.704  1.00 47.85 ? 122 TRP A O   1 
ATOM 1015 C CB  . TRP A 1 124 ? -12.483 6.467   -3.196  1.00 47.85 ? 122 TRP A CB  1 
ATOM 1016 C CG  . TRP A 1 124 ? -12.521 5.750   -1.886  1.00 47.85 ? 122 TRP A CG  1 
ATOM 1017 C CD1 . TRP A 1 124 ? -13.386 5.975   -0.862  1.00 47.85 ? 122 TRP A CD1 1 
ATOM 1018 C CD2 . TRP A 1 124 ? -11.593 4.764   -1.415  1.00 47.85 ? 122 TRP A CD2 1 
ATOM 1019 N NE1 . TRP A 1 124 ? -13.093 5.152   0.197   1.00 47.85 ? 122 TRP A NE1 1 
ATOM 1020 C CE2 . TRP A 1 124 ? -11.991 4.404   -0.117  1.00 47.85 ? 122 TRP A CE2 1 
ATOM 1021 C CE3 . TRP A 1 124 ? -10.478 4.135   -1.973  1.00 47.85 ? 122 TRP A CE3 1 
ATOM 1022 C CZ2 . TRP A 1 124 ? -11.316 3.445   0.628   1.00 47.85 ? 122 TRP A CZ2 1 
ATOM 1023 C CZ3 . TRP A 1 124 ? -9.810  3.188   -1.229  1.00 47.85 ? 122 TRP A CZ3 1 
ATOM 1024 C CH2 . TRP A 1 124 ? -10.235 2.847   0.051   1.00 47.85 ? 122 TRP A CH2 1 
ATOM 1025 N N   . PHE A 1 125 ? -9.539  7.223   -3.893  1.00 46.57 ? 123 PHE A N   1 
ATOM 1026 C CA  . PHE A 1 125 ? -8.132  6.905   -3.713  1.00 46.57 ? 123 PHE A CA  1 
ATOM 1027 C C   . PHE A 1 125 ? -7.271  8.132   -3.500  1.00 46.57 ? 123 PHE A C   1 
ATOM 1028 O O   . PHE A 1 125 ? -6.169  8.003   -2.978  1.00 46.57 ? 123 PHE A O   1 
ATOM 1029 C CB  . PHE A 1 125 ? -7.614  6.104   -4.903  1.00 46.57 ? 123 PHE A CB  1 
ATOM 1030 C CG  . PHE A 1 125 ? -8.121  4.704   -4.932  1.00 46.57 ? 123 PHE A CG  1 
ATOM 1031 C CD1 . PHE A 1 125 ? -7.522  3.729   -4.160  1.00 46.57 ? 123 PHE A CD1 1 
ATOM 1032 C CD2 . PHE A 1 125 ? -9.215  4.369   -5.695  1.00 46.57 ? 123 PHE A CD2 1 
ATOM 1033 C CE1 . PHE A 1 125 ? -7.994  2.449   -4.170  1.00 46.57 ? 123 PHE A CE1 1 
ATOM 1034 C CE2 . PHE A 1 125 ? -9.688  3.091   -5.700  1.00 46.57 ? 123 PHE A CE2 1 
ATOM 1035 C CZ  . PHE A 1 125 ? -9.077  2.133   -4.939  1.00 46.57 ? 123 PHE A CZ  1 
ATOM 1036 N N   . ILE A 1 126 ? -7.734  9.313   -3.883  1.00 46.64 ? 124 ILE A N   1 
ATOM 1037 C CA  . ILE A 1 126 ? -6.979  10.510  -3.545  1.00 46.64 ? 124 ILE A CA  1 
ATOM 1038 C C   . ILE A 1 126 ? -7.168  10.854  -2.073  1.00 46.64 ? 124 ILE A C   1 
ATOM 1039 O O   . ILE A 1 126 ? -6.204  11.186  -1.376  1.00 46.64 ? 124 ILE A O   1 
ATOM 1040 C CB  . ILE A 1 126 ? -7.372  11.661  -4.489  1.00 46.64 ? 124 ILE A CB  1 
ATOM 1041 C CG1 . ILE A 1 126 ? -6.821  11.398  -5.885  1.00 46.64 ? 124 ILE A CG1 1 
ATOM 1042 C CG2 . ILE A 1 126 ? -6.835  12.950  -4.014  1.00 46.64 ? 124 ILE A CG2 1 
ATOM 1043 C CD1 . ILE A 1 126 ? -7.293  12.359  -6.920  1.00 46.64 ? 124 ILE A CD1 1 
ATOM 1044 N N   . ASN A 1 127 ? -8.391  10.715  -1.559  1.00 49.66 ? 125 ASN A N   1 
ATOM 1045 C CA  . ASN A 1 127 ? -8.665  10.978  -0.150  1.00 49.66 ? 125 ASN A CA  1 
ATOM 1046 C C   . ASN A 1 127 ? -8.077  9.933   0.782   1.00 49.66 ? 125 ASN A C   1 
ATOM 1047 O O   . ASN A 1 127 ? -7.899  10.213  1.971   1.00 49.66 ? 125 ASN A O   1 
ATOM 1048 C CB  . ASN A 1 127 ? -10.167 11.048  0.093   1.00 49.66 ? 125 ASN A CB  1 
ATOM 1049 C CG  . ASN A 1 127 ? -10.761 12.322  -0.395  1.00 49.66 ? 125 ASN A CG  1 
ATOM 1050 O OD1 . ASN A 1 127 ? -10.187 13.388  -0.205  1.00 49.66 ? 125 ASN A OD1 1 
ATOM 1051 N ND2 . ASN A 1 127 ? -11.919 12.234  -1.030  1.00 49.66 ? 125 ASN A ND2 1 
ATOM 1052 N N   . GLU A 1 128 ? -7.791  8.741   0.284   1.00 51.63 ? 126 GLU A N   1 
ATOM 1053 C CA  . GLU A 1 128 ? -7.335  7.666   1.144   1.00 51.63 ? 126 GLU A CA  1 
ATOM 1054 C C   . GLU A 1 128 ? -5.820  7.549   1.166   1.00 51.63 ? 126 GLU A C   1 
ATOM 1055 O O   . GLU A 1 128 ? -5.261  7.055   2.149   1.00 51.63 ? 126 GLU A O   1 
ATOM 1056 C CB  . GLU A 1 128 ? -7.977  6.359   0.691   1.00 51.63 ? 126 GLU A CB  1 
ATOM 1057 C CG  . GLU A 1 128 ? -7.935  5.231   1.683   1.00 51.63 ? 126 GLU A CG  1 
ATOM 1058 C CD  . GLU A 1 128 ? -6.693  4.390   1.548   1.00 51.63 ? 126 GLU A CD  1 
ATOM 1059 O OE1 . GLU A 1 128 ? -6.110  4.373   0.445   1.00 51.63 ? 126 GLU A OE1 1 
ATOM 1060 O OE2 . GLU A 1 128 ? -6.306  3.746   2.544   1.00 51.63 ? 126 GLU A OE2 1 
ATOM 1061 N N   . GLN A 1 129 ? -5.130  8.014   0.125   1.00 50.20 ? 127 GLN A N   1 
ATOM 1062 C CA  . GLN A 1 129 ? -3.676  8.069   0.178   1.00 50.20 ? 127 GLN A CA  1 
ATOM 1063 C C   . GLN A 1 129 ? -3.171  9.161   1.102   1.00 50.20 ? 127 GLN A C   1 
ATOM 1064 O O   . GLN A 1 129 ? -1.994  9.151   1.458   1.00 50.20 ? 127 GLN A O   1 
ATOM 1065 C CB  . GLN A 1 129 ? -3.090  8.282   -1.211  1.00 50.20 ? 127 GLN A CB  1 
ATOM 1066 C CG  . GLN A 1 129 ? -3.224  7.102   -2.126  1.00 50.20 ? 127 GLN A CG  1 
ATOM 1067 C CD  . GLN A 1 129 ? -2.380  5.936   -1.703  1.00 50.20 ? 127 GLN A CD  1 
ATOM 1068 O OE1 . GLN A 1 129 ? -1.221  6.097   -1.343  1.00 50.20 ? 127 GLN A OE1 1 
ATOM 1069 N NE2 . GLN A 1 129 ? -2.964  4.747   -1.727  1.00 50.20 ? 127 GLN A NE2 1 
ATOM 1070 N N   . VAL A 1 130 ? -4.022  10.115  1.477   1.00 52.29 ? 128 VAL A N   1 
ATOM 1071 C CA  . VAL A 1 130 ? -3.645  11.096  2.485   1.00 52.29 ? 128 VAL A CA  1 
ATOM 1072 C C   . VAL A 1 130 ? -3.584  10.441  3.860   1.00 52.29 ? 128 VAL A C   1 
ATOM 1073 O O   . VAL A 1 130 ? -2.738  10.792  4.690   1.00 52.29 ? 128 VAL A O   1 
ATOM 1074 C CB  . VAL A 1 130 ? -4.632  12.274  2.426   1.00 52.29 ? 128 VAL A CB  1 
ATOM 1075 C CG1 . VAL A 1 130 ? -4.306  13.327  3.458   1.00 52.29 ? 128 VAL A CG1 1 
ATOM 1076 C CG2 . VAL A 1 130 ? -4.622  12.872  1.041   1.00 52.29 ? 128 VAL A CG2 1 
ATOM 1077 N N   . GLU A 1 131 ? -4.446  9.455   4.110   1.00 53.10 ? 129 GLU A N   1 
ATOM 1078 C CA  . GLU A 1 131 ? -4.350  8.656   5.323   1.00 53.10 ? 129 GLU A CA  1 
ATOM 1079 C C   . GLU A 1 131 ? -3.232  7.628   5.269   1.00 53.10 ? 129 GLU A C   1 
ATOM 1080 O O   . GLU A 1 131 ? -2.775  7.186   6.322   1.00 53.10 ? 129 GLU A O   1 
ATOM 1081 C CB  . GLU A 1 131 ? -5.657  7.919   5.589   1.00 53.10 ? 129 GLU A CB  1 
ATOM 1082 C CG  . GLU A 1 131 ? -6.833  8.783   5.930   1.00 53.10 ? 129 GLU A CG  1 
ATOM 1083 C CD  . GLU A 1 131 ? -8.081  7.957   6.161   1.00 53.10 ? 129 GLU A CD  1 
ATOM 1084 O OE1 . GLU A 1 131 ? -8.026  6.727   5.950   1.00 53.10 ? 129 GLU A OE1 1 
ATOM 1085 O OE2 . GLU A 1 131 ? -9.117  8.535   6.547   1.00 53.10 ? 129 GLU A OE2 1 
ATOM 1086 N N   . GLU A 1 132 ? -2.795  7.218   4.082   1.00 54.00 ? 130 GLU A N   1 
ATOM 1087 C CA  . GLU A 1 132 ? -1.745  6.211   4.003   1.00 54.00 ? 130 GLU A CA  1 
ATOM 1088 C C   . GLU A 1 132 ? -0.367  6.829   4.160   1.00 54.00 ? 130 GLU A C   1 
ATOM 1089 O O   . GLU A 1 132 ? 0.514   6.234   4.782   1.00 54.00 ? 130 GLU A O   1 
ATOM 1090 C CB  . GLU A 1 132 ? -1.829  5.454   2.681   1.00 54.00 ? 130 GLU A CB  1 
ATOM 1091 C CG  . GLU A 1 132 ? -3.021  4.546   2.569   1.00 54.00 ? 130 GLU A CG  1 
ATOM 1092 C CD  . GLU A 1 132 ? -2.911  3.365   3.484   1.00 54.00 ? 130 GLU A CD  1 
ATOM 1093 O OE1 . GLU A 1 132 ? -1.783  2.875   3.694   1.00 54.00 ? 130 GLU A OE1 1 
ATOM 1094 O OE2 . GLU A 1 132 ? -3.951  2.934   4.017   1.00 54.00 ? 130 GLU A OE2 1 
ATOM 1095 N N   . GLU A 1 133 ? -0.156  8.007   3.592   1.00 52.59 ? 131 GLU A N   1 
ATOM 1096 C CA  . GLU A 1 133 ? 1.120   8.683   3.757   1.00 52.59 ? 131 GLU A CA  1 
ATOM 1097 C C   . GLU A 1 133 ? 1.303   9.190   5.179   1.00 52.59 ? 131 GLU A C   1 
ATOM 1098 O O   . GLU A 1 133 ? 2.436   9.329   5.640   1.00 52.59 ? 131 GLU A O   1 
ATOM 1099 C CB  . GLU A 1 133 ? 1.213   9.845   2.777   1.00 52.59 ? 131 GLU A CB  1 
ATOM 1100 C CG  . GLU A 1 133 ? 1.233   9.451   1.325   1.00 52.59 ? 131 GLU A CG  1 
ATOM 1101 C CD  . GLU A 1 133 ? 1.049   10.646  0.426   1.00 52.59 ? 131 GLU A CD  1 
ATOM 1102 O OE1 . GLU A 1 133 ? 0.796   11.749  0.951   1.00 52.59 ? 131 GLU A OE1 1 
ATOM 1103 O OE2 . GLU A 1 133 ? 1.137   10.491  -0.803  1.00 52.59 ? 131 GLU A OE2 1 
ATOM 1104 N N   . ALA A 1 134 ? 0.209   9.475   5.885   1.00 52.75 ? 132 ALA A N   1 
ATOM 1105 C CA  . ALA A 1 134 ? 0.306   10.005  7.237   1.00 52.75 ? 132 ALA A CA  1 
ATOM 1106 C C   . ALA A 1 134 ? 0.386   8.908   8.286   1.00 52.75 ? 132 ALA A C   1 
ATOM 1107 O O   . ALA A 1 134 ? 0.975   9.122   9.346   1.00 52.75 ? 132 ALA A O   1 
ATOM 1108 C CB  . ALA A 1 134 ? -0.883  10.910  7.532   1.00 52.75 ? 132 ALA A CB  1 
ATOM 1109 N N   . SER A 1 135 ? -0.203  7.742   8.025   1.00 53.95 ? 133 SER A N   1 
ATOM 1110 C CA  . SER A 1 135 ? -0.095  6.632   8.962   1.00 53.95 ? 133 SER A CA  1 
ATOM 1111 C C   . SER A 1 135 ? 1.272   5.972   8.924   1.00 53.95 ? 133 SER A C   1 
ATOM 1112 O O   . SER A 1 135 ? 1.610   5.224   9.843   1.00 53.95 ? 133 SER A O   1 
ATOM 1113 C CB  . SER A 1 135 ? -1.171  5.595   8.675   1.00 53.95 ? 133 SER A CB  1 
ATOM 1114 O OG  . SER A 1 135 ? -1.046  4.498   9.549   1.00 53.95 ? 133 SER A OG  1 
ATOM 1115 N N   . VAL A 1 136 ? 2.055   6.214   7.880   1.00 55.76 ? 134 VAL A N   1 
ATOM 1116 C CA  . VAL A 1 136 ? 3.433   5.752   7.840   1.00 55.76 ? 134 VAL A CA  1 
ATOM 1117 C C   . VAL A 1 136 ? 4.390   6.832   8.341   1.00 55.76 ? 134 VAL A C   1 
ATOM 1118 O O   . VAL A 1 136 ? 5.366   6.520   9.029   1.00 55.76 ? 134 VAL A O   1 
ATOM 1119 C CB  . VAL A 1 136 ? 3.775   5.299   6.411   1.00 55.76 ? 134 VAL A CB  1 
ATOM 1120 C CG1 . VAL A 1 136 ? 5.212   4.830   6.297   1.00 55.76 ? 134 VAL A CG1 1 
ATOM 1121 C CG2 . VAL A 1 136 ? 2.835   4.195   5.988   1.00 55.76 ? 134 VAL A CG2 1 
ATOM 1122 N N   . LYS A 1 137 ? 4.105   8.107   8.059   1.00 56.82 ? 135 LYS A N   1 
ATOM 1123 C CA  . LYS A 1 137 ? 4.950   9.200   8.529   1.00 56.82 ? 135 LYS A CA  1 
ATOM 1124 C C   . LYS A 1 137 ? 4.836   9.400   10.034  1.00 56.82 ? 135 LYS A C   1 
ATOM 1125 O O   . LYS A 1 137 ? 5.746   9.969   10.642  1.00 56.82 ? 135 LYS A O   1 
ATOM 1126 C CB  . LYS A 1 137 ? 4.583   10.489  7.791   1.00 56.82 ? 135 LYS A CB  1 
ATOM 1127 C CG  . LYS A 1 137 ? 5.544   11.652  7.943   1.00 56.82 ? 135 LYS A CG  1 
ATOM 1128 C CD  . LYS A 1 137 ? 6.839   11.349  7.235   1.00 56.82 ? 135 LYS A CD  1 
ATOM 1129 C CE  . LYS A 1 137 ? 7.753   12.550  7.192   1.00 56.82 ? 135 LYS A CE  1 
ATOM 1130 N NZ  . LYS A 1 137 ? 8.255   12.907  8.541   1.00 56.82 ? 135 LYS A NZ  1 
ATOM 1131 N N   . LYS A 1 138 ? 3.747   8.939   10.650  1.00 59.37 ? 136 LYS A N   1 
ATOM 1132 C CA  . LYS A 1 138 ? 3.681   8.914   12.106  1.00 59.37 ? 136 LYS A CA  1 
ATOM 1133 C C   . LYS A 1 138 ? 4.703   7.946   12.679  1.00 59.37 ? 136 LYS A C   1 
ATOM 1134 O O   . LYS A 1 138 ? 5.457   8.294   13.592  1.00 59.37 ? 136 LYS A O   1 
ATOM 1135 C CB  . LYS A 1 138 ? 2.283   8.522   12.572  1.00 59.37 ? 136 LYS A CB  1 
ATOM 1136 C CG  . LYS A 1 138 ? 2.174   8.477   14.079  1.00 59.37 ? 136 LYS A CG  1 
ATOM 1137 C CD  . LYS A 1 138 ? 0.791   8.105   14.559  1.00 59.37 ? 136 LYS A CD  1 
ATOM 1138 C CE  . LYS A 1 138 ? 0.766   8.065   16.081  1.00 59.37 ? 136 LYS A CE  1 
ATOM 1139 N NZ  . LYS A 1 138 ? -0.566  7.703   16.637  1.00 59.37 ? 136 LYS A NZ  1 
ATOM 1140 N N   . ILE A 1 139 ? 4.743   6.727   12.145  1.00 59.82 ? 137 ILE A N   1 
ATOM 1141 C CA  . ILE A 1 139 ? 5.633   5.700   12.668  1.00 59.82 ? 137 ILE A CA  1 
ATOM 1142 C C   . ILE A 1 139 ? 7.071   5.957   12.235  1.00 59.82 ? 137 ILE A C   1 
ATOM 1143 O O   . ILE A 1 139 ? 8.012   5.633   12.964  1.00 59.82 ? 137 ILE A O   1 
ATOM 1144 C CB  . ILE A 1 139 ? 5.116   4.326   12.218  1.00 59.82 ? 137 ILE A CB  1 
ATOM 1145 C CG1 . ILE A 1 139 ? 3.669   4.167   12.670  1.00 59.82 ? 137 ILE A CG1 1 
ATOM 1146 C CG2 . ILE A 1 139 ? 5.926   3.212   12.825  1.00 59.82 ? 137 ILE A CG2 1 
ATOM 1147 C CD1 . ILE A 1 139 ? 2.961   3.009   12.049  1.00 59.82 ? 137 ILE A CD1 1 
ATOM 1148 N N   . LEU A 1 140 ? 7.266   6.577   11.072  1.00 60.35 ? 138 LEU A N   1 
ATOM 1149 C CA  . LEU A 1 140 ? 8.607   6.932   10.630  1.00 60.35 ? 138 LEU A CA  1 
ATOM 1150 C C   . LEU A 1 140 ? 9.204   8.033   11.489  1.00 60.35 ? 138 LEU A C   1 
ATOM 1151 O O   . LEU A 1 140 ? 10.427  8.118   11.613  1.00 60.35 ? 138 LEU A O   1 
ATOM 1152 C CB  . LEU A 1 140 ? 8.568   7.359   9.165   1.00 60.35 ? 138 LEU A CB  1 
ATOM 1153 C CG  . LEU A 1 140 ? 9.830   7.550   8.330   1.00 60.35 ? 138 LEU A CG  1 
ATOM 1154 C CD1 . LEU A 1 140 ? 9.465   7.219   6.922   1.00 60.35 ? 138 LEU A CD1 1 
ATOM 1155 C CD2 . LEU A 1 140 ? 10.344  8.970   8.364   1.00 60.35 ? 138 LEU A CD2 1 
ATOM 1156 N N   . ASP A 1 141 ? 8.374   8.894   12.070  1.00 62.81 ? 139 ASP A N   1 
ATOM 1157 C CA  . ASP A 1 141 ? 8.895   9.935   12.943  1.00 62.81 ? 139 ASP A CA  1 
ATOM 1158 C C   . ASP A 1 141 ? 9.070   9.461   14.375  1.00 62.81 ? 139 ASP A C   1 
ATOM 1159 O O   . ASP A 1 141 ? 9.757   10.129  15.152  1.00 62.81 ? 139 ASP A O   1 
ATOM 1160 C CB  . ASP A 1 141 ? 7.989   11.163  12.916  1.00 62.81 ? 139 ASP A CB  1 
ATOM 1161 C CG  . ASP A 1 141 ? 8.085   11.927  11.613  1.00 62.81 ? 139 ASP A CG  1 
ATOM 1162 O OD1 . ASP A 1 141 ? 9.152   11.885  10.967  1.00 62.81 ? 139 ASP A OD1 1 
ATOM 1163 O OD2 . ASP A 1 141 ? 7.096   12.584  11.232  1.00 62.81 ? 139 ASP A OD2 1 
ATOM 1164 N N   . LYS A 1 142 ? 8.463   8.336   14.743  1.00 62.75 ? 140 LYS A N   1 
ATOM 1165 C CA  . LYS A 1 142 ? 8.753   7.726   16.031  1.00 62.75 ? 140 LYS A CA  1 
ATOM 1166 C C   . LYS A 1 142 ? 10.029  6.904   16.001  1.00 62.75 ? 140 LYS A C   1 
ATOM 1167 O O   . LYS A 1 142 ? 10.564  6.581   17.063  1.00 62.75 ? 140 LYS A O   1 
ATOM 1168 C CB  . LYS A 1 142 ? 7.596   6.842   16.475  1.00 62.75 ? 140 LYS A CB  1 
ATOM 1169 C CG  . LYS A 1 142 ? 6.356   7.594   16.836  1.00 62.75 ? 140 LYS A CG  1 
ATOM 1170 C CD  . LYS A 1 142 ? 5.290   6.643   17.275  1.00 62.75 ? 140 LYS A CD  1 
ATOM 1171 C CE  . LYS A 1 142 ? 4.052   7.374   17.686  1.00 62.75 ? 140 LYS A CE  1 
ATOM 1172 N NZ  . LYS A 1 142 ? 3.008   6.426   18.135  1.00 62.75 ? 140 LYS A NZ  1 
ATOM 1173 N N   . LEU A 1 143 ? 10.523  6.557   14.819  1.00 64.40 ? 141 LEU A N   1 
ATOM 1174 C CA  . LEU A 1 143 ? 11.763  5.810   14.702  1.00 64.40 ? 141 LEU A CA  1 
ATOM 1175 C C   . LEU A 1 143 ? 12.980  6.702   14.518  1.00 64.40 ? 141 LEU A C   1 
ATOM 1176 O O   . LEU A 1 143 ? 14.103  6.254   14.766  1.00 64.40 ? 141 LEU A O   1 
ATOM 1177 C CB  . LEU A 1 143 ? 11.667  4.820   13.544  1.00 64.40 ? 141 LEU A CB  1 
ATOM 1178 C CG  . LEU A 1 143 ? 10.696  3.676   13.800  1.00 64.40 ? 141 LEU A CG  1 
ATOM 1179 C CD1 . LEU A 1 143 ? 10.483  2.899   12.537  1.00 64.40 ? 141 LEU A CD1 1 
ATOM 1180 C CD2 . LEU A 1 143 ? 11.277  2.782   14.859  1.00 64.40 ? 141 LEU A CD2 1 
ATOM 1181 N N   . LYS A 1 144 ? 12.791  7.942   14.082  1.00 67.19 ? 142 LYS A N   1 
ATOM 1182 C CA  . LYS A 1 144 ? 13.871  8.913   14.138  1.00 67.19 ? 142 LYS A CA  1 
ATOM 1183 C C   . LYS A 1 144 ? 13.980  9.561   15.508  1.00 67.19 ? 142 LYS A C   1 
ATOM 1184 O O   . LYS A 1 144 ? 15.015  10.158  15.820  1.00 67.19 ? 142 LYS A O   1 
ATOM 1185 C CB  . LYS A 1 144 ? 13.672  9.978   13.059  1.00 67.19 ? 142 LYS A CB  1 
ATOM 1186 C CG  . LYS A 1 144 ? 13.863  9.445   11.656  1.00 67.19 ? 142 LYS A CG  1 
ATOM 1187 C CD  . LYS A 1 144 ? 13.706  10.520  10.606  1.00 67.19 ? 142 LYS A CD  1 
ATOM 1188 C CE  . LYS A 1 144 ? 13.893  9.930   9.220   1.00 67.19 ? 142 LYS A CE  1 
ATOM 1189 N NZ  . LYS A 1 144 ? 13.715  10.929  8.132   1.00 67.19 ? 142 LYS A NZ  1 
ATOM 1190 N N   . PHE A 1 145 ? 12.933  9.450   16.319  1.00 69.96 ? 143 PHE A N   1 
ATOM 1191 C CA  . PHE A 1 145 ? 12.907  9.837   17.720  1.00 69.96 ? 143 PHE A CA  1 
ATOM 1192 C C   . PHE A 1 145 ? 13.637  8.831   18.603  1.00 69.96 ? 143 PHE A C   1 
ATOM 1193 O O   . PHE A 1 145 ? 13.997  9.160   19.738  1.00 69.96 ? 143 PHE A O   1 
ATOM 1194 C CB  . PHE A 1 145 ? 11.437  10.008  18.142  1.00 69.96 ? 143 PHE A CB  1 
ATOM 1195 C CG  . PHE A 1 145 ? 11.225  10.378  19.582  1.00 69.96 ? 143 PHE A CG  1 
ATOM 1196 C CD1 . PHE A 1 145 ? 11.599  11.618  20.060  1.00 69.96 ? 143 PHE A CD1 1 
ATOM 1197 C CD2 . PHE A 1 145 ? 10.583  9.498   20.441  1.00 69.96 ? 143 PHE A CD2 1 
ATOM 1198 C CE1 . PHE A 1 145 ? 11.382  11.957  21.387  1.00 69.96 ? 143 PHE A CE1 1 
ATOM 1199 C CE2 . PHE A 1 145 ? 10.359  9.832   21.760  1.00 69.96 ? 143 PHE A CE2 1 
ATOM 1200 C CZ  . PHE A 1 145 ? 10.758  11.060  22.234  1.00 69.96 ? 143 PHE A CZ  1 
ATOM 1201 N N   . ALA A 1 146 ? 13.914  7.631   18.087  1.00 69.94 ? 144 ALA A N   1 
ATOM 1202 C CA  . ALA A 1 146 ? 14.594  6.587   18.853  1.00 69.94 ? 144 ALA A CA  1 
ATOM 1203 C C   . ALA A 1 146 ? 15.449  5.767   17.887  1.00 69.94 ? 144 ALA A C   1 
ATOM 1204 O O   . ALA A 1 146 ? 14.965  4.815   17.277  1.00 69.94 ? 144 ALA A O   1 
ATOM 1205 C CB  . ALA A 1 146 ? 13.589  5.709   19.575  1.00 69.94 ? 144 ALA A CB  1 
ATOM 1206 N N   . LYS A 1 147 ? 16.725  6.131   17.775  1.00 72.49 ? 145 LYS A N   1 
ATOM 1207 C CA  . LYS A 1 147 ? 17.639  5.425   16.884  1.00 72.49 ? 145 LYS A CA  1 
ATOM 1208 C C   . LYS A 1 147 ? 18.628  4.540   17.628  1.00 72.49 ? 145 LYS A C   1 
ATOM 1209 O O   . LYS A 1 147 ? 18.921  3.430   17.181  1.00 72.49 ? 145 LYS A O   1 
ATOM 1210 C CB  . LYS A 1 147 ? 18.397  6.419   15.998  1.00 72.49 ? 145 LYS A CB  1 
ATOM 1211 C CG  . LYS A 1 147 ? 17.536  7.085   14.936  1.00 72.49 ? 145 LYS A CG  1 
ATOM 1212 C CD  . LYS A 1 147 ? 18.356  8.025   14.077  1.00 72.49 ? 145 LYS A CD  1 
ATOM 1213 C CE  . LYS A 1 147 ? 17.490  8.731   13.056  1.00 72.49 ? 145 LYS A CE  1 
ATOM 1214 N NZ  . LYS A 1 147 ? 18.283  9.683   12.237  1.00 72.49 ? 145 LYS A NZ  1 
ATOM 1215 N N   . ASP A 1 148 ? 19.158  5.015   18.750  1.00 77.05 ? 146 ASP A N   1 
ATOM 1216 C CA  . ASP A 1 148 ? 20.033  4.237   19.620  1.00 77.05 ? 146 ASP A CA  1 
ATOM 1217 C C   . ASP A 1 148 ? 19.363  3.958   20.960  1.00 77.05 ? 146 ASP A C   1 
ATOM 1218 O O   . ASP A 1 148 ? 19.977  4.075   22.020  1.00 77.05 ? 146 ASP A O   1 
ATOM 1219 C CB  . ASP A 1 148 ? 21.367  4.945   19.835  1.00 77.05 ? 146 ASP A CB  1 
ATOM 1220 C CG  . ASP A 1 148 ? 22.248  4.900   18.613  1.00 77.05 ? 146 ASP A CG  1 
ATOM 1221 O OD1 . ASP A 1 148 ? 22.116  3.944   17.821  1.00 77.05 ? 146 ASP A OD1 1 
ATOM 1222 O OD2 . ASP A 1 148 ? 23.083  5.813   18.454  1.00 77.05 ? 146 ASP A OD2 1 
ATOM 1223 N N   . SER A 1 149 ? 18.084  3.601   20.921  1.00 73.68 ? 147 SER A N   1 
ATOM 1224 C CA  . SER A 1 149 ? 17.286  3.393   22.125  1.00 73.68 ? 147 SER A CA  1 
ATOM 1225 C C   . SER A 1 149 ? 16.420  2.157   21.928  1.00 73.68 ? 147 SER A C   1 
ATOM 1226 O O   . SER A 1 149 ? 15.322  2.252   21.351  1.00 73.68 ? 147 SER A O   1 
ATOM 1227 C CB  . SER A 1 149 ? 16.435  4.618   22.425  1.00 73.68 ? 147 SER A CB  1 
ATOM 1228 O OG  . SER A 1 149 ? 15.665  4.435   23.595  1.00 73.68 ? 147 SER A OG  1 
ATOM 1229 N N   . PRO A 1 150 ? 16.876  0.982   22.374  1.00 71.16 ? 148 PRO A N   1 
ATOM 1230 C CA  . PRO A 1 150 ? 16.033  -0.217  22.285  1.00 71.16 ? 148 PRO A CA  1 
ATOM 1231 C C   . PRO A 1 150 ? 14.864  -0.223  23.249  1.00 71.16 ? 148 PRO A C   1 
ATOM 1232 O O   . PRO A 1 150 ? 13.961  -1.050  23.079  1.00 71.16 ? 148 PRO A O   1 
ATOM 1233 C CB  . PRO A 1 150 ? 17.008  -1.355  22.605  1.00 71.16 ? 148 PRO A CB  1 
ATOM 1234 C CG  . PRO A 1 150 ? 18.349  -0.797  22.322  1.00 71.16 ? 148 PRO A CG  1 
ATOM 1235 C CD  . PRO A 1 150 ? 18.266  0.642   22.706  1.00 71.16 ? 148 PRO A CD  1 
ATOM 1236 N N   . GLN A 1 151 ? 14.855  0.649   24.261  1.00 70.88 ? 149 GLN A N   1 
ATOM 1237 C CA  . GLN A 1 151 ? 13.733  0.700   25.191  1.00 70.88 ? 149 GLN A CA  1 
ATOM 1238 C C   . GLN A 1 151 ? 12.480  1.229   24.514  1.00 70.88 ? 149 GLN A C   1 
ATOM 1239 O O   . GLN A 1 151 ? 11.369  0.784   24.816  1.00 70.88 ? 149 GLN A O   1 
ATOM 1240 C CB  . GLN A 1 151 ? 14.074  1.571   26.399  1.00 70.88 ? 149 GLN A CB  1 
ATOM 1241 C CG  . GLN A 1 151 ? 15.136  1.022   27.329  1.00 70.88 ? 149 GLN A CG  1 
ATOM 1242 C CD  . GLN A 1 151 ? 16.544  1.341   26.885  1.00 70.88 ? 149 GLN A CD  1 
ATOM 1243 O OE1 . GLN A 1 151 ? 16.761  2.220   26.054  1.00 70.88 ? 149 GLN A OE1 1 
ATOM 1244 N NE2 . GLN A 1 151 ? 17.513  0.628   27.443  1.00 70.88 ? 149 GLN A NE2 1 
ATOM 1245 N N   . ILE A 1 152 ? 12.639  2.184   23.599  1.00 69.46 ? 150 ILE A N   1 
ATOM 1246 C CA  . ILE A 1 152 ? 11.490  2.778   22.932  1.00 69.46 ? 150 ILE A CA  1 
ATOM 1247 C C   . ILE A 1 152 ? 11.030  1.894   21.781  1.00 69.46 ? 150 ILE A C   1 
ATOM 1248 O O   . ILE A 1 152 ? 9.828   1.747   21.538  1.00 69.46 ? 150 ILE A O   1 
ATOM 1249 C CB  . ILE A 1 152 ? 11.844  4.199   22.462  1.00 69.46 ? 150 ILE A CB  1 
ATOM 1250 C CG1 . ILE A 1 152 ? 12.318  5.040   23.634  1.00 69.46 ? 150 ILE A CG1 1 
ATOM 1251 C CG2 . ILE A 1 152 ? 10.647  4.888   21.851  1.00 69.46 ? 150 ILE A CG2 1 
ATOM 1252 C CD1 . ILE A 1 152 ? 12.928  6.339   23.218  1.00 69.46 ? 150 ILE A CD1 1 
ATOM 1253 N N   . LEU A 1 153 ? 11.982  1.276   21.076  1.00 68.36 ? 151 LEU A N   1 
ATOM 1254 C CA  . LEU A 1 153 ? 11.652  0.340   20.005  1.00 68.36 ? 151 LEU A CA  1 
ATOM 1255 C C   . LEU A 1 153 ? 10.937  -0.895  20.541  1.00 68.36 ? 151 LEU A C   1 
ATOM 1256 O O   . LEU A 1 153 ? 10.130  -1.504  19.833  1.00 68.36 ? 151 LEU A O   1 
ATOM 1257 C CB  . LEU A 1 153 ? 12.930  -0.053  19.266  1.00 68.36 ? 151 LEU A CB  1 
ATOM 1258 C CG  . LEU A 1 153 ? 12.871  -0.953  18.036  1.00 68.36 ? 151 LEU A CG  1 
ATOM 1259 C CD1 . LEU A 1 153 ? 12.119  -0.261  16.948  1.00 68.36 ? 151 LEU A CD1 1 
ATOM 1260 C CD2 . LEU A 1 153 ? 14.268  -1.279  17.572  1.00 68.36 ? 151 LEU A CD2 1 
ATOM 1261 N N   . PHE A 1 154 ? 11.209  -1.265  21.791  1.00 68.89 ? 152 PHE A N   1 
ATOM 1262 C CA  . PHE A 1 154 ? 10.455  -2.324  22.445  1.00 68.89 ? 152 PHE A CA  1 
ATOM 1263 C C   . PHE A 1 154 ? 9.032   -1.881  22.753  1.00 68.89 ? 152 PHE A C   1 
ATOM 1264 O O   . PHE A 1 154 ? 8.127   -2.719  22.822  1.00 68.89 ? 152 PHE A O   1 
ATOM 1265 C CB  . PHE A 1 154 ? 11.183  -2.745  23.722  1.00 68.89 ? 152 PHE A CB  1 
ATOM 1266 C CG  . PHE A 1 154 ? 10.545  -3.891  24.453  1.00 68.89 ? 152 PHE A CG  1 
ATOM 1267 C CD1 . PHE A 1 154 ? 10.671  -5.187  23.985  1.00 68.89 ? 152 PHE A CD1 1 
ATOM 1268 C CD2 . PHE A 1 154 ? 9.849   -3.677  25.631  1.00 68.89 ? 152 PHE A CD2 1 
ATOM 1269 C CE1 . PHE A 1 154 ? 10.096  -6.242  24.668  1.00 68.89 ? 152 PHE A CE1 1 
ATOM 1270 C CE2 . PHE A 1 154 ? 9.272   -4.730  26.314  1.00 68.89 ? 152 PHE A CE2 1 
ATOM 1271 C CZ  . PHE A 1 154 ? 9.396   -6.011  25.831  1.00 68.89 ? 152 PHE A CZ  1 
ATOM 1272 N N   . MET A 1 155 ? 8.812   -0.577  22.932  1.00 68.03 ? 153 MET A N   1 
ATOM 1273 C CA  . MET A 1 155 ? 7.485   -0.046  23.211  1.00 68.03 ? 153 MET A CA  1 
ATOM 1274 C C   . MET A 1 155 ? 6.742   0.396   21.961  1.00 68.03 ? 153 MET A C   1 
ATOM 1275 O O   . MET A 1 155 ? 5.541   0.661   22.041  1.00 68.03 ? 153 MET A O   1 
ATOM 1276 C CB  . MET A 1 155 ? 7.568   1.130   24.185  1.00 68.03 ? 153 MET A CB  1 
ATOM 1277 C CG  . MET A 1 155 ? 8.039   0.745   25.576  1.00 68.03 ? 153 MET A CG  1 
ATOM 1278 S SD  . MET A 1 155 ? 7.963   2.109   26.754  1.00 68.03 ? 153 MET A SD  1 
ATOM 1279 C CE  . MET A 1 155 ? 9.337   3.117   26.219  1.00 68.03 ? 153 MET A CE  1 
ATOM 1280 N N   . LEU A 1 156 ? 7.421   0.498   20.817  1.00 65.48 ? 154 LEU A N   1 
ATOM 1281 C CA  . LEU A 1 156 ? 6.716   0.663   19.551  1.00 65.48 ? 154 LEU A CA  1 
ATOM 1282 C C   . LEU A 1 156 ? 6.221   -0.665  19.006  1.00 65.48 ? 154 LEU A C   1 
ATOM 1283 O O   . LEU A 1 156 ? 5.241   -0.693  18.258  1.00 65.48 ? 154 LEU A O   1 
ATOM 1284 C CB  . LEU A 1 156 ? 7.615   1.324   18.513  1.00 65.48 ? 154 LEU A CB  1 
ATOM 1285 C CG  . LEU A 1 156 ? 7.947   2.781   18.777  1.00 65.48 ? 154 LEU A CG  1 
ATOM 1286 C CD1 . LEU A 1 156 ? 8.923   3.296   17.752  1.00 65.48 ? 154 LEU A CD1 1 
ATOM 1287 C CD2 . LEU A 1 156 ? 6.668   3.554   18.730  1.00 65.48 ? 154 LEU A CD2 1 
ATOM 1288 N N   . ASP A 1 157 ? 6.899   -1.759  19.345  1.00 62.51 ? 155 ASP A N   1 
ATOM 1289 C CA  . ASP A 1 157 ? 6.439   -3.085  18.960  1.00 62.51 ? 155 ASP A CA  1 
ATOM 1290 C C   . ASP A 1 157 ? 5.108   -3.427  19.609  1.00 62.51 ? 155 ASP A C   1 
ATOM 1291 O O   . ASP A 1 157 ? 4.260   -4.061  18.980  1.00 62.51 ? 155 ASP A O   1 
ATOM 1292 C CB  . ASP A 1 157 ? 7.499   -4.117  19.339  1.00 62.51 ? 155 ASP A CB  1 
ATOM 1293 C CG  . ASP A 1 157 ? 7.141   -5.525  18.905  1.00 62.51 ? 155 ASP A CG  1 
ATOM 1294 O OD1 . ASP A 1 157 ? 7.238   -5.816  17.698  1.00 62.51 ? 155 ASP A OD1 1 
ATOM 1295 O OD2 . ASP A 1 157 ? 6.787   -6.354  19.770  1.00 62.51 ? 155 ASP A OD2 1 
ATOM 1296 N N   . LYS A 1 158 ? 4.894   -3.008  20.853  1.00 63.55 ? 156 LYS A N   1 
ATOM 1297 C CA  . LYS A 1 158 ? 3.660   -3.380  21.529  1.00 63.55 ? 156 LYS A CA  1 
ATOM 1298 C C   . LYS A 1 158 ? 2.500   -2.481  21.118  1.00 63.55 ? 156 LYS A C   1 
ATOM 1299 O O   . LYS A 1 158 ? 1.377   -2.959  20.934  1.00 63.55 ? 156 LYS A O   1 
ATOM 1300 C CB  . LYS A 1 158 ? 3.851   -3.346  23.044  1.00 63.55 ? 156 LYS A CB  1 
ATOM 1301 C CG  . LYS A 1 158 ? 2.631   -3.848  23.798  1.00 63.55 ? 156 LYS A CG  1 
ATOM 1302 C CD  . LYS A 1 158 ? 2.812   -3.853  25.297  1.00 63.55 ? 156 LYS A CD  1 
ATOM 1303 C CE  . LYS A 1 158 ? 1.553   -4.377  25.979  1.00 63.55 ? 156 LYS A CE  1 
ATOM 1304 N NZ  . LYS A 1 158 ? 1.698   -4.465  27.457  1.00 63.55 ? 156 LYS A NZ  1 
ATOM 1305 N N   . GLU A 1 159 ? 2.753   -1.183  20.957  1.00 64.84 ? 157 GLU A N   1 
ATOM 1306 C CA  . GLU A 1 159 ? 1.663   -0.257  20.680  1.00 64.84 ? 157 GLU A CA  1 
ATOM 1307 C C   . GLU A 1 159 ? 1.177   -0.375  19.241  1.00 64.84 ? 157 GLU A C   1 
ATOM 1308 O O   . GLU A 1 159 ? 0.009   -0.092  18.954  1.00 64.84 ? 157 GLU A O   1 
ATOM 1309 C CB  . GLU A 1 159 ? 2.103   1.166   21.007  1.00 64.84 ? 157 GLU A CB  1 
ATOM 1310 C CG  . GLU A 1 159 ? 2.314   1.376   22.507  1.00 64.84 ? 157 GLU A CG  1 
ATOM 1311 C CD  . GLU A 1 159 ? 2.758   2.782   22.871  1.00 64.84 ? 157 GLU A CD  1 
ATOM 1312 O OE1 . GLU A 1 159 ? 3.026   3.584   21.954  1.00 64.84 ? 157 GLU A OE1 1 
ATOM 1313 O OE2 . GLU A 1 159 ? 2.842   3.083   24.079  1.00 64.84 ? 157 GLU A OE2 1 
ATOM 1314 N N   . LEU A 1 160 ? 2.044   -0.810  18.326  1.00 60.47 ? 158 LEU A N   1 
ATOM 1315 C CA  . LEU A 1 160 ? 1.606   -1.120  16.971  1.00 60.47 ? 158 LEU A CA  1 
ATOM 1316 C C   . LEU A 1 160 ? 1.037   -2.519  16.831  1.00 60.47 ? 158 LEU A C   1 
ATOM 1317 O O   . LEU A 1 160 ? 0.592   -2.876  15.739  1.00 60.47 ? 158 LEU A O   1 
ATOM 1318 C CB  . LEU A 1 160 ? 2.745   -0.971  15.971  1.00 60.47 ? 158 LEU A CB  1 
ATOM 1319 C CG  . LEU A 1 160 ? 3.222   0.449   15.745  1.00 60.47 ? 158 LEU A CG  1 
ATOM 1320 C CD1 . LEU A 1 160 ? 4.281   0.438   14.690  1.00 60.47 ? 158 LEU A CD1 1 
ATOM 1321 C CD2 . LEU A 1 160 ? 2.068   1.328   15.332  1.00 60.47 ? 158 LEU A CD2 1 
ATOM 1322 N N   . SER A 1 161 ? 1.050   -3.320  17.891  1.00 61.28 ? 159 SER A N   1 
ATOM 1323 C CA  . SER A 1 161 ? 0.450   -4.643  17.836  1.00 61.28 ? 159 SER A CA  1 
ATOM 1324 C C   . SER A 1 161 ? -1.049  -4.609  18.079  1.00 61.28 ? 159 SER A C   1 
ATOM 1325 O O   . SER A 1 161 ? -1.680  -5.668  18.107  1.00 61.28 ? 159 SER A O   1 
ATOM 1326 C CB  . SER A 1 161 ? 1.118   -5.570  18.851  1.00 61.28 ? 159 SER A CB  1 
ATOM 1327 O OG  . SER A 1 161 ? 0.819   -5.173  20.174  1.00 61.28 ? 159 SER A OG  1 
ATOM 1328 N N   . ALA A 1 162 ? -1.630  -3.426  18.270  1.00 60.10 ? 160 ALA A N   1 
ATOM 1329 C CA  . ALA A 1 162 ? -3.077  -3.328  18.368  1.00 60.10 ? 160 ALA A CA  1 
ATOM 1330 C C   . ALA A 1 162 ? -3.732  -3.499  17.007  1.00 60.10 ? 160 ALA A C   1 
ATOM 1331 O O   . ALA A 1 162 ? -4.913  -3.855  16.931  1.00 60.10 ? 160 ALA A O   1 
ATOM 1332 C CB  . ALA A 1 162 ? -3.470  -1.989  18.987  1.00 60.10 ? 160 ALA A CB  1 
ATOM 1333 N N   . ARG A 1 163 ? -2.992  -3.246  15.933  1.00 56.73 ? 161 ARG A N   1 
ATOM 1334 C CA  . ARG A 1 163 ? -3.482  -3.472  14.577  1.00 56.73 ? 161 ARG A CA  1 
ATOM 1335 C C   . ARG A 1 163 ? -3.173  -4.909  14.194  1.00 56.73 ? 161 ARG A C   1 
ATOM 1336 O O   . ARG A 1 163 ? -2.075  -5.217  13.730  1.00 56.73 ? 161 ARG A O   1 
ATOM 1337 C CB  . ARG A 1 163 ? -2.833  -2.505  13.602  1.00 56.73 ? 161 ARG A CB  1 
ATOM 1338 C CG  . ARG A 1 163 ? -3.395  -2.598  12.220  1.00 56.73 ? 161 ARG A CG  1 
ATOM 1339 C CD  . ARG A 1 163 ? -2.709  -1.640  11.296  1.00 56.73 ? 161 ARG A CD  1 
ATOM 1340 N NE  . ARG A 1 163 ? -3.291  -1.689  9.967   1.00 56.73 ? 161 ARG A NE  1 
ATOM 1341 C CZ  . ARG A 1 163 ? -2.845  -0.990  8.937   1.00 56.73 ? 161 ARG A CZ  1 
ATOM 1342 N NH1 . ARG A 1 163 ? -1.801  -0.197  9.075   1.00 56.73 ? 161 ARG A NH1 1 
ATOM 1343 N NH2 . ARG A 1 163 ? -3.435  -1.092  7.767   1.00 56.73 ? 161 ARG A NH2 1 
ATOM 1344 N N   . ALA A 1 164 ? -4.131  -5.792  14.389  1.00 58.55 ? 162 ALA A N   1 
ATOM 1345 C CA  . ALA A 1 164 ? -3.937  -7.190  14.071  1.00 58.55 ? 162 ALA A CA  1 
ATOM 1346 C C   . ALA A 1 164 ? -4.708  -7.556  12.811  1.00 58.55 ? 162 ALA A C   1 
ATOM 1347 O O   . ALA A 1 164 ? -5.809  -7.038  12.593  1.00 58.55 ? 162 ALA A O   1 
ATOM 1348 C CB  . ALA A 1 164 ? -4.395  -8.085  15.226  1.00 58.55 ? 162 ALA A CB  1 
ATOM 1349 N N   . PRO A 1 165 ? -4.157  -8.423  11.961  1.00 59.18 ? 163 PRO A N   1 
ATOM 1350 C CA  . PRO A 1 165 ? -4.878  -8.825  10.745  1.00 59.18 ? 163 PRO A CA  1 
ATOM 1351 C C   . PRO A 1 165 ? -6.078  -9.706  11.068  1.00 59.18 ? 163 PRO A C   1 
ATOM 1352 O O   . PRO A 1 165 ? -5.994  -10.625 11.886  1.00 59.18 ? 163 PRO A O   1 
ATOM 1353 C CB  . PRO A 1 165 ? -3.819  -9.582  9.939   1.00 59.18 ? 163 PRO A CB  1 
ATOM 1354 C CG  . PRO A 1 165 ? -2.834  -10.042 10.953  1.00 59.18 ? 163 PRO A CG  1 
ATOM 1355 C CD  . PRO A 1 165 ? -2.796  -8.984  12.005  1.00 59.18 ? 163 PRO A CD  1 
ATOM 1356 N N   . LYS A 1 166 ? -7.203  -9.406  10.418  1.00 61.90 ? 164 LYS A N   1 
ATOM 1357 C CA  . LYS A 1 166 ? -8.450  -10.105 10.685  1.00 61.90 ? 164 LYS A CA  1 
ATOM 1358 C C   . LYS A 1 166 ? -8.612  -11.356 9.841   1.00 61.90 ? 164 LYS A C   1 
ATOM 1359 O O   . LYS A 1 166 ? -9.467  -12.189 10.149  1.00 61.90 ? 164 LYS A O   1 
ATOM 1360 C CB  . LYS A 1 166 ? -9.632  -9.170  10.438  1.00 61.90 ? 164 LYS A CB  1 
ATOM 1361 C CG  . LYS A 1 166 ? -9.683  -7.997  11.393  1.00 61.90 ? 164 LYS A CG  1 
ATOM 1362 C CD  . LYS A 1 166 ? -10.834 -7.062  11.079  1.00 61.90 ? 164 LYS A CD  1 
ATOM 1363 C CE  . LYS A 1 166 ? -10.813 -5.855  12.002  1.00 61.90 ? 164 LYS A CE  1 
ATOM 1364 N NZ  . LYS A 1 166 ? -11.909 -4.899  11.698  1.00 61.90 ? 164 LYS A NZ  1 
ATOM 1365 N N   . LEU A 1 167 ? -7.817  -11.506 8.792   1.00 60.50 ? 165 LEU A N   1 
ATOM 1366 C CA  . LEU A 1 167 ? -7.935  -12.645 7.890   1.00 60.50 ? 165 LEU A CA  1 
ATOM 1367 C C   . LEU A 1 167 ? -7.391  -13.958 8.475   1.00 60.50 ? 165 LEU A C   1 
ATOM 1368 O O   . LEU A 1 167 ? -8.010  -14.999 8.222   1.00 60.50 ? 165 LEU A O   1 
ATOM 1369 C CB  . LEU A 1 167 ? -7.273  -12.320 6.543   1.00 60.50 ? 165 LEU A CB  1 
ATOM 1370 C CG  . LEU A 1 167 ? -7.442  -13.326 5.406   1.00 60.50 ? 165 LEU A CG  1 
ATOM 1371 C CD1 . LEU A 1 167 ? -8.900  -13.408 5.017   1.00 60.50 ? 165 LEU A CD1 1 
ATOM 1372 C CD2 . LEU A 1 167 ? -6.587  -12.968 4.205   1.00 60.50 ? 165 LEU A CD2 1 
ATOM 1373 N N   . PRO A 1 168 ? -6.279  -14.004 9.231   1.00 61.78 ? 166 PRO A N   1 
ATOM 1374 C CA  . PRO A 1 168 ? -5.966  -15.258 9.940   1.00 61.78 ? 166 PRO A CA  1 
ATOM 1375 C C   . PRO A 1 168 ? -6.976  -15.656 11.002  1.00 61.78 ? 166 PRO A C   1 
ATOM 1376 O O   . PRO A 1 168 ? -7.026  -16.836 11.363  1.00 61.78 ? 166 PRO A O   1 
ATOM 1377 C CB  . PRO A 1 168 ? -4.592  -14.980 10.560  1.00 61.78 ? 166 PRO A CB  1 
ATOM 1378 C CG  . PRO A 1 168 ? -3.986  -14.032 9.660   1.00 61.78 ? 166 PRO A CG  1 
ATOM 1379 C CD  . PRO A 1 168 ? -5.081  -13.135 9.221   1.00 61.78 ? 166 PRO A CD  1 
ATOM 1380 N N   . GLY A 1 169 ? -7.785  -14.734 11.506  1.00 63.93 ? 167 GLY A N   1 
ATOM 1381 C CA  . GLY A 1 169 ? -8.866  -15.116 12.388  1.00 63.93 ? 167 GLY A CA  1 
ATOM 1382 C C   . GLY A 1 169 ? -10.007 -15.814 11.688  1.00 63.93 ? 167 GLY A C   1 
ATOM 1383 O O   . GLY A 1 169 ? -10.798 -16.504 12.338  1.00 63.93 ? 167 GLY A O   1 
ATOM 1384 N N   . LEU A 1 170 ? -10.110 -15.658 10.373  1.00 62.70 ? 168 LEU A N   1 
ATOM 1385 C CA  . LEU A 1 170 ? -11.079 -16.369 9.555   1.00 62.70 ? 168 LEU A CA  1 
ATOM 1386 C C   . LEU A 1 170 ? -10.450 -17.557 8.851   1.00 62.70 ? 168 LEU A C   1 
ATOM 1387 O O   . LEU A 1 170 ? -11.163 -18.464 8.406   1.00 62.70 ? 168 LEU A O   1 
ATOM 1388 C CB  . LEU A 1 170 ? -11.690 -15.411 8.527   1.00 62.70 ? 168 LEU A CB  1 
ATOM 1389 C CG  . LEU A 1 170 ? -12.420 -14.220 9.138   1.00 62.70 ? 168 LEU A CG  1 
ATOM 1390 C CD1 . LEU A 1 170 ? -12.907 -13.276 8.058   1.00 62.70 ? 168 LEU A CD1 1 
ATOM 1391 C CD2 . LEU A 1 170 ? -13.562 -14.685 10.017  1.00 62.70 ? 168 LEU A CD2 1 
ATOM 1392 N N   . LEU A 1 171 ? -9.128  -17.573 8.737   1.00 60.11 ? 169 LEU A N   1 
ATOM 1393 C CA  . LEU A 1 171 ? -8.413  -18.658 8.084   1.00 60.11 ? 169 LEU A CA  1 
ATOM 1394 C C   . LEU A 1 171 ? -7.434  -19.322 9.052   1.00 60.11 ? 169 LEU A C   1 
ATOM 1395 O O   . LEU A 1 171 ? -7.823  -20.132 9.894   1.00 60.11 ? 169 LEU A O   1 
ATOM 1396 C CB  . LEU A 1 171 ? -7.660  -18.152 6.849   1.00 60.11 ? 169 LEU A CB  1 
ATOM 1397 C CG  . LEU A 1 171 ? -8.344  -18.084 5.480   1.00 60.11 ? 169 LEU A CG  1 
ATOM 1398 C CD1 . LEU A 1 171 ? -8.809  -19.469 5.067   1.00 60.11 ? 169 LEU A CD1 1 
ATOM 1399 C CD2 . LEU A 1 171 ? -9.482  -17.094 5.427   1.00 60.11 ? 169 LEU A CD2 1 
# 
